data_3R56
# 
_entry.id   3R56 
# 
_audit_conform.dict_name       mmcif_pdbx.dic 
_audit_conform.dict_version    5.387 
_audit_conform.dict_location   http://mmcif.pdb.org/dictionaries/ascii/mmcif_pdbx.dic 
# 
loop_
_database_2.database_id 
_database_2.database_code 
_database_2.pdbx_database_accession 
_database_2.pdbx_DOI 
PDB   3R56         pdb_00003r56 10.2210/pdb3r56/pdb 
RCSB  RCSB064502   ?            ?                   
WWPDB D_1000064502 ?            ?                   
# 
loop_
_pdbx_audit_revision_history.ordinal 
_pdbx_audit_revision_history.data_content_type 
_pdbx_audit_revision_history.major_revision 
_pdbx_audit_revision_history.minor_revision 
_pdbx_audit_revision_history.revision_date 
1 'Structure model' 1 0 2012-03-21 
2 'Structure model' 1 1 2016-10-19 
3 'Structure model' 1 2 2024-02-21 
# 
_pdbx_audit_revision_details.ordinal             1 
_pdbx_audit_revision_details.revision_ordinal    1 
_pdbx_audit_revision_details.data_content_type   'Structure model' 
_pdbx_audit_revision_details.provider            repository 
_pdbx_audit_revision_details.type                'Initial release' 
_pdbx_audit_revision_details.description         ? 
_pdbx_audit_revision_details.details             ? 
# 
loop_
_pdbx_audit_revision_group.ordinal 
_pdbx_audit_revision_group.revision_ordinal 
_pdbx_audit_revision_group.data_content_type 
_pdbx_audit_revision_group.group 
1 2 'Structure model' 'Database references'  
2 3 'Structure model' 'Data collection'      
3 3 'Structure model' 'Database references'  
4 3 'Structure model' 'Derived calculations' 
5 3 'Structure model' 'Structure summary'    
# 
loop_
_pdbx_audit_revision_category.ordinal 
_pdbx_audit_revision_category.revision_ordinal 
_pdbx_audit_revision_category.data_content_type 
_pdbx_audit_revision_category.category 
1 3 'Structure model' chem_comp          
2 3 'Structure model' chem_comp_atom     
3 3 'Structure model' chem_comp_bond     
4 3 'Structure model' database_2         
5 3 'Structure model' struct_ref_seq_dif 
6 3 'Structure model' struct_site        
# 
loop_
_pdbx_audit_revision_item.ordinal 
_pdbx_audit_revision_item.revision_ordinal 
_pdbx_audit_revision_item.data_content_type 
_pdbx_audit_revision_item.item 
1 3 'Structure model' '_chem_comp.pdbx_synonyms'            
2 3 'Structure model' '_database_2.pdbx_DOI'                
3 3 'Structure model' '_database_2.pdbx_database_accession' 
4 3 'Structure model' '_struct_ref_seq_dif.details'         
5 3 'Structure model' '_struct_site.pdbx_auth_asym_id'      
6 3 'Structure model' '_struct_site.pdbx_auth_comp_id'      
7 3 'Structure model' '_struct_site.pdbx_auth_seq_id'       
# 
_pdbx_database_status.status_code                     REL 
_pdbx_database_status.entry_id                        3R56 
_pdbx_database_status.recvd_initial_deposition_date   2011-03-18 
_pdbx_database_status.deposit_site                    RCSB 
_pdbx_database_status.process_site                    RCSB 
_pdbx_database_status.status_code_sf                  REL 
_pdbx_database_status.status_code_mr                  ? 
_pdbx_database_status.SG_entry                        ? 
_pdbx_database_status.status_code_cs                  ? 
_pdbx_database_status.pdb_format_compatible           Y 
_pdbx_database_status.status_code_nmr_data            ? 
_pdbx_database_status.methods_development_category    ? 
# 
loop_
_pdbx_database_related.db_name 
_pdbx_database_related.db_id 
_pdbx_database_related.details 
_pdbx_database_related.content_type 
PDB 3R49 . unspecified 
PDB 3R4G . unspecified 
PDB 3R54 . unspecified 
PDB 3R57 . unspecified 
PDB 3R59 . unspecified 
PDB 3RCF . unspecified 
PDB 3RCG . unspecified 
PDB 3RCI . unspecified 
PDB 3RCK . unspecified 
PDB 3RCL . unspecified 
PDB 3RD9 . unspecified 
PDB 3RDA . unspecified 
PDB 3RDB . unspecified 
PDB 3RDC . unspecified 
PDB 3RDD . unspecified 
# 
loop_
_audit_author.name 
_audit_author.pdbx_ordinal 
'Colliandre, L.'     1 
'Ahmed-Belkacem, H.' 2 
'Bessin, Y.'         3 
'Pawlotsky, J.M.'    4 
'Guichou, J.F.'      5 
# 
_citation.id                        primary 
_citation.title                     
'Fragment-based discovery of a new family of non-peptidic small-molecule cyclophilin inhibitors with potent antiviral activities.' 
_citation.journal_abbrev            'Nat Commun' 
_citation.journal_volume            7 
_citation.page_first                12777 
_citation.page_last                 12777 
_citation.year                      2016 
_citation.journal_id_ASTM           ? 
_citation.country                   UK 
_citation.journal_id_ISSN           2041-1723 
_citation.journal_id_CSD            ? 
_citation.book_publisher            ? 
_citation.pdbx_database_id_PubMed   27652979 
_citation.pdbx_database_id_DOI      10.1038/ncomms12777 
# 
loop_
_citation_author.citation_id 
_citation_author.name 
_citation_author.ordinal 
_citation_author.identifier_ORCID 
primary 'Ahmed-Belkacem, A.' 1  ? 
primary 'Colliandre, L.'     2  ? 
primary 'Ahnou, N.'          3  ? 
primary 'Nevers, Q.'         4  ? 
primary 'Gelin, M.'          5  ? 
primary 'Bessin, Y.'         6  ? 
primary 'Brillet, R.'        7  ? 
primary 'Cala, O.'           8  ? 
primary 'Douguet, D.'        9  ? 
primary 'Bourguet, W.'       10 ? 
primary 'Krimm, I.'          11 ? 
primary 'Pawlotsky, J.M.'    12 ? 
primary 'Guichou, J.F.'      13 ? 
# 
loop_
_entity.id 
_entity.type 
_entity.src_method 
_entity.pdbx_description 
_entity.formula_weight 
_entity.pdbx_number_of_molecules 
_entity.pdbx_ec 
_entity.pdbx_mutation 
_entity.pdbx_fragment 
_entity.details 
1 polymer     man 'Peptidyl-prolyl cis-trans isomerase F, mitochondrial' 17870.400 1   5.2.1.8 K175I 'UNP residues 43-207' ? 
2 non-polymer syn 3,6,9,12,15,18-HEXAOXAICOSANE-1,20-DIOL                326.383   1   ?       ?     ?                     ? 
3 non-polymer syn 1H-indazol-6-amine                                     133.151   1   ?       ?     ?                     ? 
4 water       nat water                                                  18.015    321 ?       ?     ?                     ? 
# 
_entity_name_com.entity_id   1 
_entity_name_com.name        'Cyclophilin F, PPIase F, Rotamase F' 
# 
_entity_poly.entity_id                      1 
_entity_poly.type                           'polypeptide(L)' 
_entity_poly.nstd_linkage                   no 
_entity_poly.nstd_monomer                   no 
_entity_poly.pdbx_seq_one_letter_code       
;MSGNPLVYLDVDANGKPLGRVVLELKADVVPKTAENFRALCTGEKGFGYKGSTFHRVIPSFMCQAGDFTNHNGTGGKSIY
GSRFPDENFTLKHVGPGVLSMANAGPNTNGSQFFICTIKTDWLDGKHVVFGHVIEGMDVVKKIESFGSKSGRTSKKIVIT
DCGQLS
;
_entity_poly.pdbx_seq_one_letter_code_can   
;MSGNPLVYLDVDANGKPLGRVVLELKADVVPKTAENFRALCTGEKGFGYKGSTFHRVIPSFMCQAGDFTNHNGTGGKSIY
GSRFPDENFTLKHVGPGVLSMANAGPNTNGSQFFICTIKTDWLDGKHVVFGHVIEGMDVVKKIESFGSKSGRTSKKIVIT
DCGQLS
;
_entity_poly.pdbx_strand_id                 A 
_entity_poly.pdbx_target_identifier         ? 
# 
loop_
_pdbx_entity_nonpoly.entity_id 
_pdbx_entity_nonpoly.name 
_pdbx_entity_nonpoly.comp_id 
2 3,6,9,12,15,18-HEXAOXAICOSANE-1,20-DIOL P33 
3 1H-indazol-6-amine                      6AI 
4 water                                   HOH 
# 
loop_
_entity_poly_seq.entity_id 
_entity_poly_seq.num 
_entity_poly_seq.mon_id 
_entity_poly_seq.hetero 
1 1   MET n 
1 2   SER n 
1 3   GLY n 
1 4   ASN n 
1 5   PRO n 
1 6   LEU n 
1 7   VAL n 
1 8   TYR n 
1 9   LEU n 
1 10  ASP n 
1 11  VAL n 
1 12  ASP n 
1 13  ALA n 
1 14  ASN n 
1 15  GLY n 
1 16  LYS n 
1 17  PRO n 
1 18  LEU n 
1 19  GLY n 
1 20  ARG n 
1 21  VAL n 
1 22  VAL n 
1 23  LEU n 
1 24  GLU n 
1 25  LEU n 
1 26  LYS n 
1 27  ALA n 
1 28  ASP n 
1 29  VAL n 
1 30  VAL n 
1 31  PRO n 
1 32  LYS n 
1 33  THR n 
1 34  ALA n 
1 35  GLU n 
1 36  ASN n 
1 37  PHE n 
1 38  ARG n 
1 39  ALA n 
1 40  LEU n 
1 41  CYS n 
1 42  THR n 
1 43  GLY n 
1 44  GLU n 
1 45  LYS n 
1 46  GLY n 
1 47  PHE n 
1 48  GLY n 
1 49  TYR n 
1 50  LYS n 
1 51  GLY n 
1 52  SER n 
1 53  THR n 
1 54  PHE n 
1 55  HIS n 
1 56  ARG n 
1 57  VAL n 
1 58  ILE n 
1 59  PRO n 
1 60  SER n 
1 61  PHE n 
1 62  MET n 
1 63  CYS n 
1 64  GLN n 
1 65  ALA n 
1 66  GLY n 
1 67  ASP n 
1 68  PHE n 
1 69  THR n 
1 70  ASN n 
1 71  HIS n 
1 72  ASN n 
1 73  GLY n 
1 74  THR n 
1 75  GLY n 
1 76  GLY n 
1 77  LYS n 
1 78  SER n 
1 79  ILE n 
1 80  TYR n 
1 81  GLY n 
1 82  SER n 
1 83  ARG n 
1 84  PHE n 
1 85  PRO n 
1 86  ASP n 
1 87  GLU n 
1 88  ASN n 
1 89  PHE n 
1 90  THR n 
1 91  LEU n 
1 92  LYS n 
1 93  HIS n 
1 94  VAL n 
1 95  GLY n 
1 96  PRO n 
1 97  GLY n 
1 98  VAL n 
1 99  LEU n 
1 100 SER n 
1 101 MET n 
1 102 ALA n 
1 103 ASN n 
1 104 ALA n 
1 105 GLY n 
1 106 PRO n 
1 107 ASN n 
1 108 THR n 
1 109 ASN n 
1 110 GLY n 
1 111 SER n 
1 112 GLN n 
1 113 PHE n 
1 114 PHE n 
1 115 ILE n 
1 116 CYS n 
1 117 THR n 
1 118 ILE n 
1 119 LYS n 
1 120 THR n 
1 121 ASP n 
1 122 TRP n 
1 123 LEU n 
1 124 ASP n 
1 125 GLY n 
1 126 LYS n 
1 127 HIS n 
1 128 VAL n 
1 129 VAL n 
1 130 PHE n 
1 131 GLY n 
1 132 HIS n 
1 133 VAL n 
1 134 ILE n 
1 135 GLU n 
1 136 GLY n 
1 137 MET n 
1 138 ASP n 
1 139 VAL n 
1 140 VAL n 
1 141 LYS n 
1 142 LYS n 
1 143 ILE n 
1 144 GLU n 
1 145 SER n 
1 146 PHE n 
1 147 GLY n 
1 148 SER n 
1 149 LYS n 
1 150 SER n 
1 151 GLY n 
1 152 ARG n 
1 153 THR n 
1 154 SER n 
1 155 LYS n 
1 156 LYS n 
1 157 ILE n 
1 158 VAL n 
1 159 ILE n 
1 160 THR n 
1 161 ASP n 
1 162 CYS n 
1 163 GLY n 
1 164 GLN n 
1 165 LEU n 
1 166 SER n 
# 
_entity_src_gen.entity_id                          1 
_entity_src_gen.pdbx_src_id                        1 
_entity_src_gen.pdbx_alt_source_flag               sample 
_entity_src_gen.pdbx_seq_type                      ? 
_entity_src_gen.pdbx_beg_seq_num                   ? 
_entity_src_gen.pdbx_end_seq_num                   ? 
_entity_src_gen.gene_src_common_name               human 
_entity_src_gen.gene_src_genus                     ? 
_entity_src_gen.pdbx_gene_src_gene                 'PPIF, CYP3' 
_entity_src_gen.gene_src_species                   ? 
_entity_src_gen.gene_src_strain                    ? 
_entity_src_gen.gene_src_tissue                    ? 
_entity_src_gen.gene_src_tissue_fraction           ? 
_entity_src_gen.gene_src_details                   ? 
_entity_src_gen.pdbx_gene_src_fragment             ? 
_entity_src_gen.pdbx_gene_src_scientific_name      'Homo sapiens' 
_entity_src_gen.pdbx_gene_src_ncbi_taxonomy_id     9606 
_entity_src_gen.pdbx_gene_src_variant              ? 
_entity_src_gen.pdbx_gene_src_cell_line            ? 
_entity_src_gen.pdbx_gene_src_atcc                 ? 
_entity_src_gen.pdbx_gene_src_organ                ? 
_entity_src_gen.pdbx_gene_src_organelle            ? 
_entity_src_gen.pdbx_gene_src_cell                 ? 
_entity_src_gen.pdbx_gene_src_cellular_location    ? 
_entity_src_gen.host_org_common_name               ? 
_entity_src_gen.pdbx_host_org_scientific_name      'Escherichia coli' 
_entity_src_gen.pdbx_host_org_ncbi_taxonomy_id     562 
_entity_src_gen.host_org_genus                     ? 
_entity_src_gen.pdbx_host_org_gene                 ? 
_entity_src_gen.pdbx_host_org_organ                ? 
_entity_src_gen.host_org_species                   ? 
_entity_src_gen.pdbx_host_org_tissue               ? 
_entity_src_gen.pdbx_host_org_tissue_fraction      ? 
_entity_src_gen.pdbx_host_org_strain               ? 
_entity_src_gen.pdbx_host_org_variant              ? 
_entity_src_gen.pdbx_host_org_cell_line            ? 
_entity_src_gen.pdbx_host_org_atcc                 ? 
_entity_src_gen.pdbx_host_org_culture_collection   ? 
_entity_src_gen.pdbx_host_org_cell                 ? 
_entity_src_gen.pdbx_host_org_organelle            ? 
_entity_src_gen.pdbx_host_org_cellular_location    ? 
_entity_src_gen.pdbx_host_org_vector_type          ? 
_entity_src_gen.pdbx_host_org_vector               ? 
_entity_src_gen.host_org_details                   ? 
_entity_src_gen.expression_system_id               ? 
_entity_src_gen.plasmid_name                       ? 
_entity_src_gen.plasmid_details                    ? 
_entity_src_gen.pdbx_description                   ? 
# 
loop_
_chem_comp.id 
_chem_comp.type 
_chem_comp.mon_nstd_flag 
_chem_comp.name 
_chem_comp.pdbx_synonyms 
_chem_comp.formula 
_chem_comp.formula_weight 
6AI non-polymer         . 1H-indazol-6-amine                      ?                              'C7 H7 N3'       133.151 
ALA 'L-peptide linking' y ALANINE                                 ?                              'C3 H7 N O2'     89.093  
ARG 'L-peptide linking' y ARGININE                                ?                              'C6 H15 N4 O2 1' 175.209 
ASN 'L-peptide linking' y ASPARAGINE                              ?                              'C4 H8 N2 O3'    132.118 
ASP 'L-peptide linking' y 'ASPARTIC ACID'                         ?                              'C4 H7 N O4'     133.103 
CYS 'L-peptide linking' y CYSTEINE                                ?                              'C3 H7 N O2 S'   121.158 
GLN 'L-peptide linking' y GLUTAMINE                               ?                              'C5 H10 N2 O3'   146.144 
GLU 'L-peptide linking' y 'GLUTAMIC ACID'                         ?                              'C5 H9 N O4'     147.129 
GLY 'peptide linking'   y GLYCINE                                 ?                              'C2 H5 N O2'     75.067  
HIS 'L-peptide linking' y HISTIDINE                               ?                              'C6 H10 N3 O2 1' 156.162 
HOH non-polymer         . WATER                                   ?                              'H2 O'           18.015  
ILE 'L-peptide linking' y ISOLEUCINE                              ?                              'C6 H13 N O2'    131.173 
LEU 'L-peptide linking' y LEUCINE                                 ?                              'C6 H13 N O2'    131.173 
LYS 'L-peptide linking' y LYSINE                                  ?                              'C6 H15 N2 O2 1' 147.195 
MET 'L-peptide linking' y METHIONINE                              ?                              'C5 H11 N O2 S'  149.211 
P33 non-polymer         . 3,6,9,12,15,18-HEXAOXAICOSANE-1,20-DIOL 'HEPTAETHYLENE GLYCOL; PEG330' 'C14 H30 O8'     326.383 
PHE 'L-peptide linking' y PHENYLALANINE                           ?                              'C9 H11 N O2'    165.189 
PRO 'L-peptide linking' y PROLINE                                 ?                              'C5 H9 N O2'     115.130 
SER 'L-peptide linking' y SERINE                                  ?                              'C3 H7 N O3'     105.093 
THR 'L-peptide linking' y THREONINE                               ?                              'C4 H9 N O3'     119.119 
TRP 'L-peptide linking' y TRYPTOPHAN                              ?                              'C11 H12 N2 O2'  204.225 
TYR 'L-peptide linking' y TYROSINE                                ?                              'C9 H11 N O3'    181.189 
VAL 'L-peptide linking' y VALINE                                  ?                              'C5 H11 N O2'    117.146 
# 
loop_
_pdbx_poly_seq_scheme.asym_id 
_pdbx_poly_seq_scheme.entity_id 
_pdbx_poly_seq_scheme.seq_id 
_pdbx_poly_seq_scheme.mon_id 
_pdbx_poly_seq_scheme.ndb_seq_num 
_pdbx_poly_seq_scheme.pdb_seq_num 
_pdbx_poly_seq_scheme.auth_seq_num 
_pdbx_poly_seq_scheme.pdb_mon_id 
_pdbx_poly_seq_scheme.auth_mon_id 
_pdbx_poly_seq_scheme.pdb_strand_id 
_pdbx_poly_seq_scheme.pdb_ins_code 
_pdbx_poly_seq_scheme.hetero 
A 1 1   MET 1   42  ?   ?   ?   A . n 
A 1 2   SER 2   43  ?   ?   ?   A . n 
A 1 3   GLY 3   44  44  GLY GLY A . n 
A 1 4   ASN 4   45  45  ASN ASN A . n 
A 1 5   PRO 5   46  46  PRO PRO A . n 
A 1 6   LEU 6   47  47  LEU LEU A . n 
A 1 7   VAL 7   48  48  VAL VAL A . n 
A 1 8   TYR 8   49  49  TYR TYR A . n 
A 1 9   LEU 9   50  50  LEU LEU A . n 
A 1 10  ASP 10  51  51  ASP ASP A . n 
A 1 11  VAL 11  52  52  VAL VAL A . n 
A 1 12  ASP 12  53  53  ASP ASP A . n 
A 1 13  ALA 13  54  54  ALA ALA A . n 
A 1 14  ASN 14  55  55  ASN ASN A . n 
A 1 15  GLY 15  56  56  GLY GLY A . n 
A 1 16  LYS 16  57  57  LYS LYS A . n 
A 1 17  PRO 17  58  58  PRO PRO A . n 
A 1 18  LEU 18  59  59  LEU LEU A . n 
A 1 19  GLY 19  60  60  GLY GLY A . n 
A 1 20  ARG 20  61  61  ARG ARG A . n 
A 1 21  VAL 21  62  62  VAL VAL A . n 
A 1 22  VAL 22  63  63  VAL VAL A . n 
A 1 23  LEU 23  64  64  LEU LEU A . n 
A 1 24  GLU 24  65  65  GLU GLU A . n 
A 1 25  LEU 25  66  66  LEU LEU A . n 
A 1 26  LYS 26  67  67  LYS LYS A . n 
A 1 27  ALA 27  68  68  ALA ALA A . n 
A 1 28  ASP 28  69  69  ASP ASP A . n 
A 1 29  VAL 29  70  70  VAL VAL A . n 
A 1 30  VAL 30  71  71  VAL VAL A . n 
A 1 31  PRO 31  72  72  PRO PRO A . n 
A 1 32  LYS 32  73  73  LYS LYS A . n 
A 1 33  THR 33  74  74  THR THR A . n 
A 1 34  ALA 34  75  75  ALA ALA A . n 
A 1 35  GLU 35  76  76  GLU GLU A . n 
A 1 36  ASN 36  77  77  ASN ASN A . n 
A 1 37  PHE 37  78  78  PHE PHE A . n 
A 1 38  ARG 38  79  79  ARG ARG A . n 
A 1 39  ALA 39  80  80  ALA ALA A . n 
A 1 40  LEU 40  81  81  LEU LEU A . n 
A 1 41  CYS 41  82  82  CYS CYS A . n 
A 1 42  THR 42  83  83  THR THR A . n 
A 1 43  GLY 43  84  84  GLY GLY A . n 
A 1 44  GLU 44  85  85  GLU GLU A . n 
A 1 45  LYS 45  86  86  LYS LYS A . n 
A 1 46  GLY 46  87  87  GLY GLY A . n 
A 1 47  PHE 47  88  88  PHE PHE A . n 
A 1 48  GLY 48  89  89  GLY GLY A . n 
A 1 49  TYR 49  90  90  TYR TYR A . n 
A 1 50  LYS 50  91  91  LYS LYS A . n 
A 1 51  GLY 51  92  92  GLY GLY A . n 
A 1 52  SER 52  93  93  SER SER A . n 
A 1 53  THR 53  94  94  THR THR A . n 
A 1 54  PHE 54  95  95  PHE PHE A . n 
A 1 55  HIS 55  96  96  HIS HIS A . n 
A 1 56  ARG 56  97  97  ARG ARG A . n 
A 1 57  VAL 57  98  98  VAL VAL A . n 
A 1 58  ILE 58  99  99  ILE ILE A . n 
A 1 59  PRO 59  100 100 PRO PRO A . n 
A 1 60  SER 60  101 101 SER SER A . n 
A 1 61  PHE 61  102 102 PHE PHE A . n 
A 1 62  MET 62  103 103 MET MET A . n 
A 1 63  CYS 63  104 104 CYS CYS A . n 
A 1 64  GLN 64  105 105 GLN GLN A . n 
A 1 65  ALA 65  106 106 ALA ALA A . n 
A 1 66  GLY 66  107 107 GLY GLY A . n 
A 1 67  ASP 67  108 108 ASP ASP A . n 
A 1 68  PHE 68  109 109 PHE PHE A . n 
A 1 69  THR 69  110 110 THR THR A . n 
A 1 70  ASN 70  111 111 ASN ASN A . n 
A 1 71  HIS 71  112 112 HIS HIS A . n 
A 1 72  ASN 72  113 113 ASN ASN A . n 
A 1 73  GLY 73  114 114 GLY GLY A . n 
A 1 74  THR 74  115 115 THR THR A . n 
A 1 75  GLY 75  116 116 GLY GLY A . n 
A 1 76  GLY 76  117 117 GLY GLY A . n 
A 1 77  LYS 77  118 118 LYS LYS A . n 
A 1 78  SER 78  119 119 SER SER A . n 
A 1 79  ILE 79  120 120 ILE ILE A . n 
A 1 80  TYR 80  121 121 TYR TYR A . n 
A 1 81  GLY 81  122 122 GLY GLY A . n 
A 1 82  SER 82  123 123 SER SER A . n 
A 1 83  ARG 83  124 124 ARG ARG A . n 
A 1 84  PHE 84  125 125 PHE PHE A . n 
A 1 85  PRO 85  126 126 PRO PRO A . n 
A 1 86  ASP 86  127 127 ASP ASP A . n 
A 1 87  GLU 87  128 128 GLU GLU A . n 
A 1 88  ASN 88  129 129 ASN ASN A . n 
A 1 89  PHE 89  130 130 PHE PHE A . n 
A 1 90  THR 90  131 131 THR THR A . n 
A 1 91  LEU 91  132 132 LEU LEU A . n 
A 1 92  LYS 92  133 133 LYS LYS A . n 
A 1 93  HIS 93  134 134 HIS HIS A . n 
A 1 94  VAL 94  135 135 VAL VAL A . n 
A 1 95  GLY 95  136 136 GLY GLY A . n 
A 1 96  PRO 96  137 137 PRO PRO A . n 
A 1 97  GLY 97  138 138 GLY GLY A . n 
A 1 98  VAL 98  139 139 VAL VAL A . n 
A 1 99  LEU 99  140 140 LEU LEU A . n 
A 1 100 SER 100 141 141 SER SER A . n 
A 1 101 MET 101 142 142 MET MET A . n 
A 1 102 ALA 102 143 143 ALA ALA A . n 
A 1 103 ASN 103 144 144 ASN ASN A . n 
A 1 104 ALA 104 145 145 ALA ALA A . n 
A 1 105 GLY 105 146 146 GLY GLY A . n 
A 1 106 PRO 106 147 147 PRO PRO A . n 
A 1 107 ASN 107 148 148 ASN ASN A . n 
A 1 108 THR 108 149 149 THR THR A . n 
A 1 109 ASN 109 150 150 ASN ASN A . n 
A 1 110 GLY 110 151 151 GLY GLY A . n 
A 1 111 SER 111 152 152 SER SER A . n 
A 1 112 GLN 112 153 153 GLN GLN A . n 
A 1 113 PHE 113 154 154 PHE PHE A . n 
A 1 114 PHE 114 155 155 PHE PHE A . n 
A 1 115 ILE 115 156 156 ILE ILE A . n 
A 1 116 CYS 116 157 157 CYS CYS A . n 
A 1 117 THR 117 158 158 THR THR A . n 
A 1 118 ILE 118 159 159 ILE ILE A . n 
A 1 119 LYS 119 160 160 LYS LYS A . n 
A 1 120 THR 120 161 161 THR THR A . n 
A 1 121 ASP 121 162 162 ASP ASP A . n 
A 1 122 TRP 122 163 163 TRP TRP A . n 
A 1 123 LEU 123 164 164 LEU LEU A . n 
A 1 124 ASP 124 165 165 ASP ASP A . n 
A 1 125 GLY 125 166 166 GLY GLY A . n 
A 1 126 LYS 126 167 167 LYS LYS A . n 
A 1 127 HIS 127 168 168 HIS HIS A . n 
A 1 128 VAL 128 169 169 VAL VAL A . n 
A 1 129 VAL 129 170 170 VAL VAL A . n 
A 1 130 PHE 130 171 171 PHE PHE A . n 
A 1 131 GLY 131 172 172 GLY GLY A . n 
A 1 132 HIS 132 173 173 HIS HIS A . n 
A 1 133 VAL 133 174 174 VAL VAL A . n 
A 1 134 ILE 134 175 175 ILE ILE A . n 
A 1 135 GLU 135 176 176 GLU GLU A . n 
A 1 136 GLY 136 177 177 GLY GLY A . n 
A 1 137 MET 137 178 178 MET MET A . n 
A 1 138 ASP 138 179 179 ASP ASP A . n 
A 1 139 VAL 139 180 180 VAL VAL A . n 
A 1 140 VAL 140 181 181 VAL VAL A . n 
A 1 141 LYS 141 182 182 LYS LYS A . n 
A 1 142 LYS 142 183 183 LYS LYS A . n 
A 1 143 ILE 143 184 184 ILE ILE A . n 
A 1 144 GLU 144 185 185 GLU GLU A . n 
A 1 145 SER 145 186 186 SER SER A . n 
A 1 146 PHE 146 187 187 PHE PHE A . n 
A 1 147 GLY 147 188 188 GLY GLY A . n 
A 1 148 SER 148 189 189 SER SER A . n 
A 1 149 LYS 149 190 190 LYS LYS A . n 
A 1 150 SER 150 191 191 SER SER A . n 
A 1 151 GLY 151 192 192 GLY GLY A . n 
A 1 152 ARG 152 193 193 ARG ARG A . n 
A 1 153 THR 153 194 194 THR THR A . n 
A 1 154 SER 154 195 195 SER SER A . n 
A 1 155 LYS 155 196 196 LYS LYS A . n 
A 1 156 LYS 156 197 197 LYS LYS A . n 
A 1 157 ILE 157 198 198 ILE ILE A . n 
A 1 158 VAL 158 199 199 VAL VAL A . n 
A 1 159 ILE 159 200 200 ILE ILE A . n 
A 1 160 THR 160 201 201 THR THR A . n 
A 1 161 ASP 161 202 202 ASP ASP A . n 
A 1 162 CYS 162 203 203 CYS CYS A . n 
A 1 163 GLY 163 204 204 GLY GLY A . n 
A 1 164 GLN 164 205 205 GLN GLN A . n 
A 1 165 LEU 165 206 206 LEU LEU A . n 
A 1 166 SER 166 207 207 SER SER A . n 
# 
loop_
_pdbx_nonpoly_scheme.asym_id 
_pdbx_nonpoly_scheme.entity_id 
_pdbx_nonpoly_scheme.mon_id 
_pdbx_nonpoly_scheme.ndb_seq_num 
_pdbx_nonpoly_scheme.pdb_seq_num 
_pdbx_nonpoly_scheme.auth_seq_num 
_pdbx_nonpoly_scheme.pdb_mon_id 
_pdbx_nonpoly_scheme.auth_mon_id 
_pdbx_nonpoly_scheme.pdb_strand_id 
_pdbx_nonpoly_scheme.pdb_ins_code 
B 2 P33 1   301 1   P33 P33 A . 
C 3 6AI 1   302 1   6AI 6AI A . 
D 4 HOH 1   401 2   HOH HOH A . 
D 4 HOH 2   402 3   HOH HOH A . 
D 4 HOH 3   403 4   HOH HOH A . 
D 4 HOH 4   404 5   HOH HOH A . 
D 4 HOH 5   405 6   HOH HOH A . 
D 4 HOH 6   406 7   HOH HOH A . 
D 4 HOH 7   407 8   HOH HOH A . 
D 4 HOH 8   408 9   HOH HOH A . 
D 4 HOH 9   409 10  HOH HOH A . 
D 4 HOH 10  410 11  HOH HOH A . 
D 4 HOH 11  411 12  HOH HOH A . 
D 4 HOH 12  412 13  HOH HOH A . 
D 4 HOH 13  413 14  HOH HOH A . 
D 4 HOH 14  414 15  HOH HOH A . 
D 4 HOH 15  415 16  HOH HOH A . 
D 4 HOH 16  416 17  HOH HOH A . 
D 4 HOH 17  417 18  HOH HOH A . 
D 4 HOH 18  418 19  HOH HOH A . 
D 4 HOH 19  419 20  HOH HOH A . 
D 4 HOH 20  420 21  HOH HOH A . 
D 4 HOH 21  421 22  HOH HOH A . 
D 4 HOH 22  422 23  HOH HOH A . 
D 4 HOH 23  423 24  HOH HOH A . 
D 4 HOH 24  424 25  HOH HOH A . 
D 4 HOH 25  425 26  HOH HOH A . 
D 4 HOH 26  426 27  HOH HOH A . 
D 4 HOH 27  427 28  HOH HOH A . 
D 4 HOH 28  428 30  HOH HOH A . 
D 4 HOH 29  429 31  HOH HOH A . 
D 4 HOH 30  430 32  HOH HOH A . 
D 4 HOH 31  431 33  HOH HOH A . 
D 4 HOH 32  432 34  HOH HOH A . 
D 4 HOH 33  433 35  HOH HOH A . 
D 4 HOH 34  434 36  HOH HOH A . 
D 4 HOH 35  435 37  HOH HOH A . 
D 4 HOH 36  436 38  HOH HOH A . 
D 4 HOH 37  437 39  HOH HOH A . 
D 4 HOH 38  438 40  HOH HOH A . 
D 4 HOH 39  439 41  HOH HOH A . 
D 4 HOH 40  440 42  HOH HOH A . 
D 4 HOH 41  441 209 HOH HOH A . 
D 4 HOH 42  442 210 HOH HOH A . 
D 4 HOH 43  443 211 HOH HOH A . 
D 4 HOH 44  444 212 HOH HOH A . 
D 4 HOH 45  445 213 HOH HOH A . 
D 4 HOH 46  446 214 HOH HOH A . 
D 4 HOH 47  447 215 HOH HOH A . 
D 4 HOH 48  448 216 HOH HOH A . 
D 4 HOH 49  449 217 HOH HOH A . 
D 4 HOH 50  450 218 HOH HOH A . 
D 4 HOH 51  451 219 HOH HOH A . 
D 4 HOH 52  452 220 HOH HOH A . 
D 4 HOH 53  453 221 HOH HOH A . 
D 4 HOH 54  454 222 HOH HOH A . 
D 4 HOH 55  455 223 HOH HOH A . 
D 4 HOH 56  456 1   HOH HOH A . 
D 4 HOH 57  457 225 HOH HOH A . 
D 4 HOH 58  458 226 HOH HOH A . 
D 4 HOH 59  459 227 HOH HOH A . 
D 4 HOH 60  460 228 HOH HOH A . 
D 4 HOH 61  461 229 HOH HOH A . 
D 4 HOH 62  462 43  HOH HOH A . 
D 4 HOH 63  463 231 HOH HOH A . 
D 4 HOH 64  464 232 HOH HOH A . 
D 4 HOH 65  465 233 HOH HOH A . 
D 4 HOH 66  466 234 HOH HOH A . 
D 4 HOH 67  467 235 HOH HOH A . 
D 4 HOH 68  468 236 HOH HOH A . 
D 4 HOH 69  469 237 HOH HOH A . 
D 4 HOH 70  470 238 HOH HOH A . 
D 4 HOH 71  471 239 HOH HOH A . 
D 4 HOH 72  472 240 HOH HOH A . 
D 4 HOH 73  473 241 HOH HOH A . 
D 4 HOH 74  474 242 HOH HOH A . 
D 4 HOH 75  475 243 HOH HOH A . 
D 4 HOH 76  476 244 HOH HOH A . 
D 4 HOH 77  477 245 HOH HOH A . 
D 4 HOH 78  478 246 HOH HOH A . 
D 4 HOH 79  479 247 HOH HOH A . 
D 4 HOH 80  480 248 HOH HOH A . 
D 4 HOH 81  481 249 HOH HOH A . 
D 4 HOH 82  482 250 HOH HOH A . 
D 4 HOH 83  483 251 HOH HOH A . 
D 4 HOH 84  484 252 HOH HOH A . 
D 4 HOH 85  485 253 HOH HOH A . 
D 4 HOH 86  486 254 HOH HOH A . 
D 4 HOH 87  487 255 HOH HOH A . 
D 4 HOH 88  488 256 HOH HOH A . 
D 4 HOH 89  489 257 HOH HOH A . 
D 4 HOH 90  490 258 HOH HOH A . 
D 4 HOH 91  491 259 HOH HOH A . 
D 4 HOH 92  492 260 HOH HOH A . 
D 4 HOH 93  493 44  HOH HOH A . 
D 4 HOH 94  494 262 HOH HOH A . 
D 4 HOH 95  495 263 HOH HOH A . 
D 4 HOH 96  496 264 HOH HOH A . 
D 4 HOH 97  497 265 HOH HOH A . 
D 4 HOH 98  498 266 HOH HOH A . 
D 4 HOH 99  499 267 HOH HOH A . 
D 4 HOH 100 500 268 HOH HOH A . 
D 4 HOH 101 501 269 HOH HOH A . 
D 4 HOH 102 502 270 HOH HOH A . 
D 4 HOH 103 503 271 HOH HOH A . 
D 4 HOH 104 504 272 HOH HOH A . 
D 4 HOH 105 505 273 HOH HOH A . 
D 4 HOH 106 506 274 HOH HOH A . 
D 4 HOH 107 507 275 HOH HOH A . 
D 4 HOH 108 508 276 HOH HOH A . 
D 4 HOH 109 509 277 HOH HOH A . 
D 4 HOH 110 510 278 HOH HOH A . 
D 4 HOH 111 511 279 HOH HOH A . 
D 4 HOH 112 512 280 HOH HOH A . 
D 4 HOH 113 513 281 HOH HOH A . 
D 4 HOH 114 514 282 HOH HOH A . 
D 4 HOH 115 515 283 HOH HOH A . 
D 4 HOH 116 516 284 HOH HOH A . 
D 4 HOH 117 517 285 HOH HOH A . 
D 4 HOH 118 518 286 HOH HOH A . 
D 4 HOH 119 519 287 HOH HOH A . 
D 4 HOH 120 520 288 HOH HOH A . 
D 4 HOH 121 521 289 HOH HOH A . 
D 4 HOH 122 522 290 HOH HOH A . 
D 4 HOH 123 523 291 HOH HOH A . 
D 4 HOH 124 524 292 HOH HOH A . 
D 4 HOH 125 525 293 HOH HOH A . 
D 4 HOH 126 526 294 HOH HOH A . 
D 4 HOH 127 527 295 HOH HOH A . 
D 4 HOH 128 528 296 HOH HOH A . 
D 4 HOH 129 529 297 HOH HOH A . 
D 4 HOH 130 530 298 HOH HOH A . 
D 4 HOH 131 531 299 HOH HOH A . 
D 4 HOH 132 532 300 HOH HOH A . 
D 4 HOH 133 533 301 HOH HOH A . 
D 4 HOH 134 534 45  HOH HOH A . 
D 4 HOH 135 535 303 HOH HOH A . 
D 4 HOH 136 536 304 HOH HOH A . 
D 4 HOH 137 537 305 HOH HOH A . 
D 4 HOH 138 538 306 HOH HOH A . 
D 4 HOH 139 539 307 HOH HOH A . 
D 4 HOH 140 540 308 HOH HOH A . 
D 4 HOH 141 541 309 HOH HOH A . 
D 4 HOH 142 542 310 HOH HOH A . 
D 4 HOH 143 543 311 HOH HOH A . 
D 4 HOH 144 544 312 HOH HOH A . 
D 4 HOH 145 545 313 HOH HOH A . 
D 4 HOH 146 546 314 HOH HOH A . 
D 4 HOH 147 547 315 HOH HOH A . 
D 4 HOH 148 548 316 HOH HOH A . 
D 4 HOH 149 549 317 HOH HOH A . 
D 4 HOH 150 550 318 HOH HOH A . 
D 4 HOH 151 551 319 HOH HOH A . 
D 4 HOH 152 552 320 HOH HOH A . 
D 4 HOH 153 553 321 HOH HOH A . 
D 4 HOH 154 554 322 HOH HOH A . 
D 4 HOH 155 555 323 HOH HOH A . 
D 4 HOH 156 556 324 HOH HOH A . 
D 4 HOH 157 557 325 HOH HOH A . 
D 4 HOH 158 558 326 HOH HOH A . 
D 4 HOH 159 559 327 HOH HOH A . 
D 4 HOH 160 560 328 HOH HOH A . 
D 4 HOH 161 561 46  HOH HOH A . 
D 4 HOH 162 562 330 HOH HOH A . 
D 4 HOH 163 563 331 HOH HOH A . 
D 4 HOH 164 564 47  HOH HOH A . 
D 4 HOH 165 565 48  HOH HOH A . 
D 4 HOH 166 566 49  HOH HOH A . 
D 4 HOH 167 567 50  HOH HOH A . 
D 4 HOH 168 568 51  HOH HOH A . 
D 4 HOH 169 569 52  HOH HOH A . 
D 4 HOH 170 570 53  HOH HOH A . 
D 4 HOH 171 571 54  HOH HOH A . 
D 4 HOH 172 572 55  HOH HOH A . 
D 4 HOH 173 573 56  HOH HOH A . 
D 4 HOH 174 574 57  HOH HOH A . 
D 4 HOH 175 575 58  HOH HOH A . 
D 4 HOH 176 576 59  HOH HOH A . 
D 4 HOH 177 577 60  HOH HOH A . 
D 4 HOH 178 578 61  HOH HOH A . 
D 4 HOH 179 579 62  HOH HOH A . 
D 4 HOH 180 580 63  HOH HOH A . 
D 4 HOH 181 581 64  HOH HOH A . 
D 4 HOH 182 582 65  HOH HOH A . 
D 4 HOH 183 583 66  HOH HOH A . 
D 4 HOH 184 584 67  HOH HOH A . 
D 4 HOH 185 585 68  HOH HOH A . 
D 4 HOH 186 586 69  HOH HOH A . 
D 4 HOH 187 587 70  HOH HOH A . 
D 4 HOH 188 588 71  HOH HOH A . 
D 4 HOH 189 589 72  HOH HOH A . 
D 4 HOH 190 590 73  HOH HOH A . 
D 4 HOH 191 591 74  HOH HOH A . 
D 4 HOH 192 592 75  HOH HOH A . 
D 4 HOH 193 593 76  HOH HOH A . 
D 4 HOH 194 594 77  HOH HOH A . 
D 4 HOH 195 595 78  HOH HOH A . 
D 4 HOH 196 596 79  HOH HOH A . 
D 4 HOH 197 597 80  HOH HOH A . 
D 4 HOH 198 598 81  HOH HOH A . 
D 4 HOH 199 599 82  HOH HOH A . 
D 4 HOH 200 600 83  HOH HOH A . 
D 4 HOH 201 601 84  HOH HOH A . 
D 4 HOH 202 602 85  HOH HOH A . 
D 4 HOH 203 603 86  HOH HOH A . 
D 4 HOH 204 604 87  HOH HOH A . 
D 4 HOH 205 605 88  HOH HOH A . 
D 4 HOH 206 606 89  HOH HOH A . 
D 4 HOH 207 607 90  HOH HOH A . 
D 4 HOH 208 608 91  HOH HOH A . 
D 4 HOH 209 609 92  HOH HOH A . 
D 4 HOH 210 610 93  HOH HOH A . 
D 4 HOH 211 611 94  HOH HOH A . 
D 4 HOH 212 612 95  HOH HOH A . 
D 4 HOH 213 613 96  HOH HOH A . 
D 4 HOH 214 614 97  HOH HOH A . 
D 4 HOH 215 615 98  HOH HOH A . 
D 4 HOH 216 616 99  HOH HOH A . 
D 4 HOH 217 617 101 HOH HOH A . 
D 4 HOH 218 618 102 HOH HOH A . 
D 4 HOH 219 619 103 HOH HOH A . 
D 4 HOH 220 620 104 HOH HOH A . 
D 4 HOH 221 621 105 HOH HOH A . 
D 4 HOH 222 622 106 HOH HOH A . 
D 4 HOH 223 623 107 HOH HOH A . 
D 4 HOH 224 624 108 HOH HOH A . 
D 4 HOH 225 625 109 HOH HOH A . 
D 4 HOH 226 626 110 HOH HOH A . 
D 4 HOH 227 627 111 HOH HOH A . 
D 4 HOH 228 628 112 HOH HOH A . 
D 4 HOH 229 629 113 HOH HOH A . 
D 4 HOH 230 630 114 HOH HOH A . 
D 4 HOH 231 631 115 HOH HOH A . 
D 4 HOH 232 632 116 HOH HOH A . 
D 4 HOH 233 633 117 HOH HOH A . 
D 4 HOH 234 634 118 HOH HOH A . 
D 4 HOH 235 635 119 HOH HOH A . 
D 4 HOH 236 636 120 HOH HOH A . 
D 4 HOH 237 637 121 HOH HOH A . 
D 4 HOH 238 638 122 HOH HOH A . 
D 4 HOH 239 639 123 HOH HOH A . 
D 4 HOH 240 640 124 HOH HOH A . 
D 4 HOH 241 641 125 HOH HOH A . 
D 4 HOH 242 642 126 HOH HOH A . 
D 4 HOH 243 643 127 HOH HOH A . 
D 4 HOH 244 644 128 HOH HOH A . 
D 4 HOH 245 645 129 HOH HOH A . 
D 4 HOH 246 646 130 HOH HOH A . 
D 4 HOH 247 647 131 HOH HOH A . 
D 4 HOH 248 648 132 HOH HOH A . 
D 4 HOH 249 649 133 HOH HOH A . 
D 4 HOH 250 650 134 HOH HOH A . 
D 4 HOH 251 651 135 HOH HOH A . 
D 4 HOH 252 652 136 HOH HOH A . 
D 4 HOH 253 653 137 HOH HOH A . 
D 4 HOH 254 654 138 HOH HOH A . 
D 4 HOH 255 655 139 HOH HOH A . 
D 4 HOH 256 656 140 HOH HOH A . 
D 4 HOH 257 657 141 HOH HOH A . 
D 4 HOH 258 658 142 HOH HOH A . 
D 4 HOH 259 659 143 HOH HOH A . 
D 4 HOH 260 660 144 HOH HOH A . 
D 4 HOH 261 661 145 HOH HOH A . 
D 4 HOH 262 662 146 HOH HOH A . 
D 4 HOH 263 663 147 HOH HOH A . 
D 4 HOH 264 664 148 HOH HOH A . 
D 4 HOH 265 665 149 HOH HOH A . 
D 4 HOH 266 666 150 HOH HOH A . 
D 4 HOH 267 667 151 HOH HOH A . 
D 4 HOH 268 668 152 HOH HOH A . 
D 4 HOH 269 669 153 HOH HOH A . 
D 4 HOH 270 670 154 HOH HOH A . 
D 4 HOH 271 671 155 HOH HOH A . 
D 4 HOH 272 672 156 HOH HOH A . 
D 4 HOH 273 673 157 HOH HOH A . 
D 4 HOH 274 674 158 HOH HOH A . 
D 4 HOH 275 675 159 HOH HOH A . 
D 4 HOH 276 676 160 HOH HOH A . 
D 4 HOH 277 677 161 HOH HOH A . 
D 4 HOH 278 678 162 HOH HOH A . 
D 4 HOH 279 679 163 HOH HOH A . 
D 4 HOH 280 680 164 HOH HOH A . 
D 4 HOH 281 681 165 HOH HOH A . 
D 4 HOH 282 682 166 HOH HOH A . 
D 4 HOH 283 683 167 HOH HOH A . 
D 4 HOH 284 684 168 HOH HOH A . 
D 4 HOH 285 685 169 HOH HOH A . 
D 4 HOH 286 686 170 HOH HOH A . 
D 4 HOH 287 687 171 HOH HOH A . 
D 4 HOH 288 688 172 HOH HOH A . 
D 4 HOH 289 689 173 HOH HOH A . 
D 4 HOH 290 690 174 HOH HOH A . 
D 4 HOH 291 691 175 HOH HOH A . 
D 4 HOH 292 692 176 HOH HOH A . 
D 4 HOH 293 693 177 HOH HOH A . 
D 4 HOH 294 694 178 HOH HOH A . 
D 4 HOH 295 695 179 HOH HOH A . 
D 4 HOH 296 696 180 HOH HOH A . 
D 4 HOH 297 697 181 HOH HOH A . 
D 4 HOH 298 698 182 HOH HOH A . 
D 4 HOH 299 699 183 HOH HOH A . 
D 4 HOH 300 700 184 HOH HOH A . 
D 4 HOH 301 701 185 HOH HOH A . 
D 4 HOH 302 702 186 HOH HOH A . 
D 4 HOH 303 703 187 HOH HOH A . 
D 4 HOH 304 704 188 HOH HOH A . 
D 4 HOH 305 705 189 HOH HOH A . 
D 4 HOH 306 706 191 HOH HOH A . 
D 4 HOH 307 707 192 HOH HOH A . 
D 4 HOH 308 708 193 HOH HOH A . 
D 4 HOH 309 709 194 HOH HOH A . 
D 4 HOH 310 710 195 HOH HOH A . 
D 4 HOH 311 711 196 HOH HOH A . 
D 4 HOH 312 712 197 HOH HOH A . 
D 4 HOH 313 713 198 HOH HOH A . 
D 4 HOH 314 714 200 HOH HOH A . 
D 4 HOH 315 715 201 HOH HOH A . 
D 4 HOH 316 716 202 HOH HOH A . 
D 4 HOH 317 717 203 HOH HOH A . 
D 4 HOH 318 718 204 HOH HOH A . 
D 4 HOH 319 719 205 HOH HOH A . 
D 4 HOH 320 720 206 HOH HOH A . 
D 4 HOH 321 721 207 HOH HOH A . 
# 
loop_
_software.name 
_software.classification 
_software.version 
_software.citation_id 
_software.pdbx_ordinal 
DNA    'data collection' .        ? 1 
X-PLOR 'model building'  .        ? 2 
REFMAC refinement        5.4.0062 ? 3 
MOSFLM 'data reduction'  .        ? 4 
SCALA  'data scaling'    .        ? 5 
X-PLOR phasing           .        ? 6 
# 
_cell.entry_id           3R56 
_cell.length_a           57.030 
_cell.length_b           57.030 
_cell.length_c           86.989 
_cell.angle_alpha        90.00 
_cell.angle_beta         90.00 
_cell.angle_gamma        90.00 
_cell.Z_PDB              8 
_cell.pdbx_unique_axis   ? 
_cell.length_a_esd       ? 
_cell.length_b_esd       ? 
_cell.length_c_esd       ? 
_cell.angle_alpha_esd    ? 
_cell.angle_beta_esd     ? 
_cell.angle_gamma_esd    ? 
# 
_symmetry.entry_id                         3R56 
_symmetry.space_group_name_H-M             'P 41 21 2' 
_symmetry.pdbx_full_space_group_name_H-M   ? 
_symmetry.cell_setting                     ? 
_symmetry.Int_Tables_number                92 
_symmetry.space_group_name_Hall            ? 
# 
_exptl.entry_id          3R56 
_exptl.method            'X-RAY DIFFRACTION' 
_exptl.crystals_number   1 
# 
_exptl_crystal.id                    1 
_exptl_crystal.density_meas          ? 
_exptl_crystal.density_Matthews      1.99 
_exptl_crystal.density_percent_sol   38.30 
_exptl_crystal.description           ? 
_exptl_crystal.F_000                 ? 
_exptl_crystal.preparation           ? 
# 
_exptl_crystal_grow.crystal_id      1 
_exptl_crystal_grow.method          'VAPOR DIFFUSION, HANGING DROP' 
_exptl_crystal_grow.temp            291 
_exptl_crystal_grow.temp_details    ? 
_exptl_crystal_grow.pH              7.3 
_exptl_crystal_grow.pdbx_details    '30% PEG4000, pH 7.3, VAPOR DIFFUSION, HANGING DROP, temperature 291K' 
_exptl_crystal_grow.pdbx_pH_range   ? 
# 
_diffrn.id                     1 
_diffrn.ambient_temp           100 
_diffrn.ambient_temp_details   ? 
_diffrn.crystal_id             1 
# 
_diffrn_detector.diffrn_id              1 
_diffrn_detector.detector               CCD 
_diffrn_detector.type                   'ADSC QUANTUM 315r' 
_diffrn_detector.pdbx_collection_date   2008-04-18 
_diffrn_detector.details                ? 
# 
_diffrn_radiation.diffrn_id                        1 
_diffrn_radiation.wavelength_id                    1 
_diffrn_radiation.pdbx_monochromatic_or_laue_m_l   M 
_diffrn_radiation.monochromator                    'yale mirrors' 
_diffrn_radiation.pdbx_diffrn_protocol             'SINGLE WAVELENGTH' 
_diffrn_radiation.pdbx_scattering_type             x-ray 
# 
_diffrn_radiation_wavelength.id           1 
_diffrn_radiation_wavelength.wavelength   0.97968 
_diffrn_radiation_wavelength.wt           1.0 
# 
_diffrn_source.diffrn_id                   1 
_diffrn_source.source                      SYNCHROTRON 
_diffrn_source.type                        'ESRF BEAMLINE BM30A' 
_diffrn_source.pdbx_synchrotron_site       ESRF 
_diffrn_source.pdbx_synchrotron_beamline   BM30A 
_diffrn_source.pdbx_wavelength             0.97968 
_diffrn_source.pdbx_wavelength_list        ? 
# 
_reflns.entry_id                     3R56 
_reflns.observed_criterion_sigma_I   16.5 
_reflns.observed_criterion_sigma_F   2.7 
_reflns.d_resolution_low             25.51 
_reflns.d_resolution_high            1.40 
_reflns.number_obs                   23793 
_reflns.number_all                   25100 
_reflns.percent_possible_obs         87.8 
_reflns.pdbx_Rmerge_I_obs            ? 
_reflns.pdbx_Rsym_value              0.042 
_reflns.pdbx_netI_over_sigmaI        ? 
_reflns.B_iso_Wilson_estimate        ? 
_reflns.pdbx_redundancy              4.8 
_reflns.R_free_details               ? 
_reflns.limit_h_max                  ? 
_reflns.limit_h_min                  ? 
_reflns.limit_k_max                  ? 
_reflns.limit_k_min                  ? 
_reflns.limit_l_max                  ? 
_reflns.limit_l_min                  ? 
_reflns.observed_criterion_F_max     ? 
_reflns.observed_criterion_F_min     ? 
_reflns.pdbx_chi_squared             ? 
_reflns.pdbx_scaling_rejects         ? 
_reflns.pdbx_ordinal                 1 
_reflns.pdbx_diffrn_id               1 
# 
_reflns_shell.d_res_high             1.40 
_reflns_shell.d_res_low              1.436 
_reflns_shell.percent_possible_all   78.0 
_reflns_shell.Rmerge_I_obs           ? 
_reflns_shell.pdbx_Rsym_value        0.252 
_reflns_shell.meanI_over_sigI_obs    ? 
_reflns_shell.pdbx_redundancy        3.8 
_reflns_shell.percent_possible_obs   ? 
_reflns_shell.number_unique_all      ? 
_reflns_shell.number_measured_all    ? 
_reflns_shell.number_measured_obs    ? 
_reflns_shell.number_unique_obs      ? 
_reflns_shell.pdbx_chi_squared       ? 
_reflns_shell.pdbx_ordinal           1 
_reflns_shell.pdbx_diffrn_id         1 
# 
_refine.entry_id                                 3R56 
_refine.ls_number_reflns_obs                     23793 
_refine.ls_number_reflns_all                     25100 
_refine.pdbx_ls_sigma_I                          ? 
_refine.pdbx_ls_sigma_F                          ? 
_refine.pdbx_data_cutoff_high_absF               ? 
_refine.pdbx_data_cutoff_low_absF                ? 
_refine.pdbx_data_cutoff_high_rms_absF           ? 
_refine.ls_d_res_low                             25.51 
_refine.ls_d_res_high                            1.40 
_refine.ls_percent_reflns_obs                    86.58 
_refine.ls_R_factor_obs                          0.15926 
_refine.ls_R_factor_all                          ? 
_refine.ls_R_factor_R_work                       0.15777 
_refine.ls_R_factor_R_free                       0.18727 
_refine.ls_R_factor_R_free_error                 ? 
_refine.ls_R_factor_R_free_error_details         ? 
_refine.ls_percent_reflns_R_free                 5.1 
_refine.ls_number_reflns_R_free                  1290 
_refine.ls_number_parameters                     ? 
_refine.ls_number_restraints                     ? 
_refine.occupancy_min                            ? 
_refine.occupancy_max                            ? 
_refine.correlation_coeff_Fo_to_Fc               0.965 
_refine.correlation_coeff_Fo_to_Fc_free          0.957 
_refine.B_iso_mean                               6.578 
_refine.aniso_B[1][1]                            0.03 
_refine.aniso_B[2][2]                            0.03 
_refine.aniso_B[3][3]                            -0.07 
_refine.aniso_B[1][2]                            0.00 
_refine.aniso_B[1][3]                            0.00 
_refine.aniso_B[2][3]                            0.00 
_refine.solvent_model_details                    MASK 
_refine.solvent_model_param_ksol                 ? 
_refine.solvent_model_param_bsol                 ? 
_refine.pdbx_solvent_vdw_probe_radii             1.40 
_refine.pdbx_solvent_ion_probe_radii             0.80 
_refine.pdbx_solvent_shrinkage_radii             0.80 
_refine.pdbx_ls_cross_valid_method               THROUGHOUT 
_refine.details                                  'HYDROGENS HAVE BEEN ADDED IN THE RIDING POSITIONS' 
_refine.pdbx_starting_model                      ? 
_refine.pdbx_method_to_determine_struct          'MOLECULAR REPLACEMENT' 
_refine.pdbx_isotropic_thermal_model             ? 
_refine.pdbx_stereochemistry_target_values       'MAXIMUM LIKELIHOOD' 
_refine.pdbx_stereochem_target_val_spec_case     ? 
_refine.pdbx_R_Free_selection_details            RANDOM 
_refine.pdbx_overall_ESU_R_Free                  0.073 
_refine.overall_SU_ML                            0.038 
_refine.overall_SU_B                             0.915 
_refine.overall_SU_R_Cruickshank_DPI             ? 
_refine.ls_redundancy_reflns_obs                 ? 
_refine.B_iso_min                                ? 
_refine.B_iso_max                                ? 
_refine.overall_SU_R_free                        ? 
_refine.ls_wR_factor_R_free                      ? 
_refine.ls_wR_factor_R_work                      ? 
_refine.overall_FOM_free_R_set                   ? 
_refine.overall_FOM_work_R_set                   ? 
_refine.pdbx_overall_phase_error                 ? 
_refine.pdbx_refine_id                           'X-RAY DIFFRACTION' 
_refine.pdbx_overall_ESU_R                       0.072 
_refine.pdbx_diffrn_id                           1 
_refine.pdbx_TLS_residual_ADP_flag               ? 
_refine.pdbx_overall_SU_R_free_Cruickshank_DPI   ? 
_refine.pdbx_overall_SU_R_Blow_DPI               ? 
_refine.pdbx_overall_SU_R_free_Blow_DPI          ? 
# 
_refine_hist.pdbx_refine_id                   'X-RAY DIFFRACTION' 
_refine_hist.cycle_id                         LAST 
_refine_hist.pdbx_number_atoms_protein        1240 
_refine_hist.pdbx_number_atoms_nucleic_acid   0 
_refine_hist.pdbx_number_atoms_ligand         32 
_refine_hist.number_atoms_solvent             321 
_refine_hist.number_atoms_total               1593 
_refine_hist.d_res_high                       1.40 
_refine_hist.d_res_low                        25.51 
# 
loop_
_refine_ls_restr.type 
_refine_ls_restr.dev_ideal 
_refine_ls_restr.dev_ideal_target 
_refine_ls_restr.weight 
_refine_ls_restr.number 
_refine_ls_restr.pdbx_restraint_function 
_refine_ls_restr.pdbx_refine_id 
r_bond_refined_d       0.005  0.022  ? 1314 ? 'X-RAY DIFFRACTION' 
r_bond_other_d         0.003  0.020  ? 917  ? 'X-RAY DIFFRACTION' 
r_angle_refined_deg    0.985  1.971  ? 1764 ? 'X-RAY DIFFRACTION' 
r_angle_other_deg      0.819  3.002  ? 2235 ? 'X-RAY DIFFRACTION' 
r_dihedral_angle_1_deg 5.997  5.000  ? 165  ? 'X-RAY DIFFRACTION' 
r_dihedral_angle_2_deg 32.848 24.074 ? 54   ? 'X-RAY DIFFRACTION' 
r_dihedral_angle_3_deg 9.467  15.000 ? 219  ? 'X-RAY DIFFRACTION' 
r_dihedral_angle_4_deg 18.166 15.000 ? 6    ? 'X-RAY DIFFRACTION' 
r_chiral_restr         0.063  0.200  ? 188  ? 'X-RAY DIFFRACTION' 
r_gen_planes_refined   0.003  0.021  ? 1454 ? 'X-RAY DIFFRACTION' 
r_gen_planes_other     0.001  0.020  ? 266  ? 'X-RAY DIFFRACTION' 
r_mcbond_it            0.270  1.500  ? 809  ? 'X-RAY DIFFRACTION' 
r_mcbond_other         0.053  1.500  ? 343  ? 'X-RAY DIFFRACTION' 
r_mcangle_it           0.502  2.000  ? 1302 ? 'X-RAY DIFFRACTION' 
r_scbond_it            0.673  3.000  ? 505  ? 'X-RAY DIFFRACTION' 
r_scangle_it           1.077  4.500  ? 461  ? 'X-RAY DIFFRACTION' 
# 
_refine_ls_shell.pdbx_total_number_of_bins_used   20 
_refine_ls_shell.d_res_high                       1.400 
_refine_ls_shell.d_res_low                        1.436 
_refine_ls_shell.number_reflns_R_work             1439 
_refine_ls_shell.R_factor_R_work                  0.226 
_refine_ls_shell.percent_reflns_obs               73.41 
_refine_ls_shell.R_factor_R_free                  0.312 
_refine_ls_shell.R_factor_R_free_error            ? 
_refine_ls_shell.percent_reflns_R_free            ? 
_refine_ls_shell.number_reflns_R_free             82 
_refine_ls_shell.number_reflns_all                ? 
_refine_ls_shell.R_factor_all                     ? 
_refine_ls_shell.number_reflns_obs                ? 
_refine_ls_shell.redundancy_reflns_obs            ? 
_refine_ls_shell.pdbx_refine_id                   'X-RAY DIFFRACTION' 
# 
_struct.entry_id                  3R56 
_struct.title                     'Human Cyclophilin D Complexed with a Fragment' 
_struct.pdbx_model_details        ? 
_struct.pdbx_CASP_flag            ? 
_struct.pdbx_model_type_details   ? 
# 
_struct_keywords.entry_id        3R56 
_struct_keywords.pdbx_keywords   'ISOMERASE/ISOMERASE INHIBITOR' 
_struct_keywords.text            
'beta barrel, prolyl cis/trans isomerase, mitochondria, inhibitor, ISOMERASE-ISOMERASE INHIBITOR complex' 
# 
loop_
_struct_asym.id 
_struct_asym.pdbx_blank_PDB_chainid_flag 
_struct_asym.pdbx_modified 
_struct_asym.entity_id 
_struct_asym.details 
A N N 1 ? 
B N N 2 ? 
C N N 3 ? 
D N N 4 ? 
# 
_struct_ref.id                         1 
_struct_ref.db_name                    UNP 
_struct_ref.db_code                    PPIF_HUMAN 
_struct_ref.pdbx_db_accession          P30405 
_struct_ref.entity_id                  1 
_struct_ref.pdbx_seq_one_letter_code   
;SGNPLVYLDVDANGKPLGRVVLELKADVVPKTAENFRALCTGEKGFGYKGSTFHRVIPSFMCQAGDFTNHNGTGGKSIYG
SRFPDENFTLKHVGPGVLSMANAGPNTNGSQFFICTIKTDWLDGKHVVFGHVKEGMDVVKKIESFGSKSGRTSKKIVITD
CGQLS
;
_struct_ref.pdbx_align_begin           43 
_struct_ref.pdbx_db_isoform            ? 
# 
_struct_ref_seq.align_id                      1 
_struct_ref_seq.ref_id                        1 
_struct_ref_seq.pdbx_PDB_id_code              3R56 
_struct_ref_seq.pdbx_strand_id                A 
_struct_ref_seq.seq_align_beg                 2 
_struct_ref_seq.pdbx_seq_align_beg_ins_code   ? 
_struct_ref_seq.seq_align_end                 166 
_struct_ref_seq.pdbx_seq_align_end_ins_code   ? 
_struct_ref_seq.pdbx_db_accession             P30405 
_struct_ref_seq.db_align_beg                  43 
_struct_ref_seq.pdbx_db_align_beg_ins_code    ? 
_struct_ref_seq.db_align_end                  207 
_struct_ref_seq.pdbx_db_align_end_ins_code    ? 
_struct_ref_seq.pdbx_auth_seq_align_beg       43 
_struct_ref_seq.pdbx_auth_seq_align_end       207 
# 
loop_
_struct_ref_seq_dif.align_id 
_struct_ref_seq_dif.pdbx_pdb_id_code 
_struct_ref_seq_dif.mon_id 
_struct_ref_seq_dif.pdbx_pdb_strand_id 
_struct_ref_seq_dif.seq_num 
_struct_ref_seq_dif.pdbx_pdb_ins_code 
_struct_ref_seq_dif.pdbx_seq_db_name 
_struct_ref_seq_dif.pdbx_seq_db_accession_code 
_struct_ref_seq_dif.db_mon_id 
_struct_ref_seq_dif.pdbx_seq_db_seq_num 
_struct_ref_seq_dif.details 
_struct_ref_seq_dif.pdbx_auth_seq_num 
_struct_ref_seq_dif.pdbx_ordinal 
1 3R56 MET A 1   ? UNP P30405 ?   ?   'initiating methionine' 42  1 
1 3R56 ILE A 134 ? UNP P30405 LYS 175 'engineered mutation'   175 2 
# 
_pdbx_struct_assembly.id                   1 
_pdbx_struct_assembly.details              author_and_software_defined_assembly 
_pdbx_struct_assembly.method_details       PISA 
_pdbx_struct_assembly.oligomeric_details   monomeric 
_pdbx_struct_assembly.oligomeric_count     1 
# 
_pdbx_struct_assembly_gen.assembly_id       1 
_pdbx_struct_assembly_gen.oper_expression   1 
_pdbx_struct_assembly_gen.asym_id_list      A,B,C,D 
# 
_pdbx_struct_oper_list.id                   1 
_pdbx_struct_oper_list.type                 'identity operation' 
_pdbx_struct_oper_list.name                 1_555 
_pdbx_struct_oper_list.symmetry_operation   x,y,z 
_pdbx_struct_oper_list.matrix[1][1]         1.0000000000 
_pdbx_struct_oper_list.matrix[1][2]         0.0000000000 
_pdbx_struct_oper_list.matrix[1][3]         0.0000000000 
_pdbx_struct_oper_list.vector[1]            0.0000000000 
_pdbx_struct_oper_list.matrix[2][1]         0.0000000000 
_pdbx_struct_oper_list.matrix[2][2]         1.0000000000 
_pdbx_struct_oper_list.matrix[2][3]         0.0000000000 
_pdbx_struct_oper_list.vector[2]            0.0000000000 
_pdbx_struct_oper_list.matrix[3][1]         0.0000000000 
_pdbx_struct_oper_list.matrix[3][2]         0.0000000000 
_pdbx_struct_oper_list.matrix[3][3]         1.0000000000 
_pdbx_struct_oper_list.vector[3]            0.0000000000 
# 
_struct_biol.id        1 
_struct_biol.details   ? 
# 
loop_
_struct_conf.conf_type_id 
_struct_conf.id 
_struct_conf.pdbx_PDB_helix_id 
_struct_conf.beg_label_comp_id 
_struct_conf.beg_label_asym_id 
_struct_conf.beg_label_seq_id 
_struct_conf.pdbx_beg_PDB_ins_code 
_struct_conf.end_label_comp_id 
_struct_conf.end_label_asym_id 
_struct_conf.end_label_seq_id 
_struct_conf.pdbx_end_PDB_ins_code 
_struct_conf.beg_auth_comp_id 
_struct_conf.beg_auth_asym_id 
_struct_conf.beg_auth_seq_id 
_struct_conf.end_auth_comp_id 
_struct_conf.end_auth_asym_id 
_struct_conf.end_auth_seq_id 
_struct_conf.pdbx_PDB_helix_class 
_struct_conf.details 
_struct_conf.pdbx_PDB_helix_length 
HELX_P HELX_P1 1 VAL A 30  ? GLY A 43  ? VAL A 71  GLY A 84  1 ? 14 
HELX_P HELX_P2 2 THR A 120 ? ASP A 124 ? THR A 161 ASP A 165 5 ? 5  
HELX_P HELX_P3 3 GLY A 136 ? PHE A 146 ? GLY A 177 PHE A 187 1 ? 11 
# 
_struct_conf_type.id          HELX_P 
_struct_conf_type.criteria    ? 
_struct_conf_type.reference   ? 
# 
_struct_sheet.id               A 
_struct_sheet.type             ? 
_struct_sheet.number_strands   8 
_struct_sheet.details          ? 
# 
loop_
_struct_sheet_order.sheet_id 
_struct_sheet_order.range_id_1 
_struct_sheet_order.range_id_2 
_struct_sheet_order.offset 
_struct_sheet_order.sense 
A 1 2 ? anti-parallel 
A 2 3 ? anti-parallel 
A 3 4 ? anti-parallel 
A 4 5 ? anti-parallel 
A 5 6 ? anti-parallel 
A 6 7 ? anti-parallel 
A 7 8 ? anti-parallel 
# 
loop_
_struct_sheet_range.sheet_id 
_struct_sheet_range.id 
_struct_sheet_range.beg_label_comp_id 
_struct_sheet_range.beg_label_asym_id 
_struct_sheet_range.beg_label_seq_id 
_struct_sheet_range.pdbx_beg_PDB_ins_code 
_struct_sheet_range.end_label_comp_id 
_struct_sheet_range.end_label_asym_id 
_struct_sheet_range.end_label_seq_id 
_struct_sheet_range.pdbx_end_PDB_ins_code 
_struct_sheet_range.beg_auth_comp_id 
_struct_sheet_range.beg_auth_asym_id 
_struct_sheet_range.beg_auth_seq_id 
_struct_sheet_range.end_auth_comp_id 
_struct_sheet_range.end_auth_asym_id 
_struct_sheet_range.end_auth_seq_id 
A 1 PHE A 54  ? ILE A 58  ? PHE A 95  ILE A 99  
A 2 MET A 62  ? ALA A 65  ? MET A 103 ALA A 106 
A 3 PHE A 113 ? CYS A 116 ? PHE A 154 CYS A 157 
A 4 VAL A 98  ? MET A 101 ? VAL A 139 MET A 142 
A 5 VAL A 129 ? GLU A 135 ? VAL A 170 GLU A 176 
A 6 LYS A 16  ? LEU A 25  ? LYS A 57  LEU A 66  
A 7 LEU A 6   ? ALA A 13  ? LEU A 47  ALA A 54  
A 8 ILE A 157 ? GLN A 164 ? ILE A 198 GLN A 205 
# 
loop_
_pdbx_struct_sheet_hbond.sheet_id 
_pdbx_struct_sheet_hbond.range_id_1 
_pdbx_struct_sheet_hbond.range_id_2 
_pdbx_struct_sheet_hbond.range_1_label_atom_id 
_pdbx_struct_sheet_hbond.range_1_label_comp_id 
_pdbx_struct_sheet_hbond.range_1_label_asym_id 
_pdbx_struct_sheet_hbond.range_1_label_seq_id 
_pdbx_struct_sheet_hbond.range_1_PDB_ins_code 
_pdbx_struct_sheet_hbond.range_1_auth_atom_id 
_pdbx_struct_sheet_hbond.range_1_auth_comp_id 
_pdbx_struct_sheet_hbond.range_1_auth_asym_id 
_pdbx_struct_sheet_hbond.range_1_auth_seq_id 
_pdbx_struct_sheet_hbond.range_2_label_atom_id 
_pdbx_struct_sheet_hbond.range_2_label_comp_id 
_pdbx_struct_sheet_hbond.range_2_label_asym_id 
_pdbx_struct_sheet_hbond.range_2_label_seq_id 
_pdbx_struct_sheet_hbond.range_2_PDB_ins_code 
_pdbx_struct_sheet_hbond.range_2_auth_atom_id 
_pdbx_struct_sheet_hbond.range_2_auth_comp_id 
_pdbx_struct_sheet_hbond.range_2_auth_asym_id 
_pdbx_struct_sheet_hbond.range_2_auth_seq_id 
A 1 2 N ARG A 56  ? N ARG A 97  O GLN A 64  ? O GLN A 105 
A 2 3 N ALA A 65  ? N ALA A 106 O PHE A 113 ? O PHE A 154 
A 3 4 O PHE A 114 ? O PHE A 155 N SER A 100 ? N SER A 141 
A 4 5 N LEU A 99  ? N LEU A 140 O GLY A 131 ? O GLY A 172 
A 5 6 O ILE A 134 ? O ILE A 175 N VAL A 22  ? N VAL A 63  
A 6 7 O LEU A 18  ? O LEU A 59  N VAL A 11  ? N VAL A 52  
A 7 8 N ASP A 10  ? N ASP A 51  O ASP A 161 ? O ASP A 202 
# 
loop_
_struct_site.id 
_struct_site.pdbx_evidence_code 
_struct_site.pdbx_auth_asym_id 
_struct_site.pdbx_auth_comp_id 
_struct_site.pdbx_auth_seq_id 
_struct_site.pdbx_auth_ins_code 
_struct_site.pdbx_num_residues 
_struct_site.details 
AC1 Software A P33 301 ? 10 'BINDING SITE FOR RESIDUE P33 A 301' 
AC2 Software A 6AI 302 ? 12 'BINDING SITE FOR RESIDUE 6AI A 302' 
# 
loop_
_struct_site_gen.id 
_struct_site_gen.site_id 
_struct_site_gen.pdbx_num_res 
_struct_site_gen.label_comp_id 
_struct_site_gen.label_asym_id 
_struct_site_gen.label_seq_id 
_struct_site_gen.pdbx_auth_ins_code 
_struct_site_gen.auth_comp_id 
_struct_site_gen.auth_asym_id 
_struct_site_gen.auth_seq_id 
_struct_site_gen.label_atom_id 
_struct_site_gen.label_alt_id 
_struct_site_gen.symmetry 
_struct_site_gen.details 
1  AC1 10 ILE A 79  ? ILE A 120 . ? 6_555 ? 
2  AC1 10 VAL A 94  ? VAL A 135 . ? 1_555 ? 
3  AC1 10 PRO A 96  ? PRO A 137 . ? 1_555 ? 
4  AC1 10 HIS A 132 ? HIS A 173 . ? 1_555 ? 
5  AC1 10 HOH D .   ? HOH A 470 . ? 1_555 ? 
6  AC1 10 HOH D .   ? HOH A 473 . ? 1_555 ? 
7  AC1 10 HOH D .   ? HOH A 479 . ? 1_555 ? 
8  AC1 10 HOH D .   ? HOH A 501 . ? 1_555 ? 
9  AC1 10 HOH D .   ? HOH A 530 . ? 6_555 ? 
10 AC1 10 HOH D .   ? HOH A 543 . ? 1_555 ? 
11 AC2 12 GLY A 73  ? GLY A 114 . ? 1_555 ? 
12 AC2 12 ARG A 83  ? ARG A 124 . ? 1_555 ? 
13 AC2 12 THR A 90  ? THR A 131 . ? 4_454 ? 
14 AC2 12 ALA A 102 ? ALA A 143 . ? 1_555 ? 
15 AC2 12 ASN A 103 ? ASN A 144 . ? 1_555 ? 
16 AC2 12 THR A 108 ? THR A 149 . ? 1_555 ? 
17 AC2 12 GLY A 110 ? GLY A 151 . ? 1_555 ? 
18 AC2 12 GLN A 112 ? GLN A 153 . ? 1_555 ? 
19 AC2 12 HOH D .   ? HOH A 490 . ? 4_454 ? 
20 AC2 12 HOH D .   ? HOH A 617 . ? 1_555 ? 
21 AC2 12 HOH D .   ? HOH A 632 . ? 4_454 ? 
22 AC2 12 HOH D .   ? HOH A 642 . ? 1_555 ? 
# 
loop_
_pdbx_validate_torsion.id 
_pdbx_validate_torsion.PDB_model_num 
_pdbx_validate_torsion.auth_comp_id 
_pdbx_validate_torsion.auth_asym_id 
_pdbx_validate_torsion.auth_seq_id 
_pdbx_validate_torsion.PDB_ins_code 
_pdbx_validate_torsion.label_alt_id 
_pdbx_validate_torsion.phi 
_pdbx_validate_torsion.psi 
1 1 PHE A 102 ? ? -143.59 -78.16 
2 1 THR A 161 ? ? -116.44 66.35  
# 
_pdbx_struct_special_symmetry.id              1 
_pdbx_struct_special_symmetry.PDB_model_num   1 
_pdbx_struct_special_symmetry.auth_asym_id    A 
_pdbx_struct_special_symmetry.auth_comp_id    HOH 
_pdbx_struct_special_symmetry.auth_seq_id     698 
_pdbx_struct_special_symmetry.PDB_ins_code    ? 
_pdbx_struct_special_symmetry.label_asym_id   D 
_pdbx_struct_special_symmetry.label_comp_id   HOH 
_pdbx_struct_special_symmetry.label_seq_id    . 
# 
loop_
_pdbx_unobs_or_zero_occ_residues.id 
_pdbx_unobs_or_zero_occ_residues.PDB_model_num 
_pdbx_unobs_or_zero_occ_residues.polymer_flag 
_pdbx_unobs_or_zero_occ_residues.occupancy_flag 
_pdbx_unobs_or_zero_occ_residues.auth_asym_id 
_pdbx_unobs_or_zero_occ_residues.auth_comp_id 
_pdbx_unobs_or_zero_occ_residues.auth_seq_id 
_pdbx_unobs_or_zero_occ_residues.PDB_ins_code 
_pdbx_unobs_or_zero_occ_residues.label_asym_id 
_pdbx_unobs_or_zero_occ_residues.label_comp_id 
_pdbx_unobs_or_zero_occ_residues.label_seq_id 
1 1 Y 1 A MET 42 ? A MET 1 
2 1 Y 1 A SER 43 ? A SER 2 
# 
loop_
_chem_comp_atom.comp_id 
_chem_comp_atom.atom_id 
_chem_comp_atom.type_symbol 
_chem_comp_atom.pdbx_aromatic_flag 
_chem_comp_atom.pdbx_stereo_config 
_chem_comp_atom.pdbx_ordinal 
6AI NAA  N N N 1   
6AI CAB  C Y N 2   
6AI CAC  C Y N 3   
6AI CAD  C Y N 4   
6AI CAE  C Y N 5   
6AI NAF  N Y N 6   
6AI NAG  N Y N 7   
6AI CAH  C Y N 8   
6AI CAI  C Y N 9   
6AI CAJ  C Y N 10  
6AI HNAA H N N 11  
6AI HNAB H N N 12  
6AI HAB  H N N 13  
6AI HAC  H N N 14  
6AI HAD  H N N 15  
6AI HAE  H N N 16  
6AI HNAG H N N 17  
ALA N    N N N 18  
ALA CA   C N S 19  
ALA C    C N N 20  
ALA O    O N N 21  
ALA CB   C N N 22  
ALA OXT  O N N 23  
ALA H    H N N 24  
ALA H2   H N N 25  
ALA HA   H N N 26  
ALA HB1  H N N 27  
ALA HB2  H N N 28  
ALA HB3  H N N 29  
ALA HXT  H N N 30  
ARG N    N N N 31  
ARG CA   C N S 32  
ARG C    C N N 33  
ARG O    O N N 34  
ARG CB   C N N 35  
ARG CG   C N N 36  
ARG CD   C N N 37  
ARG NE   N N N 38  
ARG CZ   C N N 39  
ARG NH1  N N N 40  
ARG NH2  N N N 41  
ARG OXT  O N N 42  
ARG H    H N N 43  
ARG H2   H N N 44  
ARG HA   H N N 45  
ARG HB2  H N N 46  
ARG HB3  H N N 47  
ARG HG2  H N N 48  
ARG HG3  H N N 49  
ARG HD2  H N N 50  
ARG HD3  H N N 51  
ARG HE   H N N 52  
ARG HH11 H N N 53  
ARG HH12 H N N 54  
ARG HH21 H N N 55  
ARG HH22 H N N 56  
ARG HXT  H N N 57  
ASN N    N N N 58  
ASN CA   C N S 59  
ASN C    C N N 60  
ASN O    O N N 61  
ASN CB   C N N 62  
ASN CG   C N N 63  
ASN OD1  O N N 64  
ASN ND2  N N N 65  
ASN OXT  O N N 66  
ASN H    H N N 67  
ASN H2   H N N 68  
ASN HA   H N N 69  
ASN HB2  H N N 70  
ASN HB3  H N N 71  
ASN HD21 H N N 72  
ASN HD22 H N N 73  
ASN HXT  H N N 74  
ASP N    N N N 75  
ASP CA   C N S 76  
ASP C    C N N 77  
ASP O    O N N 78  
ASP CB   C N N 79  
ASP CG   C N N 80  
ASP OD1  O N N 81  
ASP OD2  O N N 82  
ASP OXT  O N N 83  
ASP H    H N N 84  
ASP H2   H N N 85  
ASP HA   H N N 86  
ASP HB2  H N N 87  
ASP HB3  H N N 88  
ASP HD2  H N N 89  
ASP HXT  H N N 90  
CYS N    N N N 91  
CYS CA   C N R 92  
CYS C    C N N 93  
CYS O    O N N 94  
CYS CB   C N N 95  
CYS SG   S N N 96  
CYS OXT  O N N 97  
CYS H    H N N 98  
CYS H2   H N N 99  
CYS HA   H N N 100 
CYS HB2  H N N 101 
CYS HB3  H N N 102 
CYS HG   H N N 103 
CYS HXT  H N N 104 
GLN N    N N N 105 
GLN CA   C N S 106 
GLN C    C N N 107 
GLN O    O N N 108 
GLN CB   C N N 109 
GLN CG   C N N 110 
GLN CD   C N N 111 
GLN OE1  O N N 112 
GLN NE2  N N N 113 
GLN OXT  O N N 114 
GLN H    H N N 115 
GLN H2   H N N 116 
GLN HA   H N N 117 
GLN HB2  H N N 118 
GLN HB3  H N N 119 
GLN HG2  H N N 120 
GLN HG3  H N N 121 
GLN HE21 H N N 122 
GLN HE22 H N N 123 
GLN HXT  H N N 124 
GLU N    N N N 125 
GLU CA   C N S 126 
GLU C    C N N 127 
GLU O    O N N 128 
GLU CB   C N N 129 
GLU CG   C N N 130 
GLU CD   C N N 131 
GLU OE1  O N N 132 
GLU OE2  O N N 133 
GLU OXT  O N N 134 
GLU H    H N N 135 
GLU H2   H N N 136 
GLU HA   H N N 137 
GLU HB2  H N N 138 
GLU HB3  H N N 139 
GLU HG2  H N N 140 
GLU HG3  H N N 141 
GLU HE2  H N N 142 
GLU HXT  H N N 143 
GLY N    N N N 144 
GLY CA   C N N 145 
GLY C    C N N 146 
GLY O    O N N 147 
GLY OXT  O N N 148 
GLY H    H N N 149 
GLY H2   H N N 150 
GLY HA2  H N N 151 
GLY HA3  H N N 152 
GLY HXT  H N N 153 
HIS N    N N N 154 
HIS CA   C N S 155 
HIS C    C N N 156 
HIS O    O N N 157 
HIS CB   C N N 158 
HIS CG   C Y N 159 
HIS ND1  N Y N 160 
HIS CD2  C Y N 161 
HIS CE1  C Y N 162 
HIS NE2  N Y N 163 
HIS OXT  O N N 164 
HIS H    H N N 165 
HIS H2   H N N 166 
HIS HA   H N N 167 
HIS HB2  H N N 168 
HIS HB3  H N N 169 
HIS HD1  H N N 170 
HIS HD2  H N N 171 
HIS HE1  H N N 172 
HIS HE2  H N N 173 
HIS HXT  H N N 174 
HOH O    O N N 175 
HOH H1   H N N 176 
HOH H2   H N N 177 
ILE N    N N N 178 
ILE CA   C N S 179 
ILE C    C N N 180 
ILE O    O N N 181 
ILE CB   C N S 182 
ILE CG1  C N N 183 
ILE CG2  C N N 184 
ILE CD1  C N N 185 
ILE OXT  O N N 186 
ILE H    H N N 187 
ILE H2   H N N 188 
ILE HA   H N N 189 
ILE HB   H N N 190 
ILE HG12 H N N 191 
ILE HG13 H N N 192 
ILE HG21 H N N 193 
ILE HG22 H N N 194 
ILE HG23 H N N 195 
ILE HD11 H N N 196 
ILE HD12 H N N 197 
ILE HD13 H N N 198 
ILE HXT  H N N 199 
LEU N    N N N 200 
LEU CA   C N S 201 
LEU C    C N N 202 
LEU O    O N N 203 
LEU CB   C N N 204 
LEU CG   C N N 205 
LEU CD1  C N N 206 
LEU CD2  C N N 207 
LEU OXT  O N N 208 
LEU H    H N N 209 
LEU H2   H N N 210 
LEU HA   H N N 211 
LEU HB2  H N N 212 
LEU HB3  H N N 213 
LEU HG   H N N 214 
LEU HD11 H N N 215 
LEU HD12 H N N 216 
LEU HD13 H N N 217 
LEU HD21 H N N 218 
LEU HD22 H N N 219 
LEU HD23 H N N 220 
LEU HXT  H N N 221 
LYS N    N N N 222 
LYS CA   C N S 223 
LYS C    C N N 224 
LYS O    O N N 225 
LYS CB   C N N 226 
LYS CG   C N N 227 
LYS CD   C N N 228 
LYS CE   C N N 229 
LYS NZ   N N N 230 
LYS OXT  O N N 231 
LYS H    H N N 232 
LYS H2   H N N 233 
LYS HA   H N N 234 
LYS HB2  H N N 235 
LYS HB3  H N N 236 
LYS HG2  H N N 237 
LYS HG3  H N N 238 
LYS HD2  H N N 239 
LYS HD3  H N N 240 
LYS HE2  H N N 241 
LYS HE3  H N N 242 
LYS HZ1  H N N 243 
LYS HZ2  H N N 244 
LYS HZ3  H N N 245 
LYS HXT  H N N 246 
MET N    N N N 247 
MET CA   C N S 248 
MET C    C N N 249 
MET O    O N N 250 
MET CB   C N N 251 
MET CG   C N N 252 
MET SD   S N N 253 
MET CE   C N N 254 
MET OXT  O N N 255 
MET H    H N N 256 
MET H2   H N N 257 
MET HA   H N N 258 
MET HB2  H N N 259 
MET HB3  H N N 260 
MET HG2  H N N 261 
MET HG3  H N N 262 
MET HE1  H N N 263 
MET HE2  H N N 264 
MET HE3  H N N 265 
MET HXT  H N N 266 
P33 O22  O N N 267 
P33 C21  C N N 268 
P33 C20  C N N 269 
P33 O19  O N N 270 
P33 C18  C N N 271 
P33 C17  C N N 272 
P33 O16  O N N 273 
P33 C15  C N N 274 
P33 C14  C N N 275 
P33 O13  O N N 276 
P33 C12  C N N 277 
P33 C11  C N N 278 
P33 O10  O N N 279 
P33 C9   C N N 280 
P33 C8   C N N 281 
P33 O7   O N N 282 
P33 C6   C N N 283 
P33 C5   C N N 284 
P33 O4   O N N 285 
P33 C3   C N N 286 
P33 C2   C N N 287 
P33 O1   O N N 288 
P33 H22  H N N 289 
P33 H211 H N N 290 
P33 H212 H N N 291 
P33 H201 H N N 292 
P33 H202 H N N 293 
P33 H181 H N N 294 
P33 H182 H N N 295 
P33 H171 H N N 296 
P33 H172 H N N 297 
P33 H151 H N N 298 
P33 H152 H N N 299 
P33 H141 H N N 300 
P33 H142 H N N 301 
P33 H121 H N N 302 
P33 H122 H N N 303 
P33 H111 H N N 304 
P33 H112 H N N 305 
P33 H91  H N N 306 
P33 H92  H N N 307 
P33 H81  H N N 308 
P33 H82  H N N 309 
P33 H61  H N N 310 
P33 H62  H N N 311 
P33 H51  H N N 312 
P33 H52  H N N 313 
P33 H31  H N N 314 
P33 H32  H N N 315 
P33 H21  H N N 316 
P33 H22A H N N 317 
P33 HO1  H N N 318 
PHE N    N N N 319 
PHE CA   C N S 320 
PHE C    C N N 321 
PHE O    O N N 322 
PHE CB   C N N 323 
PHE CG   C Y N 324 
PHE CD1  C Y N 325 
PHE CD2  C Y N 326 
PHE CE1  C Y N 327 
PHE CE2  C Y N 328 
PHE CZ   C Y N 329 
PHE OXT  O N N 330 
PHE H    H N N 331 
PHE H2   H N N 332 
PHE HA   H N N 333 
PHE HB2  H N N 334 
PHE HB3  H N N 335 
PHE HD1  H N N 336 
PHE HD2  H N N 337 
PHE HE1  H N N 338 
PHE HE2  H N N 339 
PHE HZ   H N N 340 
PHE HXT  H N N 341 
PRO N    N N N 342 
PRO CA   C N S 343 
PRO C    C N N 344 
PRO O    O N N 345 
PRO CB   C N N 346 
PRO CG   C N N 347 
PRO CD   C N N 348 
PRO OXT  O N N 349 
PRO H    H N N 350 
PRO HA   H N N 351 
PRO HB2  H N N 352 
PRO HB3  H N N 353 
PRO HG2  H N N 354 
PRO HG3  H N N 355 
PRO HD2  H N N 356 
PRO HD3  H N N 357 
PRO HXT  H N N 358 
SER N    N N N 359 
SER CA   C N S 360 
SER C    C N N 361 
SER O    O N N 362 
SER CB   C N N 363 
SER OG   O N N 364 
SER OXT  O N N 365 
SER H    H N N 366 
SER H2   H N N 367 
SER HA   H N N 368 
SER HB2  H N N 369 
SER HB3  H N N 370 
SER HG   H N N 371 
SER HXT  H N N 372 
THR N    N N N 373 
THR CA   C N S 374 
THR C    C N N 375 
THR O    O N N 376 
THR CB   C N R 377 
THR OG1  O N N 378 
THR CG2  C N N 379 
THR OXT  O N N 380 
THR H    H N N 381 
THR H2   H N N 382 
THR HA   H N N 383 
THR HB   H N N 384 
THR HG1  H N N 385 
THR HG21 H N N 386 
THR HG22 H N N 387 
THR HG23 H N N 388 
THR HXT  H N N 389 
TRP N    N N N 390 
TRP CA   C N S 391 
TRP C    C N N 392 
TRP O    O N N 393 
TRP CB   C N N 394 
TRP CG   C Y N 395 
TRP CD1  C Y N 396 
TRP CD2  C Y N 397 
TRP NE1  N Y N 398 
TRP CE2  C Y N 399 
TRP CE3  C Y N 400 
TRP CZ2  C Y N 401 
TRP CZ3  C Y N 402 
TRP CH2  C Y N 403 
TRP OXT  O N N 404 
TRP H    H N N 405 
TRP H2   H N N 406 
TRP HA   H N N 407 
TRP HB2  H N N 408 
TRP HB3  H N N 409 
TRP HD1  H N N 410 
TRP HE1  H N N 411 
TRP HE3  H N N 412 
TRP HZ2  H N N 413 
TRP HZ3  H N N 414 
TRP HH2  H N N 415 
TRP HXT  H N N 416 
TYR N    N N N 417 
TYR CA   C N S 418 
TYR C    C N N 419 
TYR O    O N N 420 
TYR CB   C N N 421 
TYR CG   C Y N 422 
TYR CD1  C Y N 423 
TYR CD2  C Y N 424 
TYR CE1  C Y N 425 
TYR CE2  C Y N 426 
TYR CZ   C Y N 427 
TYR OH   O N N 428 
TYR OXT  O N N 429 
TYR H    H N N 430 
TYR H2   H N N 431 
TYR HA   H N N 432 
TYR HB2  H N N 433 
TYR HB3  H N N 434 
TYR HD1  H N N 435 
TYR HD2  H N N 436 
TYR HE1  H N N 437 
TYR HE2  H N N 438 
TYR HH   H N N 439 
TYR HXT  H N N 440 
VAL N    N N N 441 
VAL CA   C N S 442 
VAL C    C N N 443 
VAL O    O N N 444 
VAL CB   C N N 445 
VAL CG1  C N N 446 
VAL CG2  C N N 447 
VAL OXT  O N N 448 
VAL H    H N N 449 
VAL H2   H N N 450 
VAL HA   H N N 451 
VAL HB   H N N 452 
VAL HG11 H N N 453 
VAL HG12 H N N 454 
VAL HG13 H N N 455 
VAL HG21 H N N 456 
VAL HG22 H N N 457 
VAL HG23 H N N 458 
VAL HXT  H N N 459 
# 
loop_
_chem_comp_bond.comp_id 
_chem_comp_bond.atom_id_1 
_chem_comp_bond.atom_id_2 
_chem_comp_bond.value_order 
_chem_comp_bond.pdbx_aromatic_flag 
_chem_comp_bond.pdbx_stereo_config 
_chem_comp_bond.pdbx_ordinal 
6AI NAA CAH  sing N N 1   
6AI CAB CAC  doub Y N 2   
6AI CAB CAH  sing Y N 3   
6AI CAC CAI  sing Y N 4   
6AI CAD NAF  doub Y N 5   
6AI CAD CAI  sing Y N 6   
6AI CAE CAH  doub Y N 7   
6AI CAE CAJ  sing Y N 8   
6AI NAF NAG  sing Y N 9   
6AI NAG CAJ  sing Y N 10  
6AI CAI CAJ  doub Y N 11  
6AI NAA HNAA sing N N 12  
6AI NAA HNAB sing N N 13  
6AI CAB HAB  sing N N 14  
6AI CAC HAC  sing N N 15  
6AI CAD HAD  sing N N 16  
6AI CAE HAE  sing N N 17  
6AI NAG HNAG sing N N 18  
ALA N   CA   sing N N 19  
ALA N   H    sing N N 20  
ALA N   H2   sing N N 21  
ALA CA  C    sing N N 22  
ALA CA  CB   sing N N 23  
ALA CA  HA   sing N N 24  
ALA C   O    doub N N 25  
ALA C   OXT  sing N N 26  
ALA CB  HB1  sing N N 27  
ALA CB  HB2  sing N N 28  
ALA CB  HB3  sing N N 29  
ALA OXT HXT  sing N N 30  
ARG N   CA   sing N N 31  
ARG N   H    sing N N 32  
ARG N   H2   sing N N 33  
ARG CA  C    sing N N 34  
ARG CA  CB   sing N N 35  
ARG CA  HA   sing N N 36  
ARG C   O    doub N N 37  
ARG C   OXT  sing N N 38  
ARG CB  CG   sing N N 39  
ARG CB  HB2  sing N N 40  
ARG CB  HB3  sing N N 41  
ARG CG  CD   sing N N 42  
ARG CG  HG2  sing N N 43  
ARG CG  HG3  sing N N 44  
ARG CD  NE   sing N N 45  
ARG CD  HD2  sing N N 46  
ARG CD  HD3  sing N N 47  
ARG NE  CZ   sing N N 48  
ARG NE  HE   sing N N 49  
ARG CZ  NH1  sing N N 50  
ARG CZ  NH2  doub N N 51  
ARG NH1 HH11 sing N N 52  
ARG NH1 HH12 sing N N 53  
ARG NH2 HH21 sing N N 54  
ARG NH2 HH22 sing N N 55  
ARG OXT HXT  sing N N 56  
ASN N   CA   sing N N 57  
ASN N   H    sing N N 58  
ASN N   H2   sing N N 59  
ASN CA  C    sing N N 60  
ASN CA  CB   sing N N 61  
ASN CA  HA   sing N N 62  
ASN C   O    doub N N 63  
ASN C   OXT  sing N N 64  
ASN CB  CG   sing N N 65  
ASN CB  HB2  sing N N 66  
ASN CB  HB3  sing N N 67  
ASN CG  OD1  doub N N 68  
ASN CG  ND2  sing N N 69  
ASN ND2 HD21 sing N N 70  
ASN ND2 HD22 sing N N 71  
ASN OXT HXT  sing N N 72  
ASP N   CA   sing N N 73  
ASP N   H    sing N N 74  
ASP N   H2   sing N N 75  
ASP CA  C    sing N N 76  
ASP CA  CB   sing N N 77  
ASP CA  HA   sing N N 78  
ASP C   O    doub N N 79  
ASP C   OXT  sing N N 80  
ASP CB  CG   sing N N 81  
ASP CB  HB2  sing N N 82  
ASP CB  HB3  sing N N 83  
ASP CG  OD1  doub N N 84  
ASP CG  OD2  sing N N 85  
ASP OD2 HD2  sing N N 86  
ASP OXT HXT  sing N N 87  
CYS N   CA   sing N N 88  
CYS N   H    sing N N 89  
CYS N   H2   sing N N 90  
CYS CA  C    sing N N 91  
CYS CA  CB   sing N N 92  
CYS CA  HA   sing N N 93  
CYS C   O    doub N N 94  
CYS C   OXT  sing N N 95  
CYS CB  SG   sing N N 96  
CYS CB  HB2  sing N N 97  
CYS CB  HB3  sing N N 98  
CYS SG  HG   sing N N 99  
CYS OXT HXT  sing N N 100 
GLN N   CA   sing N N 101 
GLN N   H    sing N N 102 
GLN N   H2   sing N N 103 
GLN CA  C    sing N N 104 
GLN CA  CB   sing N N 105 
GLN CA  HA   sing N N 106 
GLN C   O    doub N N 107 
GLN C   OXT  sing N N 108 
GLN CB  CG   sing N N 109 
GLN CB  HB2  sing N N 110 
GLN CB  HB3  sing N N 111 
GLN CG  CD   sing N N 112 
GLN CG  HG2  sing N N 113 
GLN CG  HG3  sing N N 114 
GLN CD  OE1  doub N N 115 
GLN CD  NE2  sing N N 116 
GLN NE2 HE21 sing N N 117 
GLN NE2 HE22 sing N N 118 
GLN OXT HXT  sing N N 119 
GLU N   CA   sing N N 120 
GLU N   H    sing N N 121 
GLU N   H2   sing N N 122 
GLU CA  C    sing N N 123 
GLU CA  CB   sing N N 124 
GLU CA  HA   sing N N 125 
GLU C   O    doub N N 126 
GLU C   OXT  sing N N 127 
GLU CB  CG   sing N N 128 
GLU CB  HB2  sing N N 129 
GLU CB  HB3  sing N N 130 
GLU CG  CD   sing N N 131 
GLU CG  HG2  sing N N 132 
GLU CG  HG3  sing N N 133 
GLU CD  OE1  doub N N 134 
GLU CD  OE2  sing N N 135 
GLU OE2 HE2  sing N N 136 
GLU OXT HXT  sing N N 137 
GLY N   CA   sing N N 138 
GLY N   H    sing N N 139 
GLY N   H2   sing N N 140 
GLY CA  C    sing N N 141 
GLY CA  HA2  sing N N 142 
GLY CA  HA3  sing N N 143 
GLY C   O    doub N N 144 
GLY C   OXT  sing N N 145 
GLY OXT HXT  sing N N 146 
HIS N   CA   sing N N 147 
HIS N   H    sing N N 148 
HIS N   H2   sing N N 149 
HIS CA  C    sing N N 150 
HIS CA  CB   sing N N 151 
HIS CA  HA   sing N N 152 
HIS C   O    doub N N 153 
HIS C   OXT  sing N N 154 
HIS CB  CG   sing N N 155 
HIS CB  HB2  sing N N 156 
HIS CB  HB3  sing N N 157 
HIS CG  ND1  sing Y N 158 
HIS CG  CD2  doub Y N 159 
HIS ND1 CE1  doub Y N 160 
HIS ND1 HD1  sing N N 161 
HIS CD2 NE2  sing Y N 162 
HIS CD2 HD2  sing N N 163 
HIS CE1 NE2  sing Y N 164 
HIS CE1 HE1  sing N N 165 
HIS NE2 HE2  sing N N 166 
HIS OXT HXT  sing N N 167 
HOH O   H1   sing N N 168 
HOH O   H2   sing N N 169 
ILE N   CA   sing N N 170 
ILE N   H    sing N N 171 
ILE N   H2   sing N N 172 
ILE CA  C    sing N N 173 
ILE CA  CB   sing N N 174 
ILE CA  HA   sing N N 175 
ILE C   O    doub N N 176 
ILE C   OXT  sing N N 177 
ILE CB  CG1  sing N N 178 
ILE CB  CG2  sing N N 179 
ILE CB  HB   sing N N 180 
ILE CG1 CD1  sing N N 181 
ILE CG1 HG12 sing N N 182 
ILE CG1 HG13 sing N N 183 
ILE CG2 HG21 sing N N 184 
ILE CG2 HG22 sing N N 185 
ILE CG2 HG23 sing N N 186 
ILE CD1 HD11 sing N N 187 
ILE CD1 HD12 sing N N 188 
ILE CD1 HD13 sing N N 189 
ILE OXT HXT  sing N N 190 
LEU N   CA   sing N N 191 
LEU N   H    sing N N 192 
LEU N   H2   sing N N 193 
LEU CA  C    sing N N 194 
LEU CA  CB   sing N N 195 
LEU CA  HA   sing N N 196 
LEU C   O    doub N N 197 
LEU C   OXT  sing N N 198 
LEU CB  CG   sing N N 199 
LEU CB  HB2  sing N N 200 
LEU CB  HB3  sing N N 201 
LEU CG  CD1  sing N N 202 
LEU CG  CD2  sing N N 203 
LEU CG  HG   sing N N 204 
LEU CD1 HD11 sing N N 205 
LEU CD1 HD12 sing N N 206 
LEU CD1 HD13 sing N N 207 
LEU CD2 HD21 sing N N 208 
LEU CD2 HD22 sing N N 209 
LEU CD2 HD23 sing N N 210 
LEU OXT HXT  sing N N 211 
LYS N   CA   sing N N 212 
LYS N   H    sing N N 213 
LYS N   H2   sing N N 214 
LYS CA  C    sing N N 215 
LYS CA  CB   sing N N 216 
LYS CA  HA   sing N N 217 
LYS C   O    doub N N 218 
LYS C   OXT  sing N N 219 
LYS CB  CG   sing N N 220 
LYS CB  HB2  sing N N 221 
LYS CB  HB3  sing N N 222 
LYS CG  CD   sing N N 223 
LYS CG  HG2  sing N N 224 
LYS CG  HG3  sing N N 225 
LYS CD  CE   sing N N 226 
LYS CD  HD2  sing N N 227 
LYS CD  HD3  sing N N 228 
LYS CE  NZ   sing N N 229 
LYS CE  HE2  sing N N 230 
LYS CE  HE3  sing N N 231 
LYS NZ  HZ1  sing N N 232 
LYS NZ  HZ2  sing N N 233 
LYS NZ  HZ3  sing N N 234 
LYS OXT HXT  sing N N 235 
MET N   CA   sing N N 236 
MET N   H    sing N N 237 
MET N   H2   sing N N 238 
MET CA  C    sing N N 239 
MET CA  CB   sing N N 240 
MET CA  HA   sing N N 241 
MET C   O    doub N N 242 
MET C   OXT  sing N N 243 
MET CB  CG   sing N N 244 
MET CB  HB2  sing N N 245 
MET CB  HB3  sing N N 246 
MET CG  SD   sing N N 247 
MET CG  HG2  sing N N 248 
MET CG  HG3  sing N N 249 
MET SD  CE   sing N N 250 
MET CE  HE1  sing N N 251 
MET CE  HE2  sing N N 252 
MET CE  HE3  sing N N 253 
MET OXT HXT  sing N N 254 
P33 O22 C21  sing N N 255 
P33 O22 H22  sing N N 256 
P33 C21 C20  sing N N 257 
P33 C21 H211 sing N N 258 
P33 C21 H212 sing N N 259 
P33 C20 O19  sing N N 260 
P33 C20 H201 sing N N 261 
P33 C20 H202 sing N N 262 
P33 O19 C18  sing N N 263 
P33 C18 C17  sing N N 264 
P33 C18 H181 sing N N 265 
P33 C18 H182 sing N N 266 
P33 C17 O16  sing N N 267 
P33 C17 H171 sing N N 268 
P33 C17 H172 sing N N 269 
P33 O16 C15  sing N N 270 
P33 C15 C14  sing N N 271 
P33 C15 H151 sing N N 272 
P33 C15 H152 sing N N 273 
P33 C14 O13  sing N N 274 
P33 C14 H141 sing N N 275 
P33 C14 H142 sing N N 276 
P33 O13 C12  sing N N 277 
P33 C12 C11  sing N N 278 
P33 C12 H121 sing N N 279 
P33 C12 H122 sing N N 280 
P33 C11 O10  sing N N 281 
P33 C11 H111 sing N N 282 
P33 C11 H112 sing N N 283 
P33 O10 C9   sing N N 284 
P33 C9  C8   sing N N 285 
P33 C9  H91  sing N N 286 
P33 C9  H92  sing N N 287 
P33 C8  O7   sing N N 288 
P33 C8  H81  sing N N 289 
P33 C8  H82  sing N N 290 
P33 O7  C6   sing N N 291 
P33 C6  C5   sing N N 292 
P33 C6  H61  sing N N 293 
P33 C6  H62  sing N N 294 
P33 C5  O4   sing N N 295 
P33 C5  H51  sing N N 296 
P33 C5  H52  sing N N 297 
P33 O4  C3   sing N N 298 
P33 C3  C2   sing N N 299 
P33 C3  H31  sing N N 300 
P33 C3  H32  sing N N 301 
P33 C2  O1   sing N N 302 
P33 C2  H21  sing N N 303 
P33 C2  H22A sing N N 304 
P33 O1  HO1  sing N N 305 
PHE N   CA   sing N N 306 
PHE N   H    sing N N 307 
PHE N   H2   sing N N 308 
PHE CA  C    sing N N 309 
PHE CA  CB   sing N N 310 
PHE CA  HA   sing N N 311 
PHE C   O    doub N N 312 
PHE C   OXT  sing N N 313 
PHE CB  CG   sing N N 314 
PHE CB  HB2  sing N N 315 
PHE CB  HB3  sing N N 316 
PHE CG  CD1  doub Y N 317 
PHE CG  CD2  sing Y N 318 
PHE CD1 CE1  sing Y N 319 
PHE CD1 HD1  sing N N 320 
PHE CD2 CE2  doub Y N 321 
PHE CD2 HD2  sing N N 322 
PHE CE1 CZ   doub Y N 323 
PHE CE1 HE1  sing N N 324 
PHE CE2 CZ   sing Y N 325 
PHE CE2 HE2  sing N N 326 
PHE CZ  HZ   sing N N 327 
PHE OXT HXT  sing N N 328 
PRO N   CA   sing N N 329 
PRO N   CD   sing N N 330 
PRO N   H    sing N N 331 
PRO CA  C    sing N N 332 
PRO CA  CB   sing N N 333 
PRO CA  HA   sing N N 334 
PRO C   O    doub N N 335 
PRO C   OXT  sing N N 336 
PRO CB  CG   sing N N 337 
PRO CB  HB2  sing N N 338 
PRO CB  HB3  sing N N 339 
PRO CG  CD   sing N N 340 
PRO CG  HG2  sing N N 341 
PRO CG  HG3  sing N N 342 
PRO CD  HD2  sing N N 343 
PRO CD  HD3  sing N N 344 
PRO OXT HXT  sing N N 345 
SER N   CA   sing N N 346 
SER N   H    sing N N 347 
SER N   H2   sing N N 348 
SER CA  C    sing N N 349 
SER CA  CB   sing N N 350 
SER CA  HA   sing N N 351 
SER C   O    doub N N 352 
SER C   OXT  sing N N 353 
SER CB  OG   sing N N 354 
SER CB  HB2  sing N N 355 
SER CB  HB3  sing N N 356 
SER OG  HG   sing N N 357 
SER OXT HXT  sing N N 358 
THR N   CA   sing N N 359 
THR N   H    sing N N 360 
THR N   H2   sing N N 361 
THR CA  C    sing N N 362 
THR CA  CB   sing N N 363 
THR CA  HA   sing N N 364 
THR C   O    doub N N 365 
THR C   OXT  sing N N 366 
THR CB  OG1  sing N N 367 
THR CB  CG2  sing N N 368 
THR CB  HB   sing N N 369 
THR OG1 HG1  sing N N 370 
THR CG2 HG21 sing N N 371 
THR CG2 HG22 sing N N 372 
THR CG2 HG23 sing N N 373 
THR OXT HXT  sing N N 374 
TRP N   CA   sing N N 375 
TRP N   H    sing N N 376 
TRP N   H2   sing N N 377 
TRP CA  C    sing N N 378 
TRP CA  CB   sing N N 379 
TRP CA  HA   sing N N 380 
TRP C   O    doub N N 381 
TRP C   OXT  sing N N 382 
TRP CB  CG   sing N N 383 
TRP CB  HB2  sing N N 384 
TRP CB  HB3  sing N N 385 
TRP CG  CD1  doub Y N 386 
TRP CG  CD2  sing Y N 387 
TRP CD1 NE1  sing Y N 388 
TRP CD1 HD1  sing N N 389 
TRP CD2 CE2  doub Y N 390 
TRP CD2 CE3  sing Y N 391 
TRP NE1 CE2  sing Y N 392 
TRP NE1 HE1  sing N N 393 
TRP CE2 CZ2  sing Y N 394 
TRP CE3 CZ3  doub Y N 395 
TRP CE3 HE3  sing N N 396 
TRP CZ2 CH2  doub Y N 397 
TRP CZ2 HZ2  sing N N 398 
TRP CZ3 CH2  sing Y N 399 
TRP CZ3 HZ3  sing N N 400 
TRP CH2 HH2  sing N N 401 
TRP OXT HXT  sing N N 402 
TYR N   CA   sing N N 403 
TYR N   H    sing N N 404 
TYR N   H2   sing N N 405 
TYR CA  C    sing N N 406 
TYR CA  CB   sing N N 407 
TYR CA  HA   sing N N 408 
TYR C   O    doub N N 409 
TYR C   OXT  sing N N 410 
TYR CB  CG   sing N N 411 
TYR CB  HB2  sing N N 412 
TYR CB  HB3  sing N N 413 
TYR CG  CD1  doub Y N 414 
TYR CG  CD2  sing Y N 415 
TYR CD1 CE1  sing Y N 416 
TYR CD1 HD1  sing N N 417 
TYR CD2 CE2  doub Y N 418 
TYR CD2 HD2  sing N N 419 
TYR CE1 CZ   doub Y N 420 
TYR CE1 HE1  sing N N 421 
TYR CE2 CZ   sing Y N 422 
TYR CE2 HE2  sing N N 423 
TYR CZ  OH   sing N N 424 
TYR OH  HH   sing N N 425 
TYR OXT HXT  sing N N 426 
VAL N   CA   sing N N 427 
VAL N   H    sing N N 428 
VAL N   H2   sing N N 429 
VAL CA  C    sing N N 430 
VAL CA  CB   sing N N 431 
VAL CA  HA   sing N N 432 
VAL C   O    doub N N 433 
VAL C   OXT  sing N N 434 
VAL CB  CG1  sing N N 435 
VAL CB  CG2  sing N N 436 
VAL CB  HB   sing N N 437 
VAL CG1 HG11 sing N N 438 
VAL CG1 HG12 sing N N 439 
VAL CG1 HG13 sing N N 440 
VAL CG2 HG21 sing N N 441 
VAL CG2 HG22 sing N N 442 
VAL CG2 HG23 sing N N 443 
VAL OXT HXT  sing N N 444 
# 
_atom_sites.entry_id                    3R56 
_atom_sites.fract_transf_matrix[1][1]   -0.00332004 
_atom_sites.fract_transf_matrix[1][2]   -0.00718896 
_atom_sites.fract_transf_matrix[1][3]   0.01564521 
_atom_sites.fract_transf_matrix[2][1]   0.00825532 
_atom_sites.fract_transf_matrix[2][2]   -0.01464719 
_atom_sites.fract_transf_matrix[2][3]   -0.00497852 
_atom_sites.fract_transf_matrix[3][1]   0.00990597 
_atom_sites.fract_transf_matrix[3][2]   0.00421094 
_atom_sites.fract_transf_matrix[3][3]   0.00403705 
_atom_sites.fract_transf_vector[1]      0.215110 
_atom_sites.fract_transf_vector[2]      0.243422 
_atom_sites.fract_transf_vector[3]      0.270009 
# 
loop_
_atom_type.symbol 
C 
N 
O 
S 
# 
loop_
_atom_site.group_PDB 
_atom_site.id 
_atom_site.type_symbol 
_atom_site.label_atom_id 
_atom_site.label_alt_id 
_atom_site.label_comp_id 
_atom_site.label_asym_id 
_atom_site.label_entity_id 
_atom_site.label_seq_id 
_atom_site.pdbx_PDB_ins_code 
_atom_site.Cartn_x 
_atom_site.Cartn_y 
_atom_site.Cartn_z 
_atom_site.occupancy 
_atom_site.B_iso_or_equiv 
_atom_site.pdbx_formal_charge 
_atom_site.auth_seq_id 
_atom_site.auth_comp_id 
_atom_site.auth_asym_id 
_atom_site.auth_atom_id 
_atom_site.pdbx_PDB_model_num 
ATOM   1    N N   . GLY A 1 3   ? 14.651  4.557   14.682  1.00 8.72  ? 44  GLY A N   1 
ATOM   2    C CA  . GLY A 1 3   ? 14.345  3.305   13.940  1.00 8.30  ? 44  GLY A CA  1 
ATOM   3    C C   . GLY A 1 3   ? 13.466  3.542   12.728  1.00 7.99  ? 44  GLY A C   1 
ATOM   4    O O   . GLY A 1 3   ? 13.220  4.685   12.333  1.00 8.04  ? 44  GLY A O   1 
ATOM   5    N N   . ASN A 1 4   ? 12.992  2.444   12.144  1.00 7.66  ? 45  ASN A N   1 
ATOM   6    C CA  . ASN A 1 4   ? 12.124  2.491   10.967  1.00 7.24  ? 45  ASN A CA  1 
ATOM   7    C C   . ASN A 1 4   ? 10.803  3.199   11.258  1.00 7.03  ? 45  ASN A C   1 
ATOM   8    O O   . ASN A 1 4   ? 10.262  3.068   12.358  1.00 7.43  ? 45  ASN A O   1 
ATOM   9    C CB  . ASN A 1 4   ? 11.823  1.071   10.473  1.00 7.11  ? 45  ASN A CB  1 
ATOM   10   C CG  . ASN A 1 4   ? 12.971  0.457   9.692   1.00 6.70  ? 45  ASN A CG  1 
ATOM   11   O OD1 . ASN A 1 4   ? 13.783  1.161   9.091   1.00 6.98  ? 45  ASN A OD1 1 
ATOM   12   N ND2 . ASN A 1 4   ? 13.027  -0.870  9.678   1.00 6.63  ? 45  ASN A ND2 1 
ATOM   13   N N   . PRO A 1 5   ? 10.268  3.939   10.271  1.00 6.78  ? 46  PRO A N   1 
ATOM   14   C CA  . PRO A 1 5   ? 8.972   4.570   10.505  1.00 6.71  ? 46  PRO A CA  1 
ATOM   15   C C   . PRO A 1 5   ? 7.845   3.564   10.734  1.00 6.55  ? 46  PRO A C   1 
ATOM   16   O O   . PRO A 1 5   ? 7.837   2.479   10.130  1.00 6.38  ? 46  PRO A O   1 
ATOM   17   C CB  . PRO A 1 5   ? 8.711   5.349   9.210   1.00 7.00  ? 46  PRO A CB  1 
ATOM   18   C CG  . PRO A 1 5   ? 10.033  5.521   8.582   1.00 6.88  ? 46  PRO A CG  1 
ATOM   19   C CD  . PRO A 1 5   ? 10.841  4.329   8.971   1.00 6.74  ? 46  PRO A CD  1 
ATOM   20   N N   . LEU A 1 6   ? 6.927   3.931   11.623  1.00 6.45  ? 47  LEU A N   1 
ATOM   21   C CA  . LEU A 1 6   ? 5.631   3.280   11.752  1.00 6.40  ? 47  LEU A CA  1 
ATOM   22   C C   . LEU A 1 6   ? 4.585   4.270   11.255  1.00 6.16  ? 47  LEU A C   1 
ATOM   23   O O   . LEU A 1 6   ? 4.583   5.433   11.666  1.00 6.01  ? 47  LEU A O   1 
ATOM   24   C CB  . LEU A 1 6   ? 5.333   2.909   13.210  1.00 6.53  ? 47  LEU A CB  1 
ATOM   25   C CG  . LEU A 1 6   ? 6.179   1.824   13.882  1.00 6.77  ? 47  LEU A CG  1 
ATOM   26   C CD1 . LEU A 1 6   ? 5.583   1.460   15.239  1.00 7.22  ? 47  LEU A CD1 1 
ATOM   27   C CD2 . LEU A 1 6   ? 6.307   0.577   13.015  1.00 7.72  ? 47  LEU A CD2 1 
ATOM   28   N N   . VAL A 1 7   ? 3.713   3.807   10.364  1.00 5.91  ? 48  VAL A N   1 
ATOM   29   C CA  . VAL A 1 7   ? 2.642   4.636   9.806   1.00 5.68  ? 48  VAL A CA  1 
ATOM   30   C C   . VAL A 1 7   ? 1.311   3.899   9.929   1.00 5.66  ? 48  VAL A C   1 
ATOM   31   O O   . VAL A 1 7   ? 1.290   2.691   10.178  1.00 5.85  ? 48  VAL A O   1 
ATOM   32   C CB  . VAL A 1 7   ? 2.924   5.011   8.328   1.00 5.48  ? 48  VAL A CB  1 
ATOM   33   C CG1 . VAL A 1 7   ? 4.164   5.895   8.234   1.00 5.63  ? 48  VAL A CG1 1 
ATOM   34   C CG2 . VAL A 1 7   ? 3.086   3.762   7.459   1.00 5.73  ? 48  VAL A CG2 1 
ATOM   35   N N   . TYR A 1 8   ? 0.206   4.626   9.770   1.00 5.87  ? 49  TYR A N   1 
ATOM   36   C CA  . TYR A 1 8   ? -1.120  4.026   9.888   1.00 5.98  ? 49  TYR A CA  1 
ATOM   37   C C   . TYR A 1 8   ? -2.064  4.415   8.755   1.00 6.01  ? 49  TYR A C   1 
ATOM   38   O O   . TYR A 1 8   ? -1.942  5.494   8.167   1.00 6.16  ? 49  TYR A O   1 
ATOM   39   C CB  . TYR A 1 8   ? -1.759  4.388   11.234  1.00 6.05  ? 49  TYR A CB  1 
ATOM   40   C CG  . TYR A 1 8   ? -2.125  5.847   11.384  1.00 6.54  ? 49  TYR A CG  1 
ATOM   41   C CD1 . TYR A 1 8   ? -3.394  6.308   11.045  1.00 7.42  ? 49  TYR A CD1 1 
ATOM   42   C CD2 . TYR A 1 8   ? -1.201  6.769   11.871  1.00 6.73  ? 49  TYR A CD2 1 
ATOM   43   C CE1 . TYR A 1 8   ? -3.730  7.652   11.184  1.00 7.65  ? 49  TYR A CE1 1 
ATOM   44   C CE2 . TYR A 1 8   ? -1.529  8.111   12.013  1.00 7.80  ? 49  TYR A CE2 1 
ATOM   45   C CZ  . TYR A 1 8   ? -2.792  8.546   11.666  1.00 8.37  ? 49  TYR A CZ  1 
ATOM   46   O OH  . TYR A 1 8   ? -3.112  9.880   11.807  1.00 10.60 ? 49  TYR A OH  1 
ATOM   47   N N   . LEU A 1 9   ? -3.001  3.511   8.474   1.00 6.02  ? 50  LEU A N   1 
ATOM   48   C CA  . LEU A 1 9   ? -4.128  3.753   7.579   1.00 6.18  ? 50  LEU A CA  1 
ATOM   49   C C   . LEU A 1 9   ? -5.399  3.397   8.336   1.00 6.14  ? 50  LEU A C   1 
ATOM   50   O O   . LEU A 1 9   ? -5.539  2.271   8.815   1.00 6.42  ? 50  LEU A O   1 
ATOM   51   C CB  . LEU A 1 9   ? -4.049  2.860   6.336   1.00 6.30  ? 50  LEU A CB  1 
ATOM   52   C CG  . LEU A 1 9   ? -2.744  2.803   5.543   1.00 6.20  ? 50  LEU A CG  1 
ATOM   53   C CD1 . LEU A 1 9   ? -2.845  1.740   4.441   1.00 6.84  ? 50  LEU A CD1 1 
ATOM   54   C CD2 . LEU A 1 9   ? -2.402  4.163   4.955   1.00 6.98  ? 50  LEU A CD2 1 
ATOM   55   N N   . ASP A 1 10  ? -6.304  4.363   8.472   1.00 6.11  ? 51  ASP A N   1 
ATOM   56   C CA  . ASP A 1 10  ? -7.639  4.107   9.000   1.00 6.61  ? 51  ASP A CA  1 
ATOM   57   C C   . ASP A 1 10  ? -8.572  3.925   7.822   1.00 6.66  ? 51  ASP A C   1 
ATOM   58   O O   . ASP A 1 10  ? -8.627  4.777   6.939   1.00 6.57  ? 51  ASP A O   1 
ATOM   59   C CB  . ASP A 1 10  ? -8.112  5.264   9.874   1.00 6.83  ? 51  ASP A CB  1 
ATOM   60   C CG  . ASP A 1 10  ? -7.319  5.382   11.150  1.00 7.64  ? 51  ASP A CG  1 
ATOM   61   O OD1 . ASP A 1 10  ? -6.848  4.344   11.652  1.00 8.83  ? 51  ASP A OD1 1 
ATOM   62   O OD2 . ASP A 1 10  ? -7.169  6.514   11.648  1.00 10.03 ? 51  ASP A OD2 1 
ATOM   63   N N   . VAL A 1 11  ? -9.301  2.813   7.816   1.00 6.77  ? 52  VAL A N   1 
ATOM   64   C CA  . VAL A 1 11  ? -10.057 2.400   6.641   1.00 7.20  ? 52  VAL A CA  1 
ATOM   65   C C   . VAL A 1 11  ? -11.545 2.226   6.945   1.00 7.38  ? 52  VAL A C   1 
ATOM   66   O O   . VAL A 1 11  ? -11.923 1.560   7.914   1.00 7.85  ? 52  VAL A O   1 
ATOM   67   C CB  . VAL A 1 11  ? -9.490  1.090   6.052   1.00 7.20  ? 52  VAL A CB  1 
ATOM   68   C CG1 . VAL A 1 11  ? -10.172 0.756   4.733   1.00 7.84  ? 52  VAL A CG1 1 
ATOM   69   C CG2 . VAL A 1 11  ? -7.983  1.204   5.844   1.00 7.34  ? 52  VAL A CG2 1 
ATOM   70   N N   . ASP A 1 12  ? -12.367 2.854   6.104   1.00 7.71  ? 53  ASP A N   1 
ATOM   71   C CA  . ASP A 1 12  ? -13.819 2.681   6.102   1.00 8.09  ? 53  ASP A CA  1 
ATOM   72   C C   . ASP A 1 12  ? -14.206 1.659   5.040   1.00 8.25  ? 53  ASP A C   1 
ATOM   73   O O   . ASP A 1 12  ? -13.512 1.509   4.032   1.00 8.23  ? 53  ASP A O   1 
ATOM   74   C CB  . ASP A 1 12  ? -14.525 3.997   5.727   1.00 8.21  ? 53  ASP A CB  1 
ATOM   75   C CG  . ASP A 1 12  ? -14.898 4.864   6.922   0.80 8.16  ? 53  ASP A CG  1 
ATOM   76   O OD1 . ASP A 1 12  ? -15.656 5.832   6.690   0.80 8.63  ? 53  ASP A OD1 1 
ATOM   77   O OD2 . ASP A 1 12  ? -14.460 4.610   8.062   0.80 8.17  ? 53  ASP A OD2 1 
ATOM   78   N N   . ALA A 1 13  ? -15.325 0.976   5.261   1.00 8.45  ? 54  ALA A N   1 
ATOM   79   C CA  . ALA A 1 13  ? -16.004 0.226   4.205   1.00 8.69  ? 54  ALA A CA  1 
ATOM   80   C C   . ALA A 1 13  ? -17.468 0.657   4.213   1.00 8.94  ? 54  ALA A C   1 
ATOM   81   O O   . ALA A 1 13  ? -18.164 0.500   5.222   1.00 9.00  ? 54  ALA A O   1 
ATOM   82   C CB  . ALA A 1 13  ? -15.877 -1.272  4.430   1.00 8.80  ? 54  ALA A CB  1 
ATOM   83   N N   . ASN A 1 14  ? -17.927 1.232   3.101   1.00 9.26  ? 55  ASN A N   1 
ATOM   84   C CA  . ASN A 1 14  ? -19.277 1.802   3.013   1.00 9.50  ? 55  ASN A CA  1 
ATOM   85   C C   . ASN A 1 14  ? -19.591 2.768   4.165   1.00 9.84  ? 55  ASN A C   1 
ATOM   86   O O   . ASN A 1 14  ? -20.661 2.710   4.781   1.00 10.16 ? 55  ASN A O   1 
ATOM   87   C CB  . ASN A 1 14  ? -20.327 0.687   2.932   1.00 9.40  ? 55  ASN A CB  1 
ATOM   88   C CG  . ASN A 1 14  ? -20.287 -0.064  1.611   1.00 9.10  ? 55  ASN A CG  1 
ATOM   89   O OD1 . ASN A 1 14  ? -19.748 0.425   0.615   1.00 8.54  ? 55  ASN A OD1 1 
ATOM   90   N ND2 . ASN A 1 14  ? -20.870 -1.255  1.597   1.00 8.76  ? 55  ASN A ND2 1 
ATOM   91   N N   . GLY A 1 15  ? -18.637 3.647   4.460   1.00 10.09 ? 56  GLY A N   1 
ATOM   92   C CA  . GLY A 1 15  ? -18.843 4.733   5.416   1.00 10.28 ? 56  GLY A CA  1 
ATOM   93   C C   . GLY A 1 15  ? -18.735 4.361   6.885   1.00 10.47 ? 56  GLY A C   1 
ATOM   94   O O   . GLY A 1 15  ? -18.954 5.213   7.749   1.00 11.16 ? 56  GLY A O   1 
ATOM   95   N N   . LYS A 1 16  ? -18.403 3.104   7.179   1.00 10.36 ? 57  LYS A N   1 
ATOM   96   C CA  . LYS A 1 16  ? -18.253 2.648   8.560   1.00 10.40 ? 57  LYS A CA  1 
ATOM   97   C C   . LYS A 1 16  ? -16.833 2.135   8.793   1.00 9.93  ? 57  LYS A C   1 
ATOM   98   O O   . LYS A 1 16  ? -16.292 1.420   7.948   1.00 9.75  ? 57  LYS A O   1 
ATOM   99   C CB  . LYS A 1 16  ? -19.281 1.563   8.876   1.00 10.83 ? 57  LYS A CB  1 
ATOM   100  C CG  . LYS A 1 16  ? -20.708 2.090   8.948   0.80 11.67 ? 57  LYS A CG  1 
ATOM   101  C CD  . LYS A 1 16  ? -21.681 1.050   9.480   0.60 12.61 ? 57  LYS A CD  1 
ATOM   102  C CE  . LYS A 1 16  ? -23.100 1.603   9.531   0.60 12.92 ? 57  LYS A CE  1 
ATOM   103  N NZ  . LYS A 1 16  ? -24.099 0.583   9.960   0.50 13.37 ? 57  LYS A NZ  1 
ATOM   104  N N   . PRO A 1 17  ? -16.224 2.504   9.936   1.00 9.43  ? 58  PRO A N   1 
ATOM   105  C CA  . PRO A 1 17  ? -14.812 2.184   10.173  1.00 9.22  ? 58  PRO A CA  1 
ATOM   106  C C   . PRO A 1 17  ? -14.541 0.695   10.395  1.00 8.93  ? 58  PRO A C   1 
ATOM   107  O O   . PRO A 1 17  ? -15.267 0.034   11.134  1.00 9.03  ? 58  PRO A O   1 
ATOM   108  C CB  . PRO A 1 17  ? -14.474 2.992   11.434  1.00 9.25  ? 58  PRO A CB  1 
ATOM   109  C CG  . PRO A 1 17  ? -15.779 3.175   12.129  1.00 9.42  ? 58  PRO A CG  1 
ATOM   110  C CD  . PRO A 1 17  ? -16.807 3.281   11.048  1.00 9.55  ? 58  PRO A CD  1 
ATOM   111  N N   . LEU A 1 18  ? -13.502 0.187   9.737   1.00 8.44  ? 59  LEU A N   1 
ATOM   112  C CA  . LEU A 1 18  ? -13.029 -1.182  9.943   1.00 8.30  ? 59  LEU A CA  1 
ATOM   113  C C   . LEU A 1 18  ? -11.949 -1.233  11.015  1.00 7.98  ? 59  LEU A C   1 
ATOM   114  O O   . LEU A 1 18  ? -11.736 -2.273  11.636  1.00 8.22  ? 59  LEU A O   1 
ATOM   115  C CB  . LEU A 1 18  ? -12.453 -1.747  8.643   1.00 8.53  ? 59  LEU A CB  1 
ATOM   116  C CG  . LEU A 1 18  ? -13.424 -1.870  7.470   1.00 9.05  ? 59  LEU A CG  1 
ATOM   117  C CD1 . LEU A 1 18  ? -12.681 -2.306  6.220   1.00 9.55  ? 59  LEU A CD1 1 
ATOM   118  C CD2 . LEU A 1 18  ? -14.547 -2.844  7.801   1.00 9.58  ? 59  LEU A CD2 1 
ATOM   119  N N   . GLY A 1 19  ? -11.258 -0.112  11.210  1.00 7.60  ? 60  GLY A N   1 
ATOM   120  C CA  . GLY A 1 19  ? -10.143 -0.035  12.145  1.00 7.49  ? 60  GLY A CA  1 
ATOM   121  C C   . GLY A 1 19  ? -8.885  0.493   11.485  1.00 7.25  ? 60  GLY A C   1 
ATOM   122  O O   . GLY A 1 19  ? -8.940  1.159   10.444  1.00 7.53  ? 60  GLY A O   1 
ATOM   123  N N   . ARG A 1 20  ? -7.750  0.179   12.100  1.00 7.04  ? 61  ARG A N   1 
ATOM   124  C CA  . ARG A 1 20  ? -6.463  0.737   11.714  1.00 6.59  ? 61  ARG A CA  1 
ATOM   125  C C   . ARG A 1 20  ? -5.495  -0.353  11.262  1.00 6.33  ? 61  ARG A C   1 
ATOM   126  O O   . ARG A 1 20  ? -5.375  -1.390  11.913  1.00 6.15  ? 61  ARG A O   1 
ATOM   127  C CB  . ARG A 1 20  ? -5.860  1.488   12.904  1.00 6.77  ? 61  ARG A CB  1 
ATOM   128  C CG  . ARG A 1 20  ? -4.498  2.118   12.629  1.00 6.99  ? 61  ARG A CG  1 
ATOM   129  C CD  . ARG A 1 20  ? -4.082  3.077   13.731  1.00 7.13  ? 61  ARG A CD  1 
ATOM   130  N NE  . ARG A 1 20  ? -4.832  4.328   13.655  1.00 7.01  ? 61  ARG A NE  1 
ATOM   131  C CZ  . ARG A 1 20  ? -4.526  5.440   14.319  1.00 7.21  ? 61  ARG A CZ  1 
ATOM   132  N NH1 . ARG A 1 20  ? -3.484  5.478   15.141  1.00 7.75  ? 61  ARG A NH1 1 
ATOM   133  N NH2 . ARG A 1 20  ? -5.278  6.522   14.159  1.00 8.20  ? 61  ARG A NH2 1 
ATOM   134  N N   . VAL A 1 21  ? -4.805  -0.102  10.152  1.00 5.80  ? 62  VAL A N   1 
ATOM   135  C CA  . VAL A 1 21  ? -3.675  -0.925  9.725   1.00 5.79  ? 62  VAL A CA  1 
ATOM   136  C C   . VAL A 1 21  ? -2.408  -0.143  10.048  1.00 5.64  ? 62  VAL A C   1 
ATOM   137  O O   . VAL A 1 21  ? -2.256  1.001   9.606   1.00 5.60  ? 62  VAL A O   1 
ATOM   138  C CB  . VAL A 1 21  ? -3.715  -1.224  8.207   1.00 5.72  ? 62  VAL A CB  1 
ATOM   139  C CG1 . VAL A 1 21  ? -2.526  -2.096  7.795   1.00 6.63  ? 62  VAL A CG1 1 
ATOM   140  C CG2 . VAL A 1 21  ? -5.033  -1.887  7.831   1.00 6.14  ? 62  VAL A CG2 1 
ATOM   141  N N   . VAL A 1 22  ? -1.521  -0.747  10.836  1.00 5.52  ? 63  VAL A N   1 
ATOM   142  C CA  . VAL A 1 22  ? -0.227  -0.146  11.151  1.00 5.56  ? 63  VAL A CA  1 
ATOM   143  C C   . VAL A 1 22  ? 0.862   -0.863  10.358  1.00 5.46  ? 63  VAL A C   1 
ATOM   144  O O   . VAL A 1 22  ? 0.923   -2.097  10.349  1.00 5.48  ? 63  VAL A O   1 
ATOM   145  C CB  . VAL A 1 22  ? 0.086   -0.214  12.660  1.00 5.57  ? 63  VAL A CB  1 
ATOM   146  C CG1 . VAL A 1 22  ? 1.458   0.383   12.950  1.00 6.01  ? 63  VAL A CG1 1 
ATOM   147  C CG2 . VAL A 1 22  ? -0.999  0.500   13.467  1.00 6.06  ? 63  VAL A CG2 1 
ATOM   148  N N   . LEU A 1 23  ? 1.708   -0.081  9.691   1.00 5.26  ? 64  LEU A N   1 
ATOM   149  C CA  . LEU A 1 23  ? 2.746   -0.621  8.821   1.00 5.22  ? 64  LEU A CA  1 
ATOM   150  C C   . LEU A 1 23  ? 4.127   -0.170  9.285   1.00 5.10  ? 64  LEU A C   1 
ATOM   151  O O   . LEU A 1 23  ? 4.321   1.008   9.596   1.00 5.40  ? 64  LEU A O   1 
ATOM   152  C CB  . LEU A 1 23  ? 2.518   -0.143  7.379   1.00 5.18  ? 64  LEU A CB  1 
ATOM   153  C CG  . LEU A 1 23  ? 1.173   -0.522  6.745   1.00 5.67  ? 64  LEU A CG  1 
ATOM   154  C CD1 . LEU A 1 23  ? 0.837   0.370   5.550   1.00 6.92  ? 64  LEU A CD1 1 
ATOM   155  C CD2 . LEU A 1 23  ? 1.169   -1.988  6.332   1.00 6.30  ? 64  LEU A CD2 1 
ATOM   156  N N   . GLU A 1 24  ? 5.078   -1.104  9.340   1.00 5.03  ? 65  GLU A N   1 
ATOM   157  C CA  . GLU A 1 24  ? 6.492   -0.749  9.492   1.00 5.27  ? 65  GLU A CA  1 
ATOM   158  C C   . GLU A 1 24  ? 7.082   -0.577  8.102   1.00 5.10  ? 65  GLU A C   1 
ATOM   159  O O   . GLU A 1 24  ? 6.929   -1.456  7.253   1.00 5.53  ? 65  GLU A O   1 
ATOM   160  C CB  . GLU A 1 24  ? 7.288   -1.823  10.244  1.00 5.40  ? 65  GLU A CB  1 
ATOM   161  C CG  . GLU A 1 24  ? 8.792   -1.510  10.299  1.00 5.87  ? 65  GLU A CG  1 
ATOM   162  C CD  . GLU A 1 24  ? 9.624   -2.526  11.060  1.00 6.71  ? 65  GLU A CD  1 
ATOM   163  O OE1 . GLU A 1 24  ? 9.065   -3.487  11.634  1.00 7.54  ? 65  GLU A OE1 1 
ATOM   164  O OE2 . GLU A 1 24  ? 10.864  -2.348  11.078  1.00 6.71  ? 65  GLU A OE2 1 
ATOM   165  N N   . LEU A 1 25  ? 7.765   0.544   7.880   1.00 5.26  ? 66  LEU A N   1 
ATOM   166  C CA  . LEU A 1 25  ? 8.434   0.805   6.611   1.00 5.39  ? 66  LEU A CA  1 
ATOM   167  C C   . LEU A 1 25  ? 9.919   0.522   6.777   1.00 5.63  ? 66  LEU A C   1 
ATOM   168  O O   . LEU A 1 25  ? 10.570  1.116   7.635   1.00 5.70  ? 66  LEU A O   1 
ATOM   169  C CB  . LEU A 1 25  ? 8.215   2.257   6.179   1.00 5.24  ? 66  LEU A CB  1 
ATOM   170  C CG  . LEU A 1 25  ? 6.766   2.742   6.226   1.00 4.76  ? 66  LEU A CG  1 
ATOM   171  C CD1 . LEU A 1 25  ? 6.683   4.185   5.757   1.00 5.87  ? 66  LEU A CD1 1 
ATOM   172  C CD2 . LEU A 1 25  ? 5.862   1.841   5.393   1.00 4.88  ? 66  LEU A CD2 1 
ATOM   173  N N   . LYS A 1 26  ? 10.452  -0.381  5.955   1.00 5.70  ? 67  LYS A N   1 
ATOM   174  C CA  . LYS A 1 26  ? 11.838  -0.825  6.099   1.00 5.85  ? 67  LYS A CA  1 
ATOM   175  C C   . LYS A 1 26  ? 12.801  0.164   5.446   1.00 6.03  ? 67  LYS A C   1 
ATOM   176  O O   . LYS A 1 26  ? 13.436  -0.135  4.437   1.00 5.99  ? 67  LYS A O   1 
ATOM   177  C CB  . LYS A 1 26  ? 12.012  -2.236  5.528   1.00 6.00  ? 67  LYS A CB  1 
ATOM   178  C CG  . LYS A 1 26  ? 11.273  -3.321  6.317   1.00 6.82  ? 67  LYS A CG  1 
ATOM   179  C CD  . LYS A 1 26  ? 11.922  -3.567  7.679   1.00 7.83  ? 67  LYS A CD  1 
ATOM   180  C CE  . LYS A 1 26  ? 11.215  -4.641  8.483   0.90 8.70  ? 67  LYS A CE  1 
ATOM   181  N NZ  . LYS A 1 26  ? 11.767  -4.728  9.867   0.70 9.07  ? 67  LYS A NZ  1 
ATOM   182  N N   . ALA A 1 27  ? 12.907  1.343   6.057   1.00 6.14  ? 68  ALA A N   1 
ATOM   183  C CA  . ALA A 1 27  ? 13.810  2.396   5.600   1.00 6.37  ? 68  ALA A CA  1 
ATOM   184  C C   . ALA A 1 27  ? 15.275  1.975   5.677   1.00 6.84  ? 68  ALA A C   1 
ATOM   185  O O   . ALA A 1 27  ? 16.112  2.545   4.980   1.00 6.79  ? 68  ALA A O   1 
ATOM   186  C CB  . ALA A 1 27  ? 13.586  3.659   6.418   1.00 6.34  ? 68  ALA A CB  1 
ATOM   187  N N   . ASP A 1 28  ? 15.581  1.002   6.537   1.00 7.03  ? 69  ASP A N   1 
ATOM   188  C CA  A ASP A 1 28  ? 16.935  0.444   6.623   0.50 7.28  ? 69  ASP A CA  1 
ATOM   189  C CA  B ASP A 1 28  ? 16.932  0.441   6.624   0.50 7.37  ? 69  ASP A CA  1 
ATOM   190  C C   . ASP A 1 28  ? 17.369  -0.223  5.317   1.00 7.38  ? 69  ASP A C   1 
ATOM   191  O O   . ASP A 1 28  ? 18.552  -0.195  4.970   1.00 8.02  ? 69  ASP A O   1 
ATOM   192  C CB  A ASP A 1 28  ? 17.062  -0.549  7.788   0.50 7.30  ? 69  ASP A CB  1 
ATOM   193  C CB  B ASP A 1 28  ? 17.064  -0.545  7.801   0.50 7.49  ? 69  ASP A CB  1 
ATOM   194  C CG  A ASP A 1 28  ? 16.122  -1.737  7.663   0.50 7.34  ? 69  ASP A CG  1 
ATOM   195  C CG  B ASP A 1 28  ? 15.917  -1.548  7.882   0.50 7.82  ? 69  ASP A CG  1 
ATOM   196  O OD1 A ASP A 1 28  ? 14.898  -1.523  7.546   0.50 7.03  ? 69  ASP A OD1 1 
ATOM   197  O OD1 B ASP A 1 28  ? 15.030  -1.540  7.005   0.50 9.10  ? 69  ASP A OD1 1 
ATOM   198  O OD2 A ASP A 1 28  ? 16.610  -2.889  7.700   0.50 8.22  ? 69  ASP A OD2 1 
ATOM   199  O OD2 B ASP A 1 28  ? 15.903  -2.348  8.843   0.50 9.17  ? 69  ASP A OD2 1 
ATOM   200  N N   . VAL A 1 29  ? 16.411  -0.805  4.596   1.00 7.32  ? 70  VAL A N   1 
ATOM   201  C CA  . VAL A 1 29  ? 16.681  -1.548  3.357   1.00 7.42  ? 70  VAL A CA  1 
ATOM   202  C C   . VAL A 1 29  ? 16.318  -0.750  2.100   1.00 6.84  ? 70  VAL A C   1 
ATOM   203  O O   . VAL A 1 29  ? 17.035  -0.797  1.096   1.00 6.63  ? 70  VAL A O   1 
ATOM   204  C CB  . VAL A 1 29  ? 15.884  -2.880  3.334   1.00 7.44  ? 70  VAL A CB  1 
ATOM   205  C CG1 . VAL A 1 29  ? 16.246  -3.708  2.111   1.00 8.48  ? 70  VAL A CG1 1 
ATOM   206  C CG2 . VAL A 1 29  ? 16.123  -3.684  4.616   1.00 8.59  ? 70  VAL A CG2 1 
ATOM   207  N N   . VAL A 1 30  ? 15.198  -0.036  2.156   1.00 6.49  ? 71  VAL A N   1 
ATOM   208  C CA  . VAL A 1 30  ? 14.701  0.733   1.015   1.00 6.31  ? 71  VAL A CA  1 
ATOM   209  C C   . VAL A 1 30  ? 14.317  2.142   1.476   1.00 6.20  ? 71  VAL A C   1 
ATOM   210  O O   . VAL A 1 30  ? 13.135  2.482   1.549   1.00 6.26  ? 71  VAL A O   1 
ATOM   211  C CB  . VAL A 1 30  ? 13.508  0.015   0.320   1.00 5.96  ? 71  VAL A CB  1 
ATOM   212  C CG1 . VAL A 1 30  ? 14.012  -1.068  -0.628  1.00 6.40  ? 71  VAL A CG1 1 
ATOM   213  C CG2 . VAL A 1 30  ? 12.546  -0.582  1.351   1.00 6.65  ? 71  VAL A CG2 1 
ATOM   214  N N   . PRO A 1 31  ? 15.326  2.971   1.801   1.00 5.96  ? 72  PRO A N   1 
ATOM   215  C CA  . PRO A 1 31  ? 15.022  4.291   2.359   1.00 5.65  ? 72  PRO A CA  1 
ATOM   216  C C   . PRO A 1 31  ? 14.219  5.218   1.442   1.00 5.75  ? 72  PRO A C   1 
ATOM   217  O O   . PRO A 1 31  ? 13.379  5.972   1.931   1.00 5.41  ? 72  PRO A O   1 
ATOM   218  C CB  . PRO A 1 31  ? 16.409  4.886   2.649   1.00 5.75  ? 72  PRO A CB  1 
ATOM   219  C CG  . PRO A 1 31  ? 17.357  4.087   1.833   1.00 5.89  ? 72  PRO A CG  1 
ATOM   220  C CD  . PRO A 1 31  ? 16.777  2.714   1.769   1.00 6.01  ? 72  PRO A CD  1 
ATOM   221  N N   . LYS A 1 32  ? 14.473  5.171   0.138   1.00 5.76  ? 73  LYS A N   1 
ATOM   222  C CA  . LYS A 1 32  ? 13.776  6.062   -0.796  1.00 5.92  ? 73  LYS A CA  1 
ATOM   223  C C   . LYS A 1 32  ? 12.309  5.664   -0.955  1.00 5.74  ? 73  LYS A C   1 
ATOM   224  O O   . LYS A 1 32  ? 11.423  6.521   -1.022  1.00 5.80  ? 73  LYS A O   1 
ATOM   225  C CB  . LYS A 1 32  ? 14.477  6.078   -2.157  1.00 6.05  ? 73  LYS A CB  1 
ATOM   226  C CG  . LYS A 1 32  ? 15.906  6.607   -2.096  1.00 6.64  ? 73  LYS A CG  1 
ATOM   227  C CD  . LYS A 1 32  ? 16.646  6.413   -3.410  1.00 7.68  ? 73  LYS A CD  1 
ATOM   228  C CE  . LYS A 1 32  ? 18.041  7.017   -3.362  1.00 8.68  ? 73  LYS A CE  1 
ATOM   229  N NZ  . LYS A 1 32  ? 18.895  6.396   -2.313  1.00 9.81  ? 73  LYS A NZ  1 
ATOM   230  N N   . THR A 1 33  ? 12.062  4.358   -1.003  1.00 5.35  ? 74  THR A N   1 
ATOM   231  C CA  . THR A 1 33  ? 10.708  3.830   -1.123  1.00 5.29  ? 74  THR A CA  1 
ATOM   232  C C   . THR A 1 33  ? 9.923   4.038   0.176   1.00 5.28  ? 74  THR A C   1 
ATOM   233  O O   . THR A 1 33  ? 8.762   4.443   0.143   1.00 5.06  ? 74  THR A O   1 
ATOM   234  C CB  . THR A 1 33  ? 10.747  2.337   -1.500  1.00 5.27  ? 74  THR A CB  1 
ATOM   235  O OG1 . THR A 1 33  ? 11.552  2.160   -2.676  1.00 5.57  ? 74  THR A OG1 1 
ATOM   236  C CG2 . THR A 1 33  ? 9.356   1.801   -1.771  1.00 5.26  ? 74  THR A CG2 1 
ATOM   237  N N   . ALA A 1 34  ? 10.564  3.778   1.312   1.00 5.33  ? 75  ALA A N   1 
ATOM   238  C CA  . ALA A 1 34  ? 9.949   4.032   2.617   1.00 5.12  ? 75  ALA A CA  1 
ATOM   239  C C   . ALA A 1 34  ? 9.593   5.508   2.804   1.00 5.07  ? 75  ALA A C   1 
ATOM   240  O O   . ALA A 1 34  ? 8.503   5.835   3.279   1.00 5.26  ? 75  ALA A O   1 
ATOM   241  C CB  . ALA A 1 34  ? 10.869  3.563   3.750   1.00 5.38  ? 75  ALA A CB  1 
ATOM   242  N N   . GLU A 1 35  ? 10.514  6.398   2.435   1.00 4.88  ? 76  GLU A N   1 
ATOM   243  C CA  . GLU A 1 35  ? 10.303  7.842   2.600   1.00 5.15  ? 76  GLU A CA  1 
ATOM   244  C C   . GLU A 1 35  ? 9.117   8.348   1.776   1.00 5.13  ? 76  GLU A C   1 
ATOM   245  O O   . GLU A 1 35  ? 8.327   9.167   2.250   1.00 5.48  ? 76  GLU A O   1 
ATOM   246  C CB  . GLU A 1 35  ? 11.586  8.613   2.255   1.00 5.27  ? 76  GLU A CB  1 
ATOM   247  C CG  . GLU A 1 35  ? 11.457  10.135  2.220   1.00 5.58  ? 76  GLU A CG  1 
ATOM   248  C CD  . GLU A 1 35  ? 10.994  10.753  3.528   1.00 6.39  ? 76  GLU A CD  1 
ATOM   249  O OE1 . GLU A 1 35  ? 11.076  10.101  4.594   1.00 6.50  ? 76  GLU A OE1 1 
ATOM   250  O OE2 . GLU A 1 35  ? 10.540  11.918  3.488   1.00 8.10  ? 76  GLU A OE2 1 
ATOM   251  N N   . ASN A 1 36  ? 8.993   7.860   0.546   1.00 5.15  ? 77  ASN A N   1 
ATOM   252  C CA  . ASN A 1 36  ? 7.841   8.185   -0.288  1.00 5.04  ? 77  ASN A CA  1 
ATOM   253  C C   . ASN A 1 36  ? 6.532   7.828   0.419   1.00 5.17  ? 77  ASN A C   1 
ATOM   254  O O   . ASN A 1 36  ? 5.641   8.667   0.560   1.00 5.28  ? 77  ASN A O   1 
ATOM   255  C CB  . ASN A 1 36  ? 7.941   7.454   -1.632  1.00 5.17  ? 77  ASN A CB  1 
ATOM   256  C CG  . ASN A 1 36  ? 6.776   7.754   -2.549  1.00 5.27  ? 77  ASN A CG  1 
ATOM   257  O OD1 . ASN A 1 36  ? 6.519   8.911   -2.887  1.00 5.64  ? 77  ASN A OD1 1 
ATOM   258  N ND2 . ASN A 1 36  ? 6.063   6.709   -2.964  1.00 5.66  ? 77  ASN A ND2 1 
ATOM   259  N N   . PHE A 1 37  ? 6.425   6.585   0.875   1.00 5.22  ? 78  PHE A N   1 
ATOM   260  C CA  . PHE A 1 37  ? 5.197   6.118   1.509   1.00 5.14  ? 78  PHE A CA  1 
ATOM   261  C C   . PHE A 1 37  ? 4.900   6.892   2.793   1.00 5.32  ? 78  PHE A C   1 
ATOM   262  O O   . PHE A 1 37  ? 3.754   7.269   3.041   1.00 5.71  ? 78  PHE A O   1 
ATOM   263  C CB  . PHE A 1 37  ? 5.280   4.619   1.800   1.00 5.03  ? 78  PHE A CB  1 
ATOM   264  C CG  . PHE A 1 37  ? 3.961   3.998   2.139   1.00 4.83  ? 78  PHE A CG  1 
ATOM   265  C CD1 . PHE A 1 37  ? 3.136   3.492   1.140   1.00 4.86  ? 78  PHE A CD1 1 
ATOM   266  C CD2 . PHE A 1 37  ? 3.541   3.912   3.457   1.00 4.90  ? 78  PHE A CD2 1 
ATOM   267  C CE1 . PHE A 1 37  ? 1.922   2.918   1.453   1.00 5.33  ? 78  PHE A CE1 1 
ATOM   268  C CE2 . PHE A 1 37  ? 2.327   3.338   3.775   1.00 5.08  ? 78  PHE A CE2 1 
ATOM   269  C CZ  . PHE A 1 37  ? 1.512   2.838   2.773   1.00 5.14  ? 78  PHE A CZ  1 
ATOM   270  N N   . ARG A 1 38  ? 5.936   7.119   3.600   1.00 5.24  ? 79  ARG A N   1 
ATOM   271  C CA  . ARG A 1 38  ? 5.803   7.878   4.841   1.00 5.35  ? 79  ARG A CA  1 
ATOM   272  C C   . ARG A 1 38  ? 5.212   9.267   4.591   1.00 5.43  ? 79  ARG A C   1 
ATOM   273  O O   . ARG A 1 38  ? 4.235   9.659   5.235   1.00 5.42  ? 79  ARG A O   1 
ATOM   274  C CB  . ARG A 1 38  ? 7.164   8.008   5.520   1.00 5.38  ? 79  ARG A CB  1 
ATOM   275  C CG  . ARG A 1 38  ? 7.120   8.662   6.898   1.00 5.38  ? 79  ARG A CG  1 
ATOM   276  C CD  . ARG A 1 38  ? 8.469   9.261   7.269   1.00 4.95  ? 79  ARG A CD  1 
ATOM   277  N NE  . ARG A 1 38  ? 8.811   10.374  6.384   1.00 5.31  ? 79  ARG A NE  1 
ATOM   278  C CZ  . ARG A 1 38  ? 8.290   11.597  6.465   1.00 5.70  ? 79  ARG A CZ  1 
ATOM   279  N NH1 . ARG A 1 38  ? 7.387   11.900  7.391   1.00 6.39  ? 79  ARG A NH1 1 
ATOM   280  N NH2 . ARG A 1 38  ? 8.671   12.525  5.597   1.00 6.36  ? 79  ARG A NH2 1 
ATOM   281  N N   . ALA A 1 39  ? 5.798   10.004  3.650   1.00 5.48  ? 80  ALA A N   1 
ATOM   282  C CA  . ALA A 1 39  ? 5.347   11.366  3.348   1.00 5.68  ? 80  ALA A CA  1 
ATOM   283  C C   . ALA A 1 39  ? 3.943   11.393  2.737   1.00 5.99  ? 80  ALA A C   1 
ATOM   284  O O   . ALA A 1 39  ? 3.179   12.336  2.972   1.00 5.85  ? 80  ALA A O   1 
ATOM   285  C CB  . ALA A 1 39  ? 6.341   12.067  2.436   1.00 5.91  ? 80  ALA A CB  1 
ATOM   286  N N   . LEU A 1 40  ? 3.596   10.372  1.955   1.00 5.97  ? 81  LEU A N   1 
ATOM   287  C CA  . LEU A 1 40  ? 2.244   10.266  1.395   1.00 5.98  ? 81  LEU A CA  1 
ATOM   288  C C   . LEU A 1 40  ? 1.205   9.971   2.481   1.00 6.20  ? 81  LEU A C   1 
ATOM   289  O O   . LEU A 1 40  ? 0.046   10.372  2.354   1.00 6.24  ? 81  LEU A O   1 
ATOM   290  C CB  . LEU A 1 40  ? 2.190   9.215   0.277   1.00 6.15  ? 81  LEU A CB  1 
ATOM   291  C CG  . LEU A 1 40  ? 2.949   9.581   -1.005  1.00 6.12  ? 81  LEU A CG  1 
ATOM   292  C CD1 . LEU A 1 40  ? 3.010   8.398   -1.968  1.00 5.99  ? 81  LEU A CD1 1 
ATOM   293  C CD2 . LEU A 1 40  ? 2.335   10.799  -1.690  1.00 6.47  ? 81  LEU A CD2 1 
ATOM   294  N N   . CYS A 1 41  ? 1.626   9.295   3.551   1.00 6.31  ? 82  CYS A N   1 
ATOM   295  C CA  . CYS A 1 41  ? 0.760   9.071   4.713   1.00 6.35  ? 82  CYS A CA  1 
ATOM   296  C C   . CYS A 1 41  ? 0.515   10.353  5.509   1.00 6.70  ? 82  CYS A C   1 
ATOM   297  O O   . CYS A 1 41  ? -0.611  10.612  5.925   1.00 6.62  ? 82  CYS A O   1 
ATOM   298  C CB  . CYS A 1 41  ? 1.339   7.994   5.635   1.00 6.17  ? 82  CYS A CB  1 
ATOM   299  S SG  . CYS A 1 41  ? 1.138   6.308   5.014   1.00 5.99  ? 82  CYS A SG  1 
ATOM   300  N N   . THR A 1 42  ? 1.560   11.149  5.724   1.00 7.05  ? 83  THR A N   1 
ATOM   301  C CA  . THR A 1 42  ? 1.412   12.406  6.474   1.00 7.14  ? 83  THR A CA  1 
ATOM   302  C C   . THR A 1 42  ? 0.759   13.513  5.643   1.00 7.58  ? 83  THR A C   1 
ATOM   303  O O   . THR A 1 42  ? 0.170   14.445  6.197   1.00 7.86  ? 83  THR A O   1 
ATOM   304  C CB  . THR A 1 42  ? 2.760   12.957  6.975   1.00 7.10  ? 83  THR A CB  1 
ATOM   305  O OG1 . THR A 1 42  ? 3.548   13.386  5.859   1.00 6.57  ? 83  THR A OG1 1 
ATOM   306  C CG2 . THR A 1 42  ? 3.520   11.916  7.792   1.00 7.05  ? 83  THR A CG2 1 
ATOM   307  N N   . GLY A 1 43  ? 0.902   13.429  4.323   1.00 7.78  ? 84  GLY A N   1 
ATOM   308  C CA  . GLY A 1 43  ? 0.382   14.452  3.417   1.00 8.19  ? 84  GLY A CA  1 
ATOM   309  C C   . GLY A 1 43  ? 1.202   15.729  3.424   1.00 8.47  ? 84  GLY A C   1 
ATOM   310  O O   . GLY A 1 43  ? 0.760   16.752  2.902   1.00 8.66  ? 84  GLY A O   1 
ATOM   311  N N   . GLU A 1 44  ? 2.407   15.673  3.986   1.00 8.92  ? 85  GLU A N   1 
ATOM   312  C CA  . GLU A 1 44  ? 3.208   16.882  4.222   1.00 9.31  ? 85  GLU A CA  1 
ATOM   313  C C   . GLU A 1 44  ? 3.700   17.600  2.959   1.00 9.82  ? 85  GLU A C   1 
ATOM   314  O O   . GLU A 1 44  ? 4.090   18.766  3.038   1.00 9.76  ? 85  GLU A O   1 
ATOM   315  C CB  . GLU A 1 44  ? 4.397   16.563  5.134   1.00 9.36  ? 85  GLU A CB  1 
ATOM   316  C CG  . GLU A 1 44  ? 5.438   15.641  4.526   1.00 9.59  ? 85  GLU A CG  1 
ATOM   317  C CD  . GLU A 1 44  ? 6.388   15.085  5.561   1.00 9.45  ? 85  GLU A CD  1 
ATOM   318  O OE1 . GLU A 1 44  ? 5.922   14.400  6.500   1.00 8.71  ? 85  GLU A OE1 1 
ATOM   319  O OE2 . GLU A 1 44  ? 7.605   15.334  5.434   1.00 10.01 ? 85  GLU A OE2 1 
ATOM   320  N N   . LYS A 1 45  ? 3.689   16.923  1.811   1.00 10.13 ? 86  LYS A N   1 
ATOM   321  C CA  . LYS A 1 45  ? 4.078   17.551  0.543   1.00 10.36 ? 86  LYS A CA  1 
ATOM   322  C C   . LYS A 1 45  ? 2.903   18.242  -0.156  1.00 10.32 ? 86  LYS A C   1 
ATOM   323  O O   . LYS A 1 45  ? 3.083   18.838  -1.221  1.00 10.62 ? 86  LYS A O   1 
ATOM   324  C CB  . LYS A 1 45  ? 4.692   16.524  -0.417  1.00 10.56 ? 86  LYS A CB  1 
ATOM   325  C CG  . LYS A 1 45  ? 5.802   15.667  0.174   1.00 11.31 ? 86  LYS A CG  1 
ATOM   326  C CD  . LYS A 1 45  ? 6.995   16.486  0.624   1.00 12.21 ? 86  LYS A CD  1 
ATOM   327  C CE  . LYS A 1 45  ? 8.116   15.579  1.115   1.00 13.01 ? 86  LYS A CE  1 
ATOM   328  N NZ  . LYS A 1 45  ? 9.312   16.349  1.559   1.00 13.51 ? 86  LYS A NZ  1 
ATOM   329  N N   . GLY A 1 46  ? 1.709   18.159  0.431   1.00 9.93  ? 87  GLY A N   1 
ATOM   330  C CA  . GLY A 1 46  ? 0.509   18.778  -0.137  1.00 9.72  ? 87  GLY A CA  1 
ATOM   331  C C   . GLY A 1 46  ? -0.409  17.803  -0.857  1.00 9.52  ? 87  GLY A C   1 
ATOM   332  O O   . GLY A 1 46  ? -1.406  18.209  -1.456  1.00 9.81  ? 87  GLY A O   1 
ATOM   333  N N   . PHE A 1 47  ? -0.068  16.516  -0.805  1.00 9.27  ? 88  PHE A N   1 
ATOM   334  C CA  . PHE A 1 47  ? -0.885  15.456  -1.391  1.00 8.92  ? 88  PHE A CA  1 
ATOM   335  C C   . PHE A 1 47  ? -0.532  14.126  -0.726  1.00 8.61  ? 88  PHE A C   1 
ATOM   336  O O   . PHE A 1 47  ? 0.500   14.005  -0.064  1.00 8.38  ? 88  PHE A O   1 
ATOM   337  C CB  . PHE A 1 47  ? -0.664  15.370  -2.906  1.00 9.08  ? 88  PHE A CB  1 
ATOM   338  C CG  . PHE A 1 47  ? 0.783   15.255  -3.308  1.00 9.36  ? 88  PHE A CG  1 
ATOM   339  C CD1 . PHE A 1 47  ? 1.397   14.011  -3.404  1.00 9.66  ? 88  PHE A CD1 1 
ATOM   340  C CD2 . PHE A 1 47  ? 1.531   16.391  -3.593  1.00 10.14 ? 88  PHE A CD2 1 
ATOM   341  C CE1 . PHE A 1 47  ? 2.732   13.902  -3.773  1.00 10.11 ? 88  PHE A CE1 1 
ATOM   342  C CE2 . PHE A 1 47  ? 2.867   16.291  -3.964  1.00 10.34 ? 88  PHE A CE2 1 
ATOM   343  C CZ  . PHE A 1 47  ? 3.468   15.044  -4.056  1.00 10.69 ? 88  PHE A CZ  1 
ATOM   344  N N   . GLY A 1 48  ? -1.392  13.130  -0.903  1.00 8.06  ? 89  GLY A N   1 
ATOM   345  C CA  . GLY A 1 48  ? -1.157  11.827  -0.295  1.00 7.99  ? 89  GLY A CA  1 
ATOM   346  C C   . GLY A 1 48  ? -2.381  10.941  -0.260  1.00 7.87  ? 89  GLY A C   1 
ATOM   347  O O   . GLY A 1 48  ? -3.347  11.165  -0.986  1.00 7.80  ? 89  GLY A O   1 
ATOM   348  N N   . TYR A 1 49  ? -2.341  9.938   0.614   1.00 7.76  ? 90  TYR A N   1 
ATOM   349  C CA  . TYR A 1 49  ? -3.333  8.870   0.612   1.00 7.74  ? 90  TYR A CA  1 
ATOM   350  C C   . TYR A 1 49  ? -4.667  9.230   1.256   1.00 8.07  ? 90  TYR A C   1 
ATOM   351  O O   . TYR A 1 49  ? -5.650  8.523   1.043   1.00 8.20  ? 90  TYR A O   1 
ATOM   352  C CB  . TYR A 1 49  ? -2.778  7.622   1.308   1.00 7.52  ? 90  TYR A CB  1 
ATOM   353  C CG  . TYR A 1 49  ? -1.574  7.003   0.626   1.00 6.73  ? 90  TYR A CG  1 
ATOM   354  C CD1 . TYR A 1 49  ? -1.599  6.676   -0.730  1.00 6.38  ? 90  TYR A CD1 1 
ATOM   355  C CD2 . TYR A 1 49  ? -0.420  6.713   1.346   1.00 5.52  ? 90  TYR A CD2 1 
ATOM   356  C CE1 . TYR A 1 49  ? -0.503  6.094   -1.352  1.00 6.50  ? 90  TYR A CE1 1 
ATOM   357  C CE2 . TYR A 1 49  ? 0.683   6.130   0.734   1.00 5.45  ? 90  TYR A CE2 1 
ATOM   358  C CZ  . TYR A 1 49  ? 0.637   5.825   -0.616  1.00 5.82  ? 90  TYR A CZ  1 
ATOM   359  O OH  . TYR A 1 49  ? 1.729   5.246   -1.221  1.00 6.14  ? 90  TYR A OH  1 
ATOM   360  N N   . LYS A 1 50  ? -4.714  10.299  2.052   1.00 8.52  ? 91  LYS A N   1 
ATOM   361  C CA  . LYS A 1 50  ? -5.948  10.636  2.766   1.00 9.03  ? 91  LYS A CA  1 
ATOM   362  C C   . LYS A 1 50  ? -7.093  10.808  1.773   1.00 9.26  ? 91  LYS A C   1 
ATOM   363  O O   . LYS A 1 50  ? -6.991  11.602  0.840   1.00 9.49  ? 91  LYS A O   1 
ATOM   364  C CB  . LYS A 1 50  ? -5.786  11.909  3.601   1.00 9.26  ? 91  LYS A CB  1 
ATOM   365  C CG  . LYS A 1 50  ? -7.011  12.239  4.447   1.00 10.49 ? 91  LYS A CG  1 
ATOM   366  C CD  . LYS A 1 50  ? -6.860  13.572  5.153   1.00 11.86 ? 91  LYS A CD  1 
ATOM   367  C CE  . LYS A 1 50  ? -8.044  13.846  6.063   1.00 12.85 ? 91  LYS A CE  1 
ATOM   368  N NZ  . LYS A 1 50  ? -8.046  12.949  7.246   1.00 14.13 ? 91  LYS A NZ  1 
ATOM   369  N N   . GLY A 1 51  ? -8.164  10.042  1.968   1.00 9.51  ? 92  GLY A N   1 
ATOM   370  C CA  . GLY A 1 51  ? -9.356  10.135  1.123   1.00 9.94  ? 92  GLY A CA  1 
ATOM   371  C C   . GLY A 1 51  ? -9.378  9.211   -0.086  1.00 10.29 ? 92  GLY A C   1 
ATOM   372  O O   . GLY A 1 51  ? -10.404 9.108   -0.764  1.00 10.99 ? 92  GLY A O   1 
ATOM   373  N N   . SER A 1 52  ? -8.259  8.542   -0.363  1.00 10.40 ? 93  SER A N   1 
ATOM   374  C CA  . SER A 1 52  ? -8.163  7.636   -1.508  1.00 10.38 ? 93  SER A CA  1 
ATOM   375  C C   . SER A 1 52  ? -8.670  6.239   -1.138  1.00 9.91  ? 93  SER A C   1 
ATOM   376  O O   . SER A 1 52  ? -8.998  5.978   0.022   1.00 10.18 ? 93  SER A O   1 
ATOM   377  C CB  . SER A 1 52  ? -6.726  7.583   -2.039  1.00 10.58 ? 93  SER A CB  1 
ATOM   378  O OG  . SER A 1 52  ? -5.840  7.002   -1.105  1.00 11.13 ? 93  SER A OG  1 
ATOM   379  N N   . THR A 1 53  ? -8.731  5.351   -2.128  1.00 9.17  ? 94  THR A N   1 
ATOM   380  C CA  . THR A 1 53  ? -9.437  4.080   -1.987  1.00 8.88  ? 94  THR A CA  1 
ATOM   381  C C   . THR A 1 53  ? -8.555  2.860   -2.196  1.00 8.36  ? 94  THR A C   1 
ATOM   382  O O   . THR A 1 53  ? -7.480  2.947   -2.793  1.00 8.37  ? 94  THR A O   1 
ATOM   383  C CB  . THR A 1 53  ? -10.580 3.974   -3.021  1.00 8.79  ? 94  THR A CB  1 
ATOM   384  O OG1 . THR A 1 53  ? -10.032 3.852   -4.342  1.00 9.26  ? 94  THR A OG1 1 
ATOM   385  C CG2 . THR A 1 53  ? -11.492 5.201   -2.951  1.00 9.45  ? 94  THR A CG2 1 
ATOM   386  N N   . PHE A 1 54  ? -9.028  1.722   -1.697  1.00 7.85  ? 95  PHE A N   1 
ATOM   387  C CA  . PHE A 1 54  ? -8.566  0.424   -2.182  1.00 7.57  ? 95  PHE A CA  1 
ATOM   388  C C   . PHE A 1 54  ? -9.422  0.083   -3.399  1.00 7.63  ? 95  PHE A C   1 
ATOM   389  O O   . PHE A 1 54  ? -10.590 -0.285  -3.256  1.00 7.83  ? 95  PHE A O   1 
ATOM   390  C CB  . PHE A 1 54  ? -8.708  -0.660  -1.111  1.00 7.40  ? 95  PHE A CB  1 
ATOM   391  C CG  . PHE A 1 54  ? -7.613  -0.647  -0.081  1.00 7.28  ? 95  PHE A CG  1 
ATOM   392  C CD1 . PHE A 1 54  ? -7.633  0.263   0.970   1.00 7.57  ? 95  PHE A CD1 1 
ATOM   393  C CD2 . PHE A 1 54  ? -6.564  -1.551  -0.157  1.00 7.49  ? 95  PHE A CD2 1 
ATOM   394  C CE1 . PHE A 1 54  ? -6.622  0.271   1.927   1.00 7.71  ? 95  PHE A CE1 1 
ATOM   395  C CE2 . PHE A 1 54  ? -5.551  -1.551  0.797   1.00 7.56  ? 95  PHE A CE2 1 
ATOM   396  C CZ  . PHE A 1 54  ? -5.581  -0.637  1.840   1.00 8.11  ? 95  PHE A CZ  1 
ATOM   397  N N   . HIS A 1 55  ? -8.847  0.232   -4.589  1.00 7.38  ? 96  HIS A N   1 
ATOM   398  C CA  . HIS A 1 55  ? -9.592  0.103   -5.849  1.00 7.38  ? 96  HIS A CA  1 
ATOM   399  C C   . HIS A 1 55  ? -9.522  -1.294  -6.470  1.00 7.48  ? 96  HIS A C   1 
ATOM   400  O O   . HIS A 1 55  ? -10.350 -1.633  -7.317  1.00 7.47  ? 96  HIS A O   1 
ATOM   401  C CB  . HIS A 1 55  ? -9.079  1.126   -6.867  1.00 7.41  ? 96  HIS A CB  1 
ATOM   402  C CG  . HIS A 1 55  ? -7.681  0.861   -7.330  1.00 7.37  ? 96  HIS A CG  1 
ATOM   403  N ND1 . HIS A 1 55  ? -6.572  1.292   -6.633  1.00 7.59  ? 96  HIS A ND1 1 
ATOM   404  C CD2 . HIS A 1 55  ? -7.210  0.196   -8.412  1.00 7.54  ? 96  HIS A CD2 1 
ATOM   405  C CE1 . HIS A 1 55  ? -5.480  0.905   -7.268  1.00 7.36  ? 96  HIS A CE1 1 
ATOM   406  N NE2 . HIS A 1 55  ? -5.840  0.233   -8.348  1.00 7.92  ? 96  HIS A NE2 1 
ATOM   407  N N   . ARG A 1 56  ? -8.533  -2.086  -6.063  1.00 7.45  ? 97  ARG A N   1 
ATOM   408  C CA  . ARG A 1 56  ? -8.306  -3.412  -6.635  1.00 7.78  ? 97  ARG A CA  1 
ATOM   409  C C   . ARG A 1 56  ? -8.004  -4.384  -5.506  1.00 7.65  ? 97  ARG A C   1 
ATOM   410  O O   . ARG A 1 56  ? -6.959  -4.291  -4.864  1.00 7.71  ? 97  ARG A O   1 
ATOM   411  C CB  . ARG A 1 56  ? -7.157  -3.364  -7.656  1.00 7.85  ? 97  ARG A CB  1 
ATOM   412  C CG  . ARG A 1 56  ? -6.679  -4.727  -8.180  1.00 9.18  ? 97  ARG A CG  1 
ATOM   413  C CD  A ARG A 1 56  ? -5.752  -4.725  -9.405  0.50 9.87  ? 97  ARG A CD  1 
ATOM   414  C CD  B ARG A 1 56  ? -5.725  -4.414  -9.327  0.50 9.69  ? 97  ARG A CD  1 
ATOM   415  N NE  A ARG A 1 56  ? -5.365  -6.093  -9.811  0.60 10.43 ? 97  ARG A NE  1 
ATOM   416  N NE  B ARG A 1 56  ? -4.858  -5.545  -9.660  0.40 10.03 ? 97  ARG A NE  1 
ATOM   417  C CZ  A ARG A 1 56  ? -4.113  -6.495  -9.999  0.40 10.78 ? 97  ARG A CZ  1 
ATOM   418  C CZ  B ARG A 1 56  ? -5.145  -6.474  -10.567 0.30 10.18 ? 97  ARG A CZ  1 
ATOM   419  N NH1 A ARG A 1 56  ? -3.109  -5.644  -9.834  0.40 10.62 ? 97  ARG A NH1 1 
ATOM   420  N NH1 B ARG A 1 56  ? -6.283  -6.419  -11.239 0.20 10.16 ? 97  ARG A NH1 1 
ATOM   421  N NH2 A ARG A 1 56  ? -3.862  -7.746  -10.359 0.40 11.17 ? 97  ARG A NH2 1 
ATOM   422  N NH2 B ARG A 1 56  ? -4.291  -7.462  -10.799 0.20 10.11 ? 97  ARG A NH2 1 
ATOM   423  N N   . VAL A 1 57  ? -8.937  -5.299  -5.251  1.00 7.55  ? 98  VAL A N   1 
ATOM   424  C CA  . VAL A 1 57  ? -8.807  -6.260  -4.160  1.00 7.72  ? 98  VAL A CA  1 
ATOM   425  C C   . VAL A 1 57  ? -9.179  -7.648  -4.668  1.00 7.82  ? 98  VAL A C   1 
ATOM   426  O O   . VAL A 1 57  ? -10.292 -7.856  -5.156  1.00 7.92  ? 98  VAL A O   1 
ATOM   427  C CB  . VAL A 1 57  ? -9.718  -5.879  -2.972  1.00 7.66  ? 98  VAL A CB  1 
ATOM   428  C CG1 . VAL A 1 57  ? -9.630  -6.921  -1.873  1.00 7.76  ? 98  VAL A CG1 1 
ATOM   429  C CG2 . VAL A 1 57  ? -9.353  -4.496  -2.432  1.00 7.76  ? 98  VAL A CG2 1 
ATOM   430  N N   . ILE A 1 58  ? -8.237  -8.586  -4.565  1.00 8.02  ? 99  ILE A N   1 
ATOM   431  C CA  . ILE A 1 58  ? -8.420  -9.944  -5.073  1.00 8.32  ? 99  ILE A CA  1 
ATOM   432  C C   . ILE A 1 58  ? -8.241  -10.939 -3.925  1.00 8.45  ? 99  ILE A C   1 
ATOM   433  O O   . ILE A 1 58  ? -7.144  -11.044 -3.367  1.00 8.26  ? 99  ILE A O   1 
ATOM   434  C CB  . ILE A 1 58  ? -7.420  -10.260 -6.205  1.00 8.28  ? 99  ILE A CB  1 
ATOM   435  C CG1 . ILE A 1 58  ? -7.608  -9.280  -7.369  1.00 8.81  ? 99  ILE A CG1 1 
ATOM   436  C CG2 . ILE A 1 58  ? -7.601  -11.693 -6.694  1.00 8.82  ? 99  ILE A CG2 1 
ATOM   437  C CD1 . ILE A 1 58  ? -6.647  -9.505  -8.512  1.00 9.58  ? 99  ILE A CD1 1 
ATOM   438  N N   . PRO A 1 59  ? -9.320  -11.657 -3.557  1.00 9.07  ? 100 PRO A N   1 
ATOM   439  C CA  . PRO A 1 59  ? -9.232  -12.635 -2.472  1.00 9.31  ? 100 PRO A CA  1 
ATOM   440  C C   . PRO A 1 59  ? -8.152  -13.689 -2.699  1.00 9.52  ? 100 PRO A C   1 
ATOM   441  O O   . PRO A 1 59  ? -7.952  -14.141 -3.830  1.00 9.53  ? 100 PRO A O   1 
ATOM   442  C CB  . PRO A 1 59  ? -10.624 -13.277 -2.460  1.00 9.36  ? 100 PRO A CB  1 
ATOM   443  C CG  . PRO A 1 59  ? -11.518 -12.238 -3.017  1.00 9.53  ? 100 PRO A CG  1 
ATOM   444  C CD  . PRO A 1 59  ? -10.704 -11.511 -4.048  1.00 9.13  ? 100 PRO A CD  1 
ATOM   445  N N   . SER A 1 60  ? -7.462  -14.052 -1.619  1.00 9.79  ? 101 SER A N   1 
ATOM   446  C CA  . SER A 1 60  ? -6.325  -14.977 -1.650  1.00 10.00 ? 101 SER A CA  1 
ATOM   447  C C   . SER A 1 60  ? -5.174  -14.477 -2.529  1.00 9.70  ? 101 SER A C   1 
ATOM   448  O O   . SER A 1 60  ? -4.419  -15.273 -3.087  1.00 9.94  ? 101 SER A O   1 
ATOM   449  C CB  . SER A 1 60  ? -6.771  -16.383 -2.074  1.00 10.24 ? 101 SER A CB  1 
ATOM   450  O OG  . SER A 1 60  ? -7.712  -16.905 -1.151  1.00 12.17 ? 101 SER A OG  1 
ATOM   451  N N   . PHE A 1 61  ? -5.036  -13.158 -2.634  1.00 9.32  ? 102 PHE A N   1 
ATOM   452  C CA  . PHE A 1 61  ? -3.920  -12.559 -3.355  1.00 9.12  ? 102 PHE A CA  1 
ATOM   453  C C   . PHE A 1 61  ? -3.453  -11.273 -2.659  1.00 8.80  ? 102 PHE A C   1 
ATOM   454  O O   . PHE A 1 61  ? -2.454  -11.297 -1.939  1.00 8.65  ? 102 PHE A O   1 
ATOM   455  C CB  . PHE A 1 61  ? -4.297  -12.339 -4.833  1.00 9.14  ? 102 PHE A CB  1 
ATOM   456  C CG  . PHE A 1 61  ? -3.203  -11.726 -5.684  1.00 9.79  ? 102 PHE A CG  1 
ATOM   457  C CD1 . PHE A 1 61  ? -1.860  -11.780 -5.313  1.00 10.48 ? 102 PHE A CD1 1 
ATOM   458  C CD2 . PHE A 1 61  ? -3.530  -11.119 -6.891  1.00 11.15 ? 102 PHE A CD2 1 
ATOM   459  C CE1 . PHE A 1 61  ? -0.880  -11.210 -6.114  1.00 11.20 ? 102 PHE A CE1 1 
ATOM   460  C CE2 . PHE A 1 61  ? -2.551  -10.558 -7.700  1.00 11.46 ? 102 PHE A CE2 1 
ATOM   461  C CZ  . PHE A 1 61  ? -1.226  -10.603 -7.309  1.00 11.41 ? 102 PHE A CZ  1 
ATOM   462  N N   . MET A 1 62  ? -4.173  -10.169 -2.843  1.00 8.60  ? 103 MET A N   1 
ATOM   463  C CA  . MET A 1 62  ? -3.703  -8.873  -2.348  1.00 8.35  ? 103 MET A CA  1 
ATOM   464  C C   . MET A 1 62  ? -4.794  -7.805  -2.310  1.00 7.66  ? 103 MET A C   1 
ATOM   465  O O   . MET A 1 62  ? -5.831  -7.930  -2.964  1.00 7.35  ? 103 MET A O   1 
ATOM   466  C CB  A MET A 1 62  ? -2.488  -8.400  -3.155  0.70 8.66  ? 103 MET A CB  1 
ATOM   467  C CB  B MET A 1 62  ? -2.571  -8.352  -3.250  0.30 8.45  ? 103 MET A CB  1 
ATOM   468  C CG  A MET A 1 62  ? -2.730  -8.232  -4.634  0.70 9.51  ? 103 MET A CG  1 
ATOM   469  C CG  B MET A 1 62  ? -2.942  -8.286  -4.744  0.30 8.93  ? 103 MET A CG  1 
ATOM   470  S SD  A MET A 1 62  ? -3.347  -6.593  -5.000  0.70 10.80 ? 103 MET A SD  1 
ATOM   471  S SD  B MET A 1 62  ? -2.264  -6.877  -5.655  0.30 9.94  ? 103 MET A SD  1 
ATOM   472  C CE  A MET A 1 62  ? -3.613  -6.728  -6.762  0.70 11.81 ? 103 MET A CE  1 
ATOM   473  C CE  B MET A 1 62  ? -2.872  -7.214  -7.306  0.30 9.43  ? 103 MET A CE  1 
ATOM   474  N N   . CYS A 1 63  ? -4.534  -6.751  -1.541  1.00 6.87  ? 104 CYS A N   1 
ATOM   475  C CA  . CYS A 1 63  ? -5.391  -5.567  -1.494  1.00 6.57  ? 104 CYS A CA  1 
ATOM   476  C C   . CYS A 1 63  ? -4.576  -4.364  -1.955  1.00 6.31  ? 104 CYS A C   1 
ATOM   477  O O   . CYS A 1 63  ? -3.571  -4.033  -1.326  1.00 5.97  ? 104 CYS A O   1 
ATOM   478  C CB  . CYS A 1 63  ? -5.886  -5.322  -0.066  1.00 6.47  ? 104 CYS A CB  1 
ATOM   479  S SG  . CYS A 1 63  ? -6.625  -6.746  0.758   1.00 7.09  ? 104 CYS A SG  1 
ATOM   480  N N   . GLN A 1 64  ? -5.013  -3.712  -3.033  1.00 6.04  ? 105 GLN A N   1 
ATOM   481  C CA  . GLN A 1 64  ? -4.244  -2.638  -3.673  1.00 6.07  ? 105 GLN A CA  1 
ATOM   482  C C   . GLN A 1 64  ? -4.942  -1.284  -3.546  1.00 6.08  ? 105 GLN A C   1 
ATOM   483  O O   . GLN A 1 64  ? -6.158  -1.181  -3.718  1.00 6.36  ? 105 GLN A O   1 
ATOM   484  C CB  . GLN A 1 64  ? -4.012  -2.964  -5.150  1.00 6.19  ? 105 GLN A CB  1 
ATOM   485  C CG  . GLN A 1 64  ? -3.166  -1.944  -5.909  1.00 6.67  ? 105 GLN A CG  1 
ATOM   486  C CD  . GLN A 1 64  ? -2.812  -2.406  -7.310  1.00 7.23  ? 105 GLN A CD  1 
ATOM   487  O OE1 . GLN A 1 64  ? -2.715  -3.604  -7.576  1.00 8.61  ? 105 GLN A OE1 1 
ATOM   488  N NE2 . GLN A 1 64  ? -2.600  -1.454  -8.212  1.00 7.27  ? 105 GLN A NE2 1 
ATOM   489  N N   . ALA A 1 65  ? -4.146  -0.255  -3.273  1.00 6.04  ? 106 ALA A N   1 
ATOM   490  C CA  . ALA A 1 65  ? -4.641  1.099   -3.054  1.00 6.27  ? 106 ALA A CA  1 
ATOM   491  C C   . ALA A 1 65  ? -3.608  2.110   -3.537  1.00 6.56  ? 106 ALA A C   1 
ATOM   492  O O   . ALA A 1 65  ? -2.588  1.733   -4.114  1.00 6.99  ? 106 ALA A O   1 
ATOM   493  C CB  . ALA A 1 65  ? -4.921  1.313   -1.573  1.00 6.28  ? 106 ALA A CB  1 
ATOM   494  N N   . GLY A 1 66  ? -3.884  3.392   -3.310  1.00 7.30  ? 107 GLY A N   1 
ATOM   495  C CA  . GLY A 1 66  ? -2.880  4.439   -3.483  1.00 7.71  ? 107 GLY A CA  1 
ATOM   496  C C   . GLY A 1 66  ? -2.973  5.314   -4.717  1.00 8.18  ? 107 GLY A C   1 
ATOM   497  O O   . GLY A 1 66  ? -2.126  6.184   -4.901  1.00 7.81  ? 107 GLY A O   1 
ATOM   498  N N   . ASP A 1 67  ? -3.977  5.098   -5.567  1.00 8.51  ? 108 ASP A N   1 
ATOM   499  C CA  . ASP A 1 67  ? -4.187  5.974   -6.721  1.00 9.25  ? 108 ASP A CA  1 
ATOM   500  C C   . ASP A 1 67  ? -5.033  7.166   -6.286  1.00 9.97  ? 108 ASP A C   1 
ATOM   501  O O   . ASP A 1 67  ? -6.252  7.179   -6.457  1.00 9.92  ? 108 ASP A O   1 
ATOM   502  C CB  . ASP A 1 67  ? -4.855  5.225   -7.882  1.00 9.14  ? 108 ASP A CB  1 
ATOM   503  C CG  . ASP A 1 67  ? -4.997  6.084   -9.131  1.00 9.42  ? 108 ASP A CG  1 
ATOM   504  O OD1 . ASP A 1 67  ? -4.700  7.297   -9.073  1.00 9.73  ? 108 ASP A OD1 1 
ATOM   505  O OD2 . ASP A 1 67  ? -5.414  5.544   -10.180 1.00 9.67  ? 108 ASP A OD2 1 
ATOM   506  N N   . PHE A 1 68  ? -4.375  8.178   -5.725  1.00 10.85 ? 109 PHE A N   1 
ATOM   507  C CA  . PHE A 1 68  ? -5.088  9.343   -5.192  1.00 11.74 ? 109 PHE A CA  1 
ATOM   508  C C   . PHE A 1 68  ? -5.346  10.429  -6.237  1.00 12.67 ? 109 PHE A C   1 
ATOM   509  O O   . PHE A 1 68  ? -5.942  11.458  -5.919  1.00 13.34 ? 109 PHE A O   1 
ATOM   510  C CB  . PHE A 1 68  ? -4.380  9.927   -3.955  1.00 11.62 ? 109 PHE A CB  1 
ATOM   511  C CG  . PHE A 1 68  ? -2.933  10.285  -4.172  1.00 11.19 ? 109 PHE A CG  1 
ATOM   512  C CD1 . PHE A 1 68  ? -2.580  11.479  -4.784  1.00 11.04 ? 109 PHE A CD1 1 
ATOM   513  C CD2 . PHE A 1 68  ? -1.924  9.439   -3.731  1.00 10.99 ? 109 PHE A CD2 1 
ATOM   514  C CE1 . PHE A 1 68  ? -1.246  11.812  -4.974  1.00 11.25 ? 109 PHE A CE1 1 
ATOM   515  C CE2 . PHE A 1 68  ? -0.593  9.767   -3.915  1.00 11.64 ? 109 PHE A CE2 1 
ATOM   516  C CZ  . PHE A 1 68  ? -0.252  10.950  -4.539  1.00 11.46 ? 109 PHE A CZ  1 
ATOM   517  N N   . THR A 1 69  ? -4.914  10.198  -7.477  1.00 13.75 ? 110 THR A N   1 
ATOM   518  C CA  . THR A 1 69  ? -5.179  11.125  -8.576  1.00 14.59 ? 110 THR A CA  1 
ATOM   519  C C   . THR A 1 69  ? -6.366  10.659  -9.427  1.00 15.34 ? 110 THR A C   1 
ATOM   520  O O   . THR A 1 69  ? -7.264  11.449  -9.721  1.00 15.67 ? 110 THR A O   1 
ATOM   521  C CB  . THR A 1 69  ? -3.937  11.311  -9.473  1.00 14.52 ? 110 THR A CB  1 
ATOM   522  O OG1 . THR A 1 69  ? -3.543  10.053  -10.034 1.00 14.89 ? 110 THR A OG1 1 
ATOM   523  C CG2 . THR A 1 69  ? -2.774  11.891  -8.672  1.00 14.86 ? 110 THR A CG2 1 
ATOM   524  N N   . ASN A 1 70  ? -6.367  9.382   -9.812  1.00 16.03 ? 111 ASN A N   1 
ATOM   525  C CA  . ASN A 1 70  ? -7.417  8.826   -10.683 1.00 16.55 ? 111 ASN A CA  1 
ATOM   526  C C   . ASN A 1 70  ? -8.360  7.814   -10.017 1.00 16.83 ? 111 ASN A C   1 
ATOM   527  O O   . ASN A 1 70  ? -9.399  7.469   -10.590 1.00 17.14 ? 111 ASN A O   1 
ATOM   528  C CB  . ASN A 1 70  ? -6.775  8.191   -11.921 1.00 16.71 ? 111 ASN A CB  1 
ATOM   529  C CG  . ASN A 1 70  ? -6.037  9.203   -12.783 1.00 17.14 ? 111 ASN A CG  1 
ATOM   530  O OD1 . ASN A 1 70  ? -6.222  10.415  -12.643 1.00 18.79 ? 111 ASN A OD1 1 
ATOM   531  N ND2 . ASN A 1 70  ? -5.200  8.708   -13.687 1.00 17.33 ? 111 ASN A ND2 1 
ATOM   532  N N   . HIS A 1 71  ? -7.994  7.324   -8.835  1.00 17.01 ? 112 HIS A N   1 
ATOM   533  C CA  . HIS A 1 71  ? -8.825  6.384   -8.063  1.00 17.13 ? 112 HIS A CA  1 
ATOM   534  C C   . HIS A 1 71  ? -9.246  5.115   -8.817  1.00 17.02 ? 112 HIS A C   1 
ATOM   535  O O   . HIS A 1 71  ? -10.205 4.446   -8.421  1.00 17.27 ? 112 HIS A O   1 
ATOM   536  C CB  . HIS A 1 71  ? -10.065 7.108   -7.524  1.00 17.26 ? 112 HIS A CB  1 
ATOM   537  C CG  . HIS A 1 71  ? -9.752  8.391   -6.821  1.00 17.77 ? 112 HIS A CG  1 
ATOM   538  N ND1 . HIS A 1 71  ? -9.227  8.432   -5.547  1.00 18.11 ? 112 HIS A ND1 1 
ATOM   539  C CD2 . HIS A 1 71  ? -9.880  9.680   -7.216  1.00 18.01 ? 112 HIS A CD2 1 
ATOM   540  C CE1 . HIS A 1 71  ? -9.048  9.690   -5.187  1.00 18.18 ? 112 HIS A CE1 1 
ATOM   541  N NE2 . HIS A 1 71  ? -9.438  10.467  -6.180  1.00 18.66 ? 112 HIS A NE2 1 
ATOM   542  N N   . ASN A 1 72  ? -8.526  4.777   -9.887  1.00 16.62 ? 113 ASN A N   1 
ATOM   543  C CA  . ASN A 1 72  ? -8.876  3.619   -10.717 1.00 16.24 ? 113 ASN A CA  1 
ATOM   544  C C   . ASN A 1 72  ? -7.721  2.670   -11.045 1.00 15.51 ? 113 ASN A C   1 
ATOM   545  O O   . ASN A 1 72  ? -7.940  1.632   -11.673 1.00 15.83 ? 113 ASN A O   1 
ATOM   546  C CB  . ASN A 1 72  ? -9.568  4.081   -12.009 1.00 16.39 ? 113 ASN A CB  1 
ATOM   547  C CG  . ASN A 1 72  ? -8.678  4.948   -12.889 1.00 16.90 ? 113 ASN A CG  1 
ATOM   548  O OD1 . ASN A 1 72  ? -7.451  4.944   -12.765 1.00 16.53 ? 113 ASN A OD1 1 
ATOM   549  N ND2 . ASN A 1 72  ? -9.298  5.689   -13.799 1.00 17.84 ? 113 ASN A ND2 1 
ATOM   550  N N   . GLY A 1 73  ? -6.506  3.011   -10.620 1.00 14.40 ? 114 GLY A N   1 
ATOM   551  C CA  . GLY A 1 73  ? -5.346  2.153   -10.828 1.00 13.67 ? 114 GLY A CA  1 
ATOM   552  C C   . GLY A 1 73  ? -4.412  2.595   -11.941 1.00 12.78 ? 114 GLY A C   1 
ATOM   553  O O   . GLY A 1 73  ? -3.392  1.953   -12.180 1.00 12.64 ? 114 GLY A O   1 
ATOM   554  N N   . THR A 1 74  ? -4.746  3.689   -12.623 1.00 12.12 ? 115 THR A N   1 
ATOM   555  C CA  . THR A 1 74  ? -3.886  4.222   -13.683 1.00 11.69 ? 115 THR A CA  1 
ATOM   556  C C   . THR A 1 74  ? -2.974  5.344   -13.193 1.00 11.33 ? 115 THR A C   1 
ATOM   557  O O   . THR A 1 74  ? -1.992  5.675   -13.857 1.00 11.54 ? 115 THR A O   1 
ATOM   558  C CB  . THR A 1 74  ? -4.715  4.770   -14.866 1.00 11.50 ? 115 THR A CB  1 
ATOM   559  O OG1 . THR A 1 74  ? -5.575  5.823   -14.411 1.00 12.23 ? 115 THR A OG1 1 
ATOM   560  C CG2 . THR A 1 74  ? -5.546  3.662   -15.504 1.00 11.34 ? 115 THR A CG2 1 
ATOM   561  N N   . GLY A 1 75  ? -3.298  5.921   -12.036 1.00 10.86 ? 116 GLY A N   1 
ATOM   562  C CA  . GLY A 1 75  ? -2.660  7.152   -11.582 1.00 10.59 ? 116 GLY A CA  1 
ATOM   563  C C   . GLY A 1 75  ? -1.783  7.017   -10.354 1.00 10.37 ? 116 GLY A C   1 
ATOM   564  O O   . GLY A 1 75  ? -1.186  5.965   -10.107 1.00 10.50 ? 116 GLY A O   1 
ATOM   565  N N   . GLY A 1 76  ? -1.721  8.100   -9.585  1.00 10.08 ? 117 GLY A N   1 
ATOM   566  C CA  . GLY A 1 76  ? -0.807  8.212   -8.460  1.00 9.74  ? 117 GLY A CA  1 
ATOM   567  C C   . GLY A 1 76  ? 0.474   8.914   -8.868  1.00 9.31  ? 117 GLY A C   1 
ATOM   568  O O   . GLY A 1 76  ? 0.796   9.009   -10.052 1.00 9.49  ? 117 GLY A O   1 
ATOM   569  N N   . LYS A 1 77  ? 1.200   9.416   -7.876  1.00 8.71  ? 118 LYS A N   1 
ATOM   570  C CA  . LYS A 1 77  ? 2.485   10.065  -8.093  1.00 8.32  ? 118 LYS A CA  1 
ATOM   571  C C   . LYS A 1 77  ? 3.311   9.988   -6.816  1.00 7.63  ? 118 LYS A C   1 
ATOM   572  O O   . LYS A 1 77  ? 2.760   9.867   -5.724  1.00 7.32  ? 118 LYS A O   1 
ATOM   573  C CB  . LYS A 1 77  ? 2.296   11.522  -8.526  1.00 8.62  ? 118 LYS A CB  1 
ATOM   574  C CG  . LYS A 1 77  ? 1.602   12.413  -7.504  1.00 9.53  ? 118 LYS A CG  1 
ATOM   575  C CD  . LYS A 1 77  ? 1.460   13.845  -8.016  1.00 11.02 ? 118 LYS A CD  1 
ATOM   576  C CE  . LYS A 1 77  ? 0.844   14.753  -6.970  1.00 12.15 ? 118 LYS A CE  1 
ATOM   577  N NZ  . LYS A 1 77  ? 0.685   16.149  -7.467  1.00 13.41 ? 118 LYS A NZ  1 
ATOM   578  N N   . SER A 1 78  ? 4.630   10.038  -6.960  1.00 7.14  ? 119 SER A N   1 
ATOM   579  C CA  . SER A 1 78  ? 5.529   9.966   -5.812  1.00 6.78  ? 119 SER A CA  1 
ATOM   580  C C   . SER A 1 78  ? 5.884   11.366  -5.330  1.00 6.68  ? 119 SER A C   1 
ATOM   581  O O   . SER A 1 78  ? 5.552   12.368  -5.968  1.00 6.42  ? 119 SER A O   1 
ATOM   582  C CB  . SER A 1 78  ? 6.797   9.180   -6.162  1.00 6.74  ? 119 SER A CB  1 
ATOM   583  O OG  . SER A 1 78  ? 7.731   9.971   -6.879  1.00 6.48  ? 119 SER A OG  1 
ATOM   584  N N   . ILE A 1 79  ? 6.572   11.430  -4.197  1.00 6.26  ? 120 ILE A N   1 
ATOM   585  C CA  . ILE A 1 79  ? 7.058   12.709  -3.688  1.00 6.21  ? 120 ILE A CA  1 
ATOM   586  C C   . ILE A 1 79  ? 8.253   13.237  -4.495  1.00 6.10  ? 120 ILE A C   1 
ATOM   587  O O   . ILE A 1 79  ? 8.669   14.371  -4.294  1.00 6.60  ? 120 ILE A O   1 
ATOM   588  C CB  . ILE A 1 79  ? 7.435   12.631  -2.189  1.00 6.19  ? 120 ILE A CB  1 
ATOM   589  C CG1 . ILE A 1 79  ? 8.614   11.680  -1.962  1.00 6.39  ? 120 ILE A CG1 1 
ATOM   590  C CG2 . ILE A 1 79  ? 6.222   12.211  -1.360  1.00 6.60  ? 120 ILE A CG2 1 
ATOM   591  C CD1 . ILE A 1 79  ? 9.156   11.722  -0.564  1.00 6.20  ? 120 ILE A CD1 1 
ATOM   592  N N   . TYR A 1 80  ? 8.798   12.412  -5.393  1.00 6.00  ? 121 TYR A N   1 
ATOM   593  C CA  . TYR A 1 80  ? 9.978   12.775  -6.190  1.00 5.96  ? 121 TYR A CA  1 
ATOM   594  C C   . TYR A 1 80  ? 9.639   13.267  -7.591  1.00 6.00  ? 121 TYR A C   1 
ATOM   595  O O   . TYR A 1 80  ? 10.453  13.931  -8.231  1.00 6.03  ? 121 TYR A O   1 
ATOM   596  C CB  . TYR A 1 80  ? 10.894  11.560  -6.335  1.00 5.95  ? 121 TYR A CB  1 
ATOM   597  C CG  . TYR A 1 80  ? 11.212  10.884  -5.029  1.00 5.58  ? 121 TYR A CG  1 
ATOM   598  C CD1 . TYR A 1 80  ? 11.899  11.560  -4.031  1.00 5.40  ? 121 TYR A CD1 1 
ATOM   599  C CD2 . TYR A 1 80  ? 10.827  9.570   -4.789  1.00 5.80  ? 121 TYR A CD2 1 
ATOM   600  C CE1 . TYR A 1 80  ? 12.195  10.950  -2.820  1.00 5.57  ? 121 TYR A CE1 1 
ATOM   601  C CE2 . TYR A 1 80  ? 11.117  8.949   -3.584  1.00 5.61  ? 121 TYR A CE2 1 
ATOM   602  C CZ  . TYR A 1 80  ? 11.805  9.642   -2.604  1.00 5.81  ? 121 TYR A CZ  1 
ATOM   603  O OH  . TYR A 1 80  ? 12.101  9.039   -1.402  1.00 5.99  ? 121 TYR A OH  1 
ATOM   604  N N   . GLY A 1 81  ? 8.449   12.915  -8.065  1.00 6.15  ? 122 GLY A N   1 
ATOM   605  C CA  . GLY A 1 81  ? 8.065   13.088  -9.463  1.00 6.42  ? 122 GLY A CA  1 
ATOM   606  C C   . GLY A 1 81  ? 6.965   12.091  -9.756  1.00 6.67  ? 122 GLY A C   1 
ATOM   607  O O   . GLY A 1 81  ? 6.463   11.444  -8.839  1.00 6.66  ? 122 GLY A O   1 
ATOM   608  N N   . SER A 1 82  ? 6.583   11.944  -11.019 1.00 6.87  ? 123 SER A N   1 
ATOM   609  C CA  . SER A 1 82  ? 5.455   11.067  -11.345 1.00 7.05  ? 123 SER A CA  1 
ATOM   610  C C   . SER A 1 82  ? 5.791   9.602   -11.069 1.00 7.06  ? 123 SER A C   1 
ATOM   611  O O   . SER A 1 82  ? 4.943   8.869   -10.570 1.00 6.94  ? 123 SER A O   1 
ATOM   612  C CB  . SER A 1 82  ? 4.986   11.260  -12.790 1.00 7.37  ? 123 SER A CB  1 
ATOM   613  O OG  . SER A 1 82  ? 5.952   10.817  -13.720 1.00 8.22  ? 123 SER A OG  1 
ATOM   614  N N   . ARG A 1 83  ? 7.022   9.195   -11.379 1.00 6.92  ? 124 ARG A N   1 
ATOM   615  C CA  . ARG A 1 83  ? 7.476   7.816   -11.183 1.00 7.08  ? 124 ARG A CA  1 
ATOM   616  C C   . ARG A 1 83  ? 8.907   7.784   -10.642 1.00 6.70  ? 124 ARG A C   1 
ATOM   617  O O   . ARG A 1 83  ? 9.653   8.746   -10.812 1.00 6.19  ? 124 ARG A O   1 
ATOM   618  C CB  . ARG A 1 83  ? 7.407   7.041   -12.503 1.00 7.51  ? 124 ARG A CB  1 
ATOM   619  C CG  . ARG A 1 83  ? 6.005   6.944   -13.124 1.00 9.02  ? 124 ARG A CG  1 
ATOM   620  C CD  . ARG A 1 83  ? 5.091   6.057   -12.303 1.00 10.77 ? 124 ARG A CD  1 
ATOM   621  N NE  . ARG A 1 83  ? 3.802   5.812   -12.953 1.00 12.17 ? 124 ARG A NE  1 
ATOM   622  C CZ  . ARG A 1 83  ? 2.662   6.455   -12.690 0.80 12.66 ? 124 ARG A CZ  1 
ATOM   623  N NH1 . ARG A 1 83  ? 2.602   7.415   -11.775 0.70 12.85 ? 124 ARG A NH1 1 
ATOM   624  N NH2 . ARG A 1 83  ? 1.558   6.129   -13.354 0.50 13.03 ? 124 ARG A NH2 1 
ATOM   625  N N   . PHE A 1 84  ? 9.284   6.692   -9.977  1.00 6.35  ? 125 PHE A N   1 
ATOM   626  C CA  . PHE A 1 84  ? 10.664  6.536   -9.515  1.00 6.22  ? 125 PHE A CA  1 
ATOM   627  C C   . PHE A 1 84  ? 11.161  5.087   -9.624  1.00 6.21  ? 125 PHE A C   1 
ATOM   628  O O   . PHE A 1 84  ? 10.360  4.160   -9.733  1.00 6.13  ? 125 PHE A O   1 
ATOM   629  C CB  . PHE A 1 84  ? 10.860  7.146   -8.105  1.00 6.20  ? 125 PHE A CB  1 
ATOM   630  C CG  . PHE A 1 84  ? 10.203  6.384   -6.985  1.00 5.95  ? 125 PHE A CG  1 
ATOM   631  C CD1 . PHE A 1 84  ? 8.843   6.513   -6.735  1.00 5.24  ? 125 PHE A CD1 1 
ATOM   632  C CD2 . PHE A 1 84  ? 10.962  5.593   -6.136  1.00 5.15  ? 125 PHE A CD2 1 
ATOM   633  C CE1 . PHE A 1 84  ? 8.247   5.825   -5.677  1.00 5.04  ? 125 PHE A CE1 1 
ATOM   634  C CE2 . PHE A 1 84  ? 10.373  4.905   -5.081  1.00 5.11  ? 125 PHE A CE2 1 
ATOM   635  C CZ  . PHE A 1 84  ? 9.017   5.025   -4.851  1.00 5.03  ? 125 PHE A CZ  1 
ATOM   636  N N   . PRO A 1 85  ? 12.491  4.894   -9.649  1.00 6.24  ? 126 PRO A N   1 
ATOM   637  C CA  . PRO A 1 85  ? 13.053  3.566   -9.924  1.00 6.25  ? 126 PRO A CA  1 
ATOM   638  C C   . PRO A 1 85  ? 12.800  2.508   -8.856  1.00 5.96  ? 126 PRO A C   1 
ATOM   639  O O   . PRO A 1 85  ? 12.516  2.830   -7.700  1.00 5.90  ? 126 PRO A O   1 
ATOM   640  C CB  . PRO A 1 85  ? 14.563  3.830   -10.012 1.00 6.62  ? 126 PRO A CB  1 
ATOM   641  C CG  . PRO A 1 85  ? 14.696  5.257   -10.282 1.00 6.80  ? 126 PRO A CG  1 
ATOM   642  C CD  . PRO A 1 85  ? 13.537  5.933   -9.642  1.00 6.44  ? 126 PRO A CD  1 
ATOM   643  N N   . ASP A 1 86  ? 12.925  1.244   -9.261  1.00 5.67  ? 127 ASP A N   1 
ATOM   644  C CA  . ASP A 1 86  ? 12.958  0.129   -8.322  1.00 5.68  ? 127 ASP A CA  1 
ATOM   645  C C   . ASP A 1 86  ? 14.238  0.240   -7.515  1.00 5.80  ? 127 ASP A C   1 
ATOM   646  O O   . ASP A 1 86  ? 15.335  0.151   -8.071  1.00 6.28  ? 127 ASP A O   1 
ATOM   647  C CB  . ASP A 1 86  ? 12.932  -1.212  -9.055  1.00 5.40  ? 127 ASP A CB  1 
ATOM   648  C CG  . ASP A 1 86  ? 11.663  -1.421  -9.852  1.00 5.54  ? 127 ASP A CG  1 
ATOM   649  O OD1 . ASP A 1 86  ? 10.571  -1.132  -9.318  1.00 5.56  ? 127 ASP A OD1 1 
ATOM   650  O OD2 . ASP A 1 86  ? 11.762  -1.877  -11.018 1.00 5.80  ? 127 ASP A OD2 1 
ATOM   651  N N   . GLU A 1 87  ? 14.099  0.442   -6.208  1.00 5.61  ? 128 GLU A N   1 
ATOM   652  C CA  . GLU A 1 87  ? 15.247  0.705   -5.346  1.00 5.59  ? 128 GLU A CA  1 
ATOM   653  C C   . GLU A 1 87  ? 16.114  -0.545  -5.214  1.00 5.61  ? 128 GLU A C   1 
ATOM   654  O O   . GLU A 1 87  ? 17.321  -0.502  -5.448  1.00 5.92  ? 128 GLU A O   1 
ATOM   655  C CB  . GLU A 1 87  ? 14.768  1.197   -3.979  1.00 5.59  ? 128 GLU A CB  1 
ATOM   656  C CG  . GLU A 1 87  ? 15.858  1.771   -3.098  1.00 5.32  ? 128 GLU A CG  1 
ATOM   657  C CD  . GLU A 1 87  ? 15.296  2.570   -1.939  1.00 5.71  ? 128 GLU A CD  1 
ATOM   658  O OE1 . GLU A 1 87  ? 14.071  2.497   -1.697  1.00 5.31  ? 128 GLU A OE1 1 
ATOM   659  O OE2 . GLU A 1 87  ? 16.073  3.277   -1.266  1.00 5.75  ? 128 GLU A OE2 1 
ATOM   660  N N   . ASN A 1 88  ? 15.481  -1.648  -4.830  1.00 5.44  ? 129 ASN A N   1 
ATOM   661  C CA  . ASN A 1 88  ? 16.094  -2.973  -4.848  1.00 5.54  ? 129 ASN A CA  1 
ATOM   662  C C   . ASN A 1 88  ? 15.007  -4.014  -4.641  1.00 5.60  ? 129 ASN A C   1 
ATOM   663  O O   . ASN A 1 88  ? 13.862  -3.662  -4.356  1.00 5.53  ? 129 ASN A O   1 
ATOM   664  C CB  . ASN A 1 88  ? 17.192  -3.110  -3.781  1.00 5.45  ? 129 ASN A CB  1 
ATOM   665  C CG  . ASN A 1 88  ? 16.672  -2.914  -2.369  1.00 6.00  ? 129 ASN A CG  1 
ATOM   666  O OD1 . ASN A 1 88  ? 15.819  -3.664  -1.899  1.00 6.33  ? 129 ASN A OD1 1 
ATOM   667  N ND2 . ASN A 1 88  ? 17.204  -1.910  -1.678  1.00 6.48  ? 129 ASN A ND2 1 
ATOM   668  N N   . PHE A 1 89  ? 15.366  -5.284  -4.789  1.00 5.63  ? 130 PHE A N   1 
ATOM   669  C CA  . PHE A 1 89  ? 14.424  -6.386  -4.603  1.00 5.59  ? 130 PHE A CA  1 
ATOM   670  C C   . PHE A 1 89  ? 14.854  -7.285  -3.444  1.00 5.76  ? 130 PHE A C   1 
ATOM   671  O O   . PHE A 1 89  ? 14.584  -8.486  -3.439  1.00 6.28  ? 130 PHE A O   1 
ATOM   672  C CB  . PHE A 1 89  ? 14.288  -7.185  -5.901  1.00 5.77  ? 130 PHE A CB  1 
ATOM   673  C CG  . PHE A 1 89  ? 13.812  -6.358  -7.067  1.00 5.83  ? 130 PHE A CG  1 
ATOM   674  C CD1 . PHE A 1 89  ? 12.506  -5.876  -7.109  1.00 5.83  ? 130 PHE A CD1 1 
ATOM   675  C CD2 . PHE A 1 89  ? 14.666  -6.051  -8.116  1.00 5.91  ? 130 PHE A CD2 1 
ATOM   676  C CE1 . PHE A 1 89  ? 12.060  -5.107  -8.179  1.00 6.05  ? 130 PHE A CE1 1 
ATOM   677  C CE2 . PHE A 1 89  ? 14.227  -5.283  -9.193  1.00 5.92  ? 130 PHE A CE2 1 
ATOM   678  C CZ  . PHE A 1 89  ? 12.923  -4.813  -9.223  1.00 5.81  ? 130 PHE A CZ  1 
ATOM   679  N N   . THR A 1 90  ? 15.503  -6.691  -2.445  1.00 5.67  ? 131 THR A N   1 
ATOM   680  C CA  . THR A 1 90  ? 16.108  -7.459  -1.362  1.00 6.03  ? 131 THR A CA  1 
ATOM   681  C C   . THR A 1 90  ? 15.078  -8.145  -0.465  1.00 5.71  ? 131 THR A C   1 
ATOM   682  O O   . THR A 1 90  ? 15.236  -9.320  -0.129  1.00 6.02  ? 131 THR A O   1 
ATOM   683  C CB  . THR A 1 90  ? 17.034  -6.569  -0.527  1.00 6.21  ? 131 THR A CB  1 
ATOM   684  O OG1 . THR A 1 90  ? 18.011  -5.974  -1.392  1.00 7.50  ? 131 THR A OG1 1 
ATOM   685  C CG2 . THR A 1 90  ? 17.736  -7.380  0.558   1.00 6.58  ? 131 THR A CG2 1 
ATOM   686  N N   . LEU A 1 91  ? 14.029  -7.422  -0.079  1.00 5.37  ? 132 LEU A N   1 
ATOM   687  C CA  . LEU A 1 91  ? 12.941  -8.022  0.699   1.00 5.34  ? 132 LEU A CA  1 
ATOM   688  C C   . LEU A 1 91  ? 12.040  -8.823  -0.232  1.00 5.27  ? 132 LEU A C   1 
ATOM   689  O O   . LEU A 1 91  ? 11.780  -8.409  -1.359  1.00 5.27  ? 132 LEU A O   1 
ATOM   690  C CB  . LEU A 1 91  ? 12.131  -6.947  1.420   1.00 5.34  ? 132 LEU A CB  1 
ATOM   691  C CG  . LEU A 1 91  ? 12.837  -6.315  2.622   1.00 5.61  ? 132 LEU A CG  1 
ATOM   692  C CD1 . LEU A 1 91  ? 12.256  -4.939  2.940   1.00 6.58  ? 132 LEU A CD1 1 
ATOM   693  C CD2 . LEU A 1 91  ? 12.759  -7.235  3.838   1.00 6.44  ? 132 LEU A CD2 1 
ATOM   694  N N   . LYS A 1 92  ? 11.567  -9.971  0.243   1.00 5.23  ? 133 LYS A N   1 
ATOM   695  C CA  . LYS A 1 92  ? 10.780  -10.877 -0.589  1.00 5.55  ? 133 LYS A CA  1 
ATOM   696  C C   . LYS A 1 92  ? 9.316   -10.938 -0.165  1.00 5.70  ? 133 LYS A C   1 
ATOM   697  O O   . LYS A 1 92  ? 8.957   -10.562 0.953   1.00 5.68  ? 133 LYS A O   1 
ATOM   698  C CB  . LYS A 1 92  ? 11.399  -12.276 -0.570  1.00 5.66  ? 133 LYS A CB  1 
ATOM   699  C CG  . LYS A 1 92  ? 12.898  -12.323 -0.904  1.00 6.38  ? 133 LYS A CG  1 
ATOM   700  C CD  . LYS A 1 92  ? 13.226  -11.735 -2.271  1.00 6.81  ? 133 LYS A CD  1 
ATOM   701  C CE  . LYS A 1 92  ? 14.722  -11.791 -2.549  1.00 7.14  ? 133 LYS A CE  1 
ATOM   702  N NZ  . LYS A 1 92  ? 15.098  -11.150 -3.843  1.00 7.99  ? 133 LYS A NZ  1 
ATOM   703  N N   . HIS A 1 93  ? 8.470   -11.403 -1.081  1.00 5.79  ? 134 HIS A N   1 
ATOM   704  C CA  . HIS A 1 93  ? 7.044   -11.552 -0.814  1.00 6.18  ? 134 HIS A CA  1 
ATOM   705  C C   . HIS A 1 93  ? 6.831   -12.876 -0.077  1.00 6.65  ? 134 HIS A C   1 
ATOM   706  O O   . HIS A 1 93  ? 6.448   -13.878 -0.677  1.00 7.16  ? 134 HIS A O   1 
ATOM   707  C CB  . HIS A 1 93  ? 6.253   -11.507 -2.124  1.00 6.16  ? 134 HIS A CB  1 
ATOM   708  C CG  . HIS A 1 93  ? 6.380   -10.208 -2.866  1.00 5.80  ? 134 HIS A CG  1 
ATOM   709  N ND1 . HIS A 1 93  ? 7.451   -9.920  -3.686  1.00 5.48  ? 134 HIS A ND1 1 
ATOM   710  C CD2 . HIS A 1 93  ? 5.566   -9.125  -2.921  1.00 4.77  ? 134 HIS A CD2 1 
ATOM   711  C CE1 . HIS A 1 93  ? 7.292   -8.717  -4.211  1.00 5.28  ? 134 HIS A CE1 1 
ATOM   712  N NE2 . HIS A 1 93  ? 6.158   -8.210  -3.761  1.00 5.42  ? 134 HIS A NE2 1 
ATOM   713  N N   . VAL A 1 94  ? 7.080   -12.859 1.231   1.00 6.71  ? 135 VAL A N   1 
ATOM   714  C CA  . VAL A 1 94  ? 7.215   -14.091 2.017   1.00 7.05  ? 135 VAL A CA  1 
ATOM   715  C C   . VAL A 1 94  ? 5.905   -14.651 2.572   1.00 7.16  ? 135 VAL A C   1 
ATOM   716  O O   . VAL A 1 94  ? 5.844   -15.822 2.936   1.00 7.62  ? 135 VAL A O   1 
ATOM   717  C CB  . VAL A 1 94  ? 8.208   -13.905 3.192   1.00 7.09  ? 135 VAL A CB  1 
ATOM   718  C CG1 . VAL A 1 94  ? 9.615   -13.647 2.664   1.00 7.36  ? 135 VAL A CG1 1 
ATOM   719  C CG2 . VAL A 1 94  ? 7.759   -12.779 4.114   1.00 7.15  ? 135 VAL A CG2 1 
ATOM   720  N N   . GLY A 1 95  ? 4.869   -13.824 2.657   1.00 7.17  ? 136 GLY A N   1 
ATOM   721  C CA  . GLY A 1 95  ? 3.596   -14.276 3.209   1.00 7.24  ? 136 GLY A CA  1 
ATOM   722  C C   . GLY A 1 95  ? 2.591   -13.160 3.379   1.00 7.31  ? 136 GLY A C   1 
ATOM   723  O O   . GLY A 1 95  ? 2.831   -12.032 2.943   1.00 7.42  ? 136 GLY A O   1 
ATOM   724  N N   . PRO A 1 96  ? 1.451   -13.463 4.022   1.00 7.23  ? 137 PRO A N   1 
ATOM   725  C CA  . PRO A 1 96  ? 0.446   -12.443 4.301   1.00 7.18  ? 137 PRO A CA  1 
ATOM   726  C C   . PRO A 1 96  ? 1.020   -11.306 5.144   1.00 6.97  ? 137 PRO A C   1 
ATOM   727  O O   . PRO A 1 96  ? 1.796   -11.555 6.067   1.00 7.36  ? 137 PRO A O   1 
ATOM   728  C CB  . PRO A 1 96  ? -0.632  -13.202 5.090   1.00 7.24  ? 137 PRO A CB  1 
ATOM   729  C CG  . PRO A 1 96  ? -0.388  -14.642 4.816   1.00 7.46  ? 137 PRO A CG  1 
ATOM   730  C CD  . PRO A 1 96  ? 1.076   -14.775 4.575   1.00 7.36  ? 137 PRO A CD  1 
ATOM   731  N N   . GLY A 1 97  ? 0.642   -10.075 4.813   1.00 6.45  ? 138 GLY A N   1 
ATOM   732  C CA  . GLY A 1 97  ? 1.081   -8.896  5.555   1.00 5.93  ? 138 GLY A CA  1 
ATOM   733  C C   . GLY A 1 97  ? 2.201   -8.113  4.895   1.00 5.81  ? 138 GLY A C   1 
ATOM   734  O O   . GLY A 1 97  ? 2.523   -7.017  5.337   1.00 5.57  ? 138 GLY A O   1 
ATOM   735  N N   . VAL A 1 98  ? 2.800   -8.673  3.844   1.00 5.35  ? 139 VAL A N   1 
ATOM   736  C CA  . VAL A 1 98  ? 3.848   -7.986  3.090   1.00 5.42  ? 139 VAL A CA  1 
ATOM   737  C C   . VAL A 1 98  ? 3.282   -6.738  2.406   1.00 5.12  ? 139 VAL A C   1 
ATOM   738  O O   . VAL A 1 98  ? 2.204   -6.789  1.805   1.00 5.06  ? 139 VAL A O   1 
ATOM   739  C CB  . VAL A 1 98  ? 4.483   -8.924  2.032   1.00 5.24  ? 139 VAL A CB  1 
ATOM   740  C CG1 . VAL A 1 98  ? 5.300   -8.136  1.008   1.00 5.84  ? 139 VAL A CG1 1 
ATOM   741  C CG2 . VAL A 1 98  ? 5.352   -9.982  2.707   1.00 6.08  ? 139 VAL A CG2 1 
ATOM   742  N N   . LEU A 1 99  ? 4.016   -5.629  2.524   1.00 5.10  ? 140 LEU A N   1 
ATOM   743  C CA  . LEU A 1 99  ? 3.675   -4.352  1.890   1.00 5.23  ? 140 LEU A CA  1 
ATOM   744  C C   . LEU A 1 99  ? 4.641   -4.119  0.732   1.00 5.29  ? 140 LEU A C   1 
ATOM   745  O O   . LEU A 1 99  ? 5.859   -4.125  0.926   1.00 5.19  ? 140 LEU A O   1 
ATOM   746  C CB  . LEU A 1 99  ? 3.785   -3.217  2.906   1.00 5.42  ? 140 LEU A CB  1 
ATOM   747  C CG  . LEU A 1 99  ? 3.555   -1.786  2.418   1.00 5.80  ? 140 LEU A CG  1 
ATOM   748  C CD1 . LEU A 1 99  ? 2.112   -1.574  1.984   1.00 7.03  ? 140 LEU A CD1 1 
ATOM   749  C CD2 . LEU A 1 99  ? 3.939   -0.789  3.504   1.00 6.34  ? 140 LEU A CD2 1 
ATOM   750  N N   . SER A 1 100 ? 4.097   -3.917  -0.465  1.00 5.09  ? 141 SER A N   1 
ATOM   751  C CA  . SER A 1 100 ? 4.901   -3.882  -1.688  1.00 5.17  ? 141 SER A CA  1 
ATOM   752  C C   . SER A 1 100 ? 4.356   -2.851  -2.667  1.00 5.37  ? 141 SER A C   1 
ATOM   753  O O   . SER A 1 100 ? 3.174   -2.517  -2.621  1.00 5.34  ? 141 SER A O   1 
ATOM   754  C CB  . SER A 1 100 ? 4.910   -5.274  -2.322  1.00 5.24  ? 141 SER A CB  1 
ATOM   755  O OG  . SER A 1 100 ? 5.735   -5.328  -3.473  1.00 5.31  ? 141 SER A OG  1 
ATOM   756  N N   . MET A 1 101 ? 5.224   -2.332  -3.535  1.00 5.28  ? 142 MET A N   1 
ATOM   757  C CA  . MET A 1 101 ? 4.817   -1.314  -4.502  1.00 5.49  ? 142 MET A CA  1 
ATOM   758  C C   . MET A 1 101 ? 4.153   -1.943  -5.715  1.00 5.48  ? 142 MET A C   1 
ATOM   759  O O   . MET A 1 101 ? 4.675   -2.895  -6.294  1.00 5.52  ? 142 MET A O   1 
ATOM   760  C CB  . MET A 1 101 ? 6.019   -0.485  -4.970  1.00 5.57  ? 142 MET A CB  1 
ATOM   761  C CG  . MET A 1 101 ? 6.612   0.427   -3.915  1.00 5.85  ? 142 MET A CG  1 
ATOM   762  S SD  . MET A 1 101 ? 5.449   1.660   -3.285  1.00 5.81  ? 142 MET A SD  1 
ATOM   763  C CE  . MET A 1 101 ? 5.284   2.761   -4.690  1.00 6.18  ? 142 MET A CE  1 
ATOM   764  N N   . ALA A 1 102 ? 2.994   -1.410  -6.090  1.00 5.54  ? 143 ALA A N   1 
ATOM   765  C CA  . ALA A 1 102 ? 2.388   -1.731  -7.374  1.00 5.56  ? 143 ALA A CA  1 
ATOM   766  C C   . ALA A 1 102 ? 3.182   -1.000  -8.442  1.00 5.78  ? 143 ALA A C   1 
ATOM   767  O O   . ALA A 1 102 ? 3.831   0.008   -8.162  1.00 5.86  ? 143 ALA A O   1 
ATOM   768  C CB  . ALA A 1 102 ? 0.930   -1.299  -7.403  1.00 5.93  ? 143 ALA A CB  1 
ATOM   769  N N   . ASN A 1 103 ? 3.149   -1.513  -9.664  1.00 6.02  ? 144 ASN A N   1 
ATOM   770  C CA  . ASN A 1 103 ? 3.841   -0.864  -10.767 1.00 6.37  ? 144 ASN A CA  1 
ATOM   771  C C   . ASN A 1 103 ? 3.260   -1.286  -12.106 1.00 6.76  ? 144 ASN A C   1 
ATOM   772  O O   . ASN A 1 103 ? 2.342   -2.112  -12.160 1.00 7.05  ? 144 ASN A O   1 
ATOM   773  C CB  . ASN A 1 103 ? 5.357   -1.129  -10.690 1.00 6.24  ? 144 ASN A CB  1 
ATOM   774  C CG  . ASN A 1 103 ? 5.726   -2.594  -10.901 1.00 6.72  ? 144 ASN A CG  1 
ATOM   775  O OD1 . ASN A 1 103 ? 5.235   -3.245  -11.820 1.00 7.38  ? 144 ASN A OD1 1 
ATOM   776  N ND2 . ASN A 1 103 ? 6.622   -3.105  -10.066 1.00 5.96  ? 144 ASN A ND2 1 
ATOM   777  N N   . ALA A 1 104 ? 3.784   -0.687  -13.171 1.00 6.85  ? 145 ALA A N   1 
ATOM   778  C CA  . ALA A 1 104 ? 3.385   -1.001  -14.539 1.00 7.15  ? 145 ALA A CA  1 
ATOM   779  C C   . ALA A 1 104 ? 4.603   -1.477  -15.326 1.00 7.30  ? 145 ALA A C   1 
ATOM   780  O O   . ALA A 1 104 ? 4.770   -1.125  -16.494 1.00 7.74  ? 145 ALA A O   1 
ATOM   781  C CB  . ALA A 1 104 ? 2.768   0.226   -15.193 1.00 7.43  ? 145 ALA A CB  1 
ATOM   782  N N   . GLY A 1 105 ? 5.440   -2.292  -14.685 1.00 6.98  ? 146 GLY A N   1 
ATOM   783  C CA  . GLY A 1 105 ? 6.707   -2.739  -15.263 1.00 6.94  ? 146 GLY A CA  1 
ATOM   784  C C   . GLY A 1 105 ? 7.895   -2.152  -14.516 1.00 6.66  ? 146 GLY A C   1 
ATOM   785  O O   . GLY A 1 105 ? 7.721   -1.444  -13.524 1.00 6.67  ? 146 GLY A O   1 
ATOM   786  N N   . PRO A 1 106 ? 9.118   -2.444  -14.984 1.00 6.66  ? 147 PRO A N   1 
ATOM   787  C CA  . PRO A 1 106 ? 10.318  -1.949  -14.312 1.00 6.66  ? 147 PRO A CA  1 
ATOM   788  C C   . PRO A 1 106 ? 10.332  -0.434  -14.133 1.00 6.60  ? 147 PRO A C   1 
ATOM   789  O O   . PRO A 1 106 ? 9.958   0.304   -15.046 1.00 6.68  ? 147 PRO A O   1 
ATOM   790  C CB  . PRO A 1 106 ? 11.449  -2.390  -15.246 1.00 6.89  ? 147 PRO A CB  1 
ATOM   791  C CG  . PRO A 1 106 ? 10.919  -3.590  -15.925 1.00 7.03  ? 147 PRO A CG  1 
ATOM   792  C CD  . PRO A 1 106 ? 9.444   -3.369  -16.083 1.00 6.73  ? 147 PRO A CD  1 
ATOM   793  N N   . ASN A 1 107 ? 10.742  0.006   -12.947 1.00 6.41  ? 148 ASN A N   1 
ATOM   794  C CA  . ASN A 1 107 ? 10.970  1.422   -12.652 1.00 6.04  ? 148 ASN A CA  1 
ATOM   795  C C   . ASN A 1 107 ? 9.765   2.327   -12.918 1.00 5.96  ? 148 ASN A C   1 
ATOM   796  O O   . ASN A 1 107 ? 9.896   3.401   -13.521 1.00 5.85  ? 148 ASN A O   1 
ATOM   797  C CB  . ASN A 1 107 ? 12.200  1.916   -13.418 1.00 6.22  ? 148 ASN A CB  1 
ATOM   798  C CG  . ASN A 1 107 ? 13.422  1.062   -13.152 1.00 5.87  ? 148 ASN A CG  1 
ATOM   799  O OD1 . ASN A 1 107 ? 13.882  0.962   -12.014 1.00 6.15  ? 148 ASN A OD1 1 
ATOM   800  N ND2 . ASN A 1 107 ? 13.953  0.435   -14.200 1.00 6.23  ? 148 ASN A ND2 1 
ATOM   801  N N   . THR A 1 108 ? 8.596   1.900   -12.444 1.00 5.50  ? 149 THR A N   1 
ATOM   802  C CA  . THR A 1 108 ? 7.376   2.705   -12.570 1.00 5.79  ? 149 THR A CA  1 
ATOM   803  C C   . THR A 1 108 ? 6.636   2.811   -11.233 1.00 5.85  ? 149 THR A C   1 
ATOM   804  O O   . THR A 1 108 ? 5.402   2.787   -11.180 1.00 6.32  ? 149 THR A O   1 
ATOM   805  C CB  . THR A 1 108 ? 6.435   2.143   -13.660 1.00 5.83  ? 149 THR A CB  1 
ATOM   806  O OG1 . THR A 1 108 ? 6.131   0.773   -13.380 1.00 6.28  ? 149 THR A OG1 1 
ATOM   807  C CG2 . THR A 1 108 ? 7.080   2.254   -15.038 1.00 6.03  ? 149 THR A CG2 1 
ATOM   808  N N   . ASN A 1 109 ? 7.392   2.956   -10.152 1.00 6.08  ? 150 ASN A N   1 
ATOM   809  C CA  . ASN A 1 109 ? 6.798   3.155   -8.836  1.00 6.17  ? 150 ASN A CA  1 
ATOM   810  C C   . ASN A 1 109 ? 6.252   4.569   -8.747  1.00 6.03  ? 150 ASN A C   1 
ATOM   811  O O   . ASN A 1 109 ? 6.881   5.503   -9.232  1.00 6.44  ? 150 ASN A O   1 
ATOM   812  C CB  . ASN A 1 109 ? 7.838   2.934   -7.743  1.00 6.32  ? 150 ASN A CB  1 
ATOM   813  C CG  . ASN A 1 109 ? 8.430   1.545   -7.792  1.00 6.18  ? 150 ASN A CG  1 
ATOM   814  O OD1 . ASN A 1 109 ? 7.786   0.570   -7.399  1.00 6.48  ? 150 ASN A OD1 1 
ATOM   815  N ND2 . ASN A 1 109 ? 9.657   1.444   -8.288  1.00 5.77  ? 150 ASN A ND2 1 
ATOM   816  N N   . GLY A 1 110 ? 5.071   4.723   -8.156  1.00 5.89  ? 151 GLY A N   1 
ATOM   817  C CA  . GLY A 1 110 ? 4.477   6.041   -7.957  1.00 5.82  ? 151 GLY A CA  1 
ATOM   818  C C   . GLY A 1 110 ? 3.993   6.150   -6.532  1.00 5.70  ? 151 GLY A C   1 
ATOM   819  O O   . GLY A 1 110 ? 4.775   6.438   -5.622  1.00 5.88  ? 151 GLY A O   1 
ATOM   820  N N   . SER A 1 111 ? 2.700   5.909   -6.342  1.00 5.54  ? 152 SER A N   1 
ATOM   821  C CA  . SER A 1 111 ? 2.110   5.850   -5.009  1.00 5.69  ? 152 SER A CA  1 
ATOM   822  C C   . SER A 1 111 ? 1.289   4.589   -4.759  1.00 5.68  ? 152 SER A C   1 
ATOM   823  O O   . SER A 1 111 ? 0.967   4.296   -3.615  1.00 5.76  ? 152 SER A O   1 
ATOM   824  C CB  . SER A 1 111 ? 1.231   7.072   -4.770  1.00 5.73  ? 152 SER A CB  1 
ATOM   825  O OG  . SER A 1 111 ? 0.261   7.198   -5.790  1.00 6.00  ? 152 SER A OG  1 
ATOM   826  N N   . GLN A 1 112 ? 0.949   3.838   -5.805  1.00 5.68  ? 153 GLN A N   1 
ATOM   827  C CA  . GLN A 1 112 ? 0.121   2.657   -5.617  1.00 5.66  ? 153 GLN A CA  1 
ATOM   828  C C   . GLN A 1 112 ? 0.914   1.561   -4.919  1.00 5.59  ? 153 GLN A C   1 
ATOM   829  O O   . GLN A 1 112 ? 2.101   1.348   -5.196  1.00 5.68  ? 153 GLN A O   1 
ATOM   830  C CB  . GLN A 1 112 ? -0.437  2.144   -6.939  1.00 5.73  ? 153 GLN A CB  1 
ATOM   831  C CG  . GLN A 1 112 ? -1.478  3.055   -7.546  1.00 6.33  ? 153 GLN A CG  1 
ATOM   832  C CD  . GLN A 1 112 ? -2.142  2.429   -8.743  1.00 6.84  ? 153 GLN A CD  1 
ATOM   833  O OE1 . GLN A 1 112 ? -2.698  1.335   -8.651  1.00 6.56  ? 153 GLN A OE1 1 
ATOM   834  N NE2 . GLN A 1 112 ? -2.080  3.112   -9.880  1.00 7.22  ? 153 GLN A NE2 1 
ATOM   835  N N   . PHE A 1 113 ? 0.231   0.864   -4.018  1.00 5.64  ? 154 PHE A N   1 
ATOM   836  C CA  . PHE A 1 113 ? 0.839   -0.171  -3.195  1.00 5.78  ? 154 PHE A CA  1 
ATOM   837  C C   . PHE A 1 113 ? -0.165  -1.283  -2.954  1.00 5.95  ? 154 PHE A C   1 
ATOM   838  O O   . PHE A 1 113 ? -1.360  -1.113  -3.191  1.00 6.19  ? 154 PHE A O   1 
ATOM   839  C CB  . PHE A 1 113 ? 1.288   0.418   -1.855  1.00 5.73  ? 154 PHE A CB  1 
ATOM   840  C CG  . PHE A 1 113 ? 0.153   0.908   -0.991  1.00 5.65  ? 154 PHE A CG  1 
ATOM   841  C CD1 . PHE A 1 113 ? -0.406  0.083   -0.019  1.00 5.52  ? 154 PHE A CD1 1 
ATOM   842  C CD2 . PHE A 1 113 ? -0.357  2.192   -1.143  1.00 5.05  ? 154 PHE A CD2 1 
ATOM   843  C CE1 . PHE A 1 113 ? -1.448  0.526   0.779   1.00 6.13  ? 154 PHE A CE1 1 
ATOM   844  C CE2 . PHE A 1 113 ? -1.400  2.643   -0.338  1.00 5.41  ? 154 PHE A CE2 1 
ATOM   845  C CZ  . PHE A 1 113 ? -1.947  1.805   0.619   1.00 6.05  ? 154 PHE A CZ  1 
ATOM   846  N N   . PHE A 1 114 ? 0.327   -2.420  -2.480  1.00 5.90  ? 155 PHE A N   1 
ATOM   847  C CA  . PHE A 1 114 ? -0.556  -3.503  -2.079  1.00 5.91  ? 155 PHE A CA  1 
ATOM   848  C C   . PHE A 1 114 ? -0.069  -4.196  -0.817  1.00 5.86  ? 155 PHE A C   1 
ATOM   849  O O   . PHE A 1 114 ? 1.120   -4.168  -0.489  1.00 5.94  ? 155 PHE A O   1 
ATOM   850  C CB  . PHE A 1 114 ? -0.781  -4.514  -3.218  1.00 6.14  ? 155 PHE A CB  1 
ATOM   851  C CG  . PHE A 1 114 ? 0.474   -5.185  -3.722  1.00 6.69  ? 155 PHE A CG  1 
ATOM   852  C CD1 . PHE A 1 114 ? 1.302   -4.548  -4.637  1.00 7.37  ? 155 PHE A CD1 1 
ATOM   853  C CD2 . PHE A 1 114 ? 0.801   -6.474  -3.315  1.00 7.15  ? 155 PHE A CD2 1 
ATOM   854  C CE1 . PHE A 1 114 ? 2.443   -5.173  -5.118  1.00 7.92  ? 155 PHE A CE1 1 
ATOM   855  C CE2 . PHE A 1 114 ? 1.942   -7.102  -3.796  1.00 7.73  ? 155 PHE A CE2 1 
ATOM   856  C CZ  . PHE A 1 114 ? 2.765   -6.447  -4.698  1.00 7.45  ? 155 PHE A CZ  1 
ATOM   857  N N   . ILE A 1 115 ? -1.023  -4.786  -0.102  1.00 5.87  ? 156 ILE A N   1 
ATOM   858  C CA  . ILE A 1 115 ? -0.748  -5.622  1.053   1.00 6.19  ? 156 ILE A CA  1 
ATOM   859  C C   . ILE A 1 115 ? -1.137  -7.038  0.657   1.00 6.37  ? 156 ILE A C   1 
ATOM   860  O O   . ILE A 1 115 ? -2.272  -7.280  0.243   1.00 6.51  ? 156 ILE A O   1 
ATOM   861  C CB  . ILE A 1 115 ? -1.554  -5.173  2.286   1.00 6.16  ? 156 ILE A CB  1 
ATOM   862  C CG1 . ILE A 1 115 ? -1.203  -3.729  2.655   1.00 6.12  ? 156 ILE A CG1 1 
ATOM   863  C CG2 . ILE A 1 115 ? -1.279  -6.101  3.463   1.00 6.39  ? 156 ILE A CG2 1 
ATOM   864  C CD1 . ILE A 1 115 ? -2.105  -3.128  3.717   1.00 7.11  ? 156 ILE A CD1 1 
ATOM   865  N N   . CYS A 1 116 ? -0.189  -7.964  0.754   1.00 6.39  ? 157 CYS A N   1 
ATOM   866  C CA  . CYS A 1 116 ? -0.433  -9.354  0.382   1.00 6.92  ? 157 CYS A CA  1 
ATOM   867  C C   . CYS A 1 116 ? -1.256  -10.072 1.440   1.00 7.12  ? 157 CYS A C   1 
ATOM   868  O O   . CYS A 1 116 ? -1.105  -9.817  2.635   1.00 7.56  ? 157 CYS A O   1 
ATOM   869  C CB  . CYS A 1 116 ? 0.887   -10.094 0.193   1.00 6.93  ? 157 CYS A CB  1 
ATOM   870  S SG  . CYS A 1 116 ? 1.975   -9.348  -1.020  1.00 8.12  ? 157 CYS A SG  1 
ATOM   871  N N   . THR A 1 117 ? -2.129  -10.969 0.990   1.00 7.51  ? 158 THR A N   1 
ATOM   872  C CA  . THR A 1 117 ? -2.881  -11.837 1.891   1.00 7.88  ? 158 THR A CA  1 
ATOM   873  C C   . THR A 1 117 ? -2.431  -13.300 1.782   1.00 8.11  ? 158 THR A C   1 
ATOM   874  O O   . THR A 1 117 ? -2.985  -14.176 2.450   1.00 8.40  ? 158 THR A O   1 
ATOM   875  C CB  . THR A 1 117 ? -4.386  -11.731 1.613   1.00 7.77  ? 158 THR A CB  1 
ATOM   876  O OG1 . THR A 1 117 ? -4.648  -12.080 0.250   1.00 8.30  ? 158 THR A OG1 1 
ATOM   877  C CG2 . THR A 1 117 ? -4.875  -10.303 1.875   1.00 7.85  ? 158 THR A CG2 1 
ATOM   878  N N   . ILE A 1 118 ? -1.425  -13.543 0.942   1.00 8.13  ? 159 ILE A N   1 
ATOM   879  C CA  . ILE A 1 118 ? -0.781  -14.845 0.785   1.00 8.52  ? 159 ILE A CA  1 
ATOM   880  C C   . ILE A 1 118 ? 0.689   -14.606 0.433   1.00 8.38  ? 159 ILE A C   1 
ATOM   881  O O   . ILE A 1 118 ? 1.088   -13.468 0.170   1.00 8.12  ? 159 ILE A O   1 
ATOM   882  C CB  . ILE A 1 118 ? -1.427  -15.686 -0.353  1.00 8.77  ? 159 ILE A CB  1 
ATOM   883  C CG1 . ILE A 1 118 ? -1.282  -14.983 -1.712  1.00 9.33  ? 159 ILE A CG1 1 
ATOM   884  C CG2 . ILE A 1 118 ? -2.900  -15.958 -0.064  1.00 9.94  ? 159 ILE A CG2 1 
ATOM   885  C CD1 . ILE A 1 118 ? -1.440  -15.904 -2.909  1.00 10.70 ? 159 ILE A CD1 1 
ATOM   886  N N   . LYS A 1 119 ? 1.486   -15.671 0.409   1.00 8.33  ? 160 LYS A N   1 
ATOM   887  C CA  . LYS A 1 119 ? 2.835   -15.607 -0.155  1.00 8.67  ? 160 LYS A CA  1 
ATOM   888  C C   . LYS A 1 119 ? 2.703   -15.415 -1.664  1.00 8.62  ? 160 LYS A C   1 
ATOM   889  O O   . LYS A 1 119 ? 2.069   -16.229 -2.333  1.00 9.17  ? 160 LYS A O   1 
ATOM   890  C CB  . LYS A 1 119 ? 3.604   -16.897 0.153   1.00 8.78  ? 160 LYS A CB  1 
ATOM   891  C CG  . LYS A 1 119 ? 5.015   -16.969 -0.422  1.00 9.52  ? 160 LYS A CG  1 
ATOM   892  C CD  . LYS A 1 119 ? 5.709   -18.252 0.026   1.00 10.88 ? 160 LYS A CD  1 
ATOM   893  C CE  . LYS A 1 119 ? 6.935   -18.570 -0.805  0.80 11.72 ? 160 LYS A CE  1 
ATOM   894  N NZ  . LYS A 1 119 ? 7.534   -19.877 -0.413  0.60 12.59 ? 160 LYS A NZ  1 
ATOM   895  N N   . THR A 1 120 ? 3.270   -14.331 -2.191  1.00 8.61  ? 161 THR A N   1 
ATOM   896  C CA  . THR A 1 120 ? 3.220   -14.053 -3.629  1.00 8.55  ? 161 THR A CA  1 
ATOM   897  C C   . THR A 1 120 ? 4.636   -14.068 -4.221  1.00 8.48  ? 161 THR A C   1 
ATOM   898  O O   . THR A 1 120 ? 5.145   -13.043 -4.687  1.00 8.00  ? 161 THR A O   1 
ATOM   899  C CB  . THR A 1 120 ? 2.510   -12.706 -3.926  1.00 8.71  ? 161 THR A CB  1 
ATOM   900  O OG1 . THR A 1 120 ? 3.253   -11.625 -3.355  1.00 8.36  ? 161 THR A OG1 1 
ATOM   901  C CG2 . THR A 1 120 ? 1.093   -12.697 -3.348  1.00 8.82  ? 161 THR A CG2 1 
ATOM   902  N N   . ASP A 1 121 ? 5.259   -15.245 -4.216  1.00 8.55  ? 162 ASP A N   1 
ATOM   903  C CA  . ASP A 1 121 ? 6.687   -15.357 -4.536  1.00 8.86  ? 162 ASP A CA  1 
ATOM   904  C C   . ASP A 1 121 ? 7.037   -14.984 -5.976  1.00 8.48  ? 162 ASP A C   1 
ATOM   905  O O   . ASP A 1 121 ? 8.157   -14.562 -6.244  1.00 8.39  ? 162 ASP A O   1 
ATOM   906  C CB  . ASP A 1 121 ? 7.245   -16.748 -4.176  1.00 9.35  ? 162 ASP A CB  1 
ATOM   907  C CG  . ASP A 1 121 ? 6.651   -17.883 -5.008  1.00 10.79 ? 162 ASP A CG  1 
ATOM   908  O OD1 . ASP A 1 121 ? 7.190   -19.007 -4.906  1.00 13.28 ? 162 ASP A OD1 1 
ATOM   909  O OD2 . ASP A 1 121 ? 5.659   -17.680 -5.739  1.00 13.01 ? 162 ASP A OD2 1 
ATOM   910  N N   . TRP A 1 122 ? 6.077   -15.115 -6.888  1.00 7.96  ? 163 TRP A N   1 
ATOM   911  C CA  . TRP A 1 122 ? 6.289   -14.772 -8.295  1.00 7.77  ? 163 TRP A CA  1 
ATOM   912  C C   . TRP A 1 122 ? 6.515   -13.272 -8.530  1.00 7.50  ? 163 TRP A C   1 
ATOM   913  O O   . TRP A 1 122 ? 6.980   -12.876 -9.600  1.00 7.65  ? 163 TRP A O   1 
ATOM   914  C CB  . TRP A 1 122 ? 5.125   -15.281 -9.158  1.00 7.70  ? 163 TRP A CB  1 
ATOM   915  C CG  . TRP A 1 122 ? 3.823   -14.559 -8.956  1.00 8.29  ? 163 TRP A CG  1 
ATOM   916  C CD1 . TRP A 1 122 ? 3.367   -13.487 -9.663  1.00 8.80  ? 163 TRP A CD1 1 
ATOM   917  C CD2 . TRP A 1 122 ? 2.806   -14.867 -7.995  1.00 8.27  ? 163 TRP A CD2 1 
ATOM   918  N NE1 . TRP A 1 122 ? 2.134   -13.103 -9.200  1.00 8.51  ? 163 TRP A NE1 1 
ATOM   919  C CE2 . TRP A 1 122 ? 1.765   -13.933 -8.176  1.00 8.34  ? 163 TRP A CE2 1 
ATOM   920  C CE3 . TRP A 1 122 ? 2.673   -15.842 -6.999  1.00 8.47  ? 163 TRP A CE3 1 
ATOM   921  C CZ2 . TRP A 1 122 ? 0.605   -13.946 -7.402  1.00 8.82  ? 163 TRP A CZ2 1 
ATOM   922  C CZ3 . TRP A 1 122 ? 1.521   -15.853 -6.229  1.00 8.56  ? 163 TRP A CZ3 1 
ATOM   923  C CH2 . TRP A 1 122 ? 0.504   -14.909 -6.436  1.00 8.71  ? 163 TRP A CH2 1 
ATOM   924  N N   . LEU A 1 123 ? 6.187   -12.446 -7.539  1.00 7.07  ? 164 LEU A N   1 
ATOM   925  C CA  . LEU A 1 123 ? 6.441   -11.008 -7.621  1.00 6.80  ? 164 LEU A CA  1 
ATOM   926  C C   . LEU A 1 123 ? 7.855   -10.627 -7.157  1.00 6.63  ? 164 LEU A C   1 
ATOM   927  O O   . LEU A 1 123 ? 8.276   -9.480  -7.337  1.00 6.58  ? 164 LEU A O   1 
ATOM   928  C CB  . LEU A 1 123 ? 5.388   -10.234 -6.820  1.00 6.90  ? 164 LEU A CB  1 
ATOM   929  C CG  . LEU A 1 123 ? 3.937   -10.498 -7.247  1.00 7.08  ? 164 LEU A CG  1 
ATOM   930  C CD1 . LEU A 1 123 ? 2.965   -9.701  -6.395  1.00 7.56  ? 164 LEU A CD1 1 
ATOM   931  C CD2 . LEU A 1 123 ? 3.722   -10.181 -8.721  1.00 8.21  ? 164 LEU A CD2 1 
ATOM   932  N N   . ASP A 1 124 ? 8.591   -11.578 -6.581  1.00 6.61  ? 165 ASP A N   1 
ATOM   933  C CA  . ASP A 1 124 ? 9.980   -11.336 -6.187  1.00 6.70  ? 165 ASP A CA  1 
ATOM   934  C C   . ASP A 1 124 ? 10.803  -10.935 -7.410  1.00 6.62  ? 165 ASP A C   1 
ATOM   935  O O   . ASP A 1 124 ? 10.725  -11.581 -8.457  1.00 6.60  ? 165 ASP A O   1 
ATOM   936  C CB  . ASP A 1 124 ? 10.607  -12.581 -5.544  1.00 6.97  ? 165 ASP A CB  1 
ATOM   937  C CG  . ASP A 1 124 ? 10.025  -12.904 -4.172  1.00 7.38  ? 165 ASP A CG  1 
ATOM   938  O OD1 . ASP A 1 124 ? 9.254   -12.087 -3.624  1.00 7.65  ? 165 ASP A OD1 1 
ATOM   939  O OD2 . ASP A 1 124 ? 10.355  -13.987 -3.637  1.00 8.57  ? 165 ASP A OD2 1 
ATOM   940  N N   . GLY A 1 125 ? 11.581  -9.865  -7.278  1.00 6.35  ? 166 GLY A N   1 
ATOM   941  C CA  . GLY A 1 125 ? 12.390  -9.364  -8.384  1.00 6.42  ? 166 GLY A CA  1 
ATOM   942  C C   . GLY A 1 125 ? 11.628  -8.491  -9.366  1.00 6.54  ? 166 GLY A C   1 
ATOM   943  O O   . GLY A 1 125 ? 12.204  -8.009  -10.342 1.00 6.98  ? 166 GLY A O   1 
ATOM   944  N N   . LYS A 1 126 ? 10.335  -8.288  -9.118  1.00 6.63  ? 167 LYS A N   1 
ATOM   945  C CA  . LYS A 1 126 ? 9.494   -7.475  -9.997  1.00 6.70  ? 167 LYS A CA  1 
ATOM   946  C C   . LYS A 1 126 ? 8.823   -6.313  -9.260  1.00 6.23  ? 167 LYS A C   1 
ATOM   947  O O   . LYS A 1 126 ? 8.642   -5.238  -9.831  1.00 6.41  ? 167 LYS A O   1 
ATOM   948  C CB  . LYS A 1 126 ? 8.442   -8.347  -10.684 1.00 6.99  ? 167 LYS A CB  1 
ATOM   949  C CG  . LYS A 1 126 ? 9.034   -9.358  -11.660 1.00 8.44  ? 167 LYS A CG  1 
ATOM   950  C CD  . LYS A 1 126 ? 7.948   -10.146 -12.368 1.00 10.15 ? 167 LYS A CD  1 
ATOM   951  C CE  . LYS A 1 126 ? 8.524   -11.006 -13.481 0.80 10.97 ? 167 LYS A CE  1 
ATOM   952  N NZ  . LYS A 1 126 ? 9.417   -12.073 -12.956 0.50 11.96 ? 167 LYS A NZ  1 
ATOM   953  N N   . HIS A 1 127 ? 8.449   -6.536  -8.001  1.00 5.82  ? 168 HIS A N   1 
ATOM   954  C CA  . HIS A 1 127 ? 7.884   -5.485  -7.160  1.00 5.65  ? 168 HIS A CA  1 
ATOM   955  C C   . HIS A 1 127 ? 8.761   -5.261  -5.940  1.00 5.45  ? 168 HIS A C   1 
ATOM   956  O O   . HIS A 1 127 ? 9.261   -6.218  -5.347  1.00 5.41  ? 168 HIS A O   1 
ATOM   957  C CB  . HIS A 1 127 ? 6.464   -5.855  -6.727  1.00 5.57  ? 168 HIS A CB  1 
ATOM   958  C CG  . HIS A 1 127 ? 5.497   -5.926  -7.864  1.00 5.84  ? 168 HIS A CG  1 
ATOM   959  N ND1 . HIS A 1 127 ? 4.598   -4.920  -8.139  1.00 5.34  ? 168 HIS A ND1 1 
ATOM   960  C CD2 . HIS A 1 127 ? 5.309   -6.870  -8.816  1.00 5.79  ? 168 HIS A CD2 1 
ATOM   961  C CE1 . HIS A 1 127 ? 3.888   -5.246  -9.204  1.00 6.16  ? 168 HIS A CE1 1 
ATOM   962  N NE2 . HIS A 1 127 ? 4.300   -6.425  -9.634  1.00 6.54  ? 168 HIS A NE2 1 
ATOM   963  N N   . VAL A 1 128 ? 8.938   -3.995  -5.574  1.00 5.26  ? 169 VAL A N   1 
ATOM   964  C CA  . VAL A 1 128 ? 9.759   -3.623  -4.435  1.00 5.20  ? 169 VAL A CA  1 
ATOM   965  C C   . VAL A 1 128 ? 8.962   -3.749  -3.134  1.00 5.14  ? 169 VAL A C   1 
ATOM   966  O O   . VAL A 1 128 ? 8.028   -2.984  -2.884  1.00 5.08  ? 169 VAL A O   1 
ATOM   967  C CB  . VAL A 1 128 ? 10.296  -2.177  -4.581  1.00 5.17  ? 169 VAL A CB  1 
ATOM   968  C CG1 . VAL A 1 128 ? 11.091  -1.769  -3.348  1.00 5.47  ? 169 VAL A CG1 1 
ATOM   969  C CG2 . VAL A 1 128 ? 11.153  -2.058  -5.833  1.00 5.52  ? 169 VAL A CG2 1 
ATOM   970  N N   . VAL A 1 129 ? 9.338   -4.730  -2.317  1.00 4.88  ? 170 VAL A N   1 
ATOM   971  C CA  . VAL A 1 129 ? 8.787   -4.876  -0.974  1.00 4.86  ? 170 VAL A CA  1 
ATOM   972  C C   . VAL A 1 129 ? 9.455   -3.841  -0.072  1.00 4.82  ? 170 VAL A C   1 
ATOM   973  O O   . VAL A 1 129 ? 10.675  -3.671  -0.118  1.00 4.83  ? 170 VAL A O   1 
ATOM   974  C CB  . VAL A 1 129 ? 9.036   -6.295  -0.423  1.00 4.85  ? 170 VAL A CB  1 
ATOM   975  C CG1 . VAL A 1 129 ? 8.593   -6.401  1.031   1.00 4.88  ? 170 VAL A CG1 1 
ATOM   976  C CG2 . VAL A 1 129 ? 8.324   -7.329  -1.286  1.00 5.38  ? 170 VAL A CG2 1 
ATOM   977  N N   . PHE A 1 130 ? 8.661   -3.132  0.731   1.00 4.82  ? 171 PHE A N   1 
ATOM   978  C CA  . PHE A 1 130 ? 9.208   -2.075  1.583   1.00 4.98  ? 171 PHE A CA  1 
ATOM   979  C C   . PHE A 1 130 ? 8.651   -2.024  3.007   1.00 5.00  ? 171 PHE A C   1 
ATOM   980  O O   . PHE A 1 130 ? 8.902   -1.067  3.732   1.00 5.11  ? 171 PHE A O   1 
ATOM   981  C CB  . PHE A 1 130 ? 9.053   -0.712  0.894   1.00 5.01  ? 171 PHE A CB  1 
ATOM   982  C CG  . PHE A 1 130 ? 7.627   -0.266  0.711   1.00 5.03  ? 171 PHE A CG  1 
ATOM   983  C CD1 . PHE A 1 130 ? 6.858   -0.747  -0.339  1.00 5.39  ? 171 PHE A CD1 1 
ATOM   984  C CD2 . PHE A 1 130 ? 7.064   0.662   1.578   1.00 4.88  ? 171 PHE A CD2 1 
ATOM   985  C CE1 . PHE A 1 130 ? 5.547   -0.325  -0.507  1.00 4.74  ? 171 PHE A CE1 1 
ATOM   986  C CE2 . PHE A 1 130 ? 5.763   1.089   1.409   1.00 4.92  ? 171 PHE A CE2 1 
ATOM   987  C CZ  . PHE A 1 130 ? 5.001   0.596   0.362   1.00 5.11  ? 171 PHE A CZ  1 
ATOM   988  N N   . GLY A 1 131 ? 7.926   -3.056  3.419   1.00 5.06  ? 172 GLY A N   1 
ATOM   989  C CA  . GLY A 1 131 ? 7.417   -3.106  4.780   1.00 5.13  ? 172 GLY A CA  1 
ATOM   990  C C   . GLY A 1 131 ? 6.471   -4.256  5.021   1.00 5.22  ? 172 GLY A C   1 
ATOM   991  O O   . GLY A 1 131 ? 6.356   -5.170  4.197   1.00 4.58  ? 172 GLY A O   1 
ATOM   992  N N   . HIS A 1 132 ? 5.783   -4.200  6.156   1.00 5.28  ? 173 HIS A N   1 
ATOM   993  C CA  . HIS A 1 132 ? 4.804   -5.215  6.503   1.00 5.27  ? 173 HIS A CA  1 
ATOM   994  C C   . HIS A 1 132 ? 3.823   -4.704  7.551   1.00 5.19  ? 173 HIS A C   1 
ATOM   995  O O   . HIS A 1 132 ? 4.048   -3.674  8.188   1.00 4.97  ? 173 HIS A O   1 
ATOM   996  C CB  . HIS A 1 132 ? 5.486   -6.492  7.001   1.00 5.38  ? 173 HIS A CB  1 
ATOM   997  C CG  . HIS A 1 132 ? 6.147   -6.345  8.337   1.00 5.87  ? 173 HIS A CG  1 
ATOM   998  N ND1 . HIS A 1 132 ? 7.426   -5.853  8.482   1.00 6.22  ? 173 HIS A ND1 1 
ATOM   999  C CD2 . HIS A 1 132 ? 5.706   -6.629  9.585   1.00 6.15  ? 173 HIS A CD2 1 
ATOM   1000 C CE1 . HIS A 1 132 ? 7.743   -5.838  9.766   1.00 6.37  ? 173 HIS A CE1 1 
ATOM   1001 N NE2 . HIS A 1 132 ? 6.716   -6.301  10.456  1.00 6.14  ? 173 HIS A NE2 1 
ATOM   1002 N N   . VAL A 1 133 ? 2.738   -5.451  7.723   1.00 5.19  ? 174 VAL A N   1 
ATOM   1003 C CA  . VAL A 1 133 ? 1.705   -5.130  8.699   1.00 5.43  ? 174 VAL A CA  1 
ATOM   1004 C C   . VAL A 1 133 ? 2.158   -5.480  10.120  1.00 5.66  ? 174 VAL A C   1 
ATOM   1005 O O   . VAL A 1 133 ? 2.458   -6.636  10.422  1.00 5.43  ? 174 VAL A O   1 
ATOM   1006 C CB  . VAL A 1 133 ? 0.392   -5.882  8.374   1.00 5.35  ? 174 VAL A CB  1 
ATOM   1007 C CG1 . VAL A 1 133 ? -0.640  -5.679  9.476   1.00 5.99  ? 174 VAL A CG1 1 
ATOM   1008 C CG2 . VAL A 1 133 ? -0.165  -5.421  7.030   1.00 5.95  ? 174 VAL A CG2 1 
ATOM   1009 N N   . ILE A 1 134 ? 2.203   -4.462  10.977  1.00 5.77  ? 175 ILE A N   1 
ATOM   1010 C CA  . ILE A 1 134 ? 2.529   -4.609  12.401  1.00 6.19  ? 175 ILE A CA  1 
ATOM   1011 C C   . ILE A 1 134 ? 1.279   -4.992  13.193  1.00 6.36  ? 175 ILE A C   1 
ATOM   1012 O O   . ILE A 1 134 ? 1.324   -5.828  14.105  1.00 6.50  ? 175 ILE A O   1 
ATOM   1013 C CB  . ILE A 1 134 ? 3.088   -3.277  12.972  1.00 6.21  ? 175 ILE A CB  1 
ATOM   1014 C CG1 . ILE A 1 134 ? 4.468   -2.976  12.376  1.00 6.27  ? 175 ILE A CG1 1 
ATOM   1015 C CG2 . ILE A 1 134 ? 3.161   -3.311  14.498  1.00 6.63  ? 175 ILE A CG2 1 
ATOM   1016 C CD1 . ILE A 1 134 ? 5.580   -3.865  12.912  1.00 6.51  ? 175 ILE A CD1 1 
ATOM   1017 N N   . GLU A 1 135 ? 0.171   -4.357  12.827  1.00 6.70  ? 176 GLU A N   1 
ATOM   1018 C CA  . GLU A 1 135 ? -1.108  -4.498  13.505  1.00 6.98  ? 176 GLU A CA  1 
ATOM   1019 C C   . GLU A 1 135 ? -2.221  -4.268  12.486  1.00 6.85  ? 176 GLU A C   1 
ATOM   1020 O O   . GLU A 1 135 ? -2.057  -3.482  11.549  1.00 6.36  ? 176 GLU A O   1 
ATOM   1021 C CB  . GLU A 1 135 ? -1.192  -3.447  14.613  1.00 7.62  ? 176 GLU A CB  1 
ATOM   1022 C CG  . GLU A 1 135 ? -2.452  -3.448  15.445  1.00 8.28  ? 176 GLU A CG  1 
ATOM   1023 C CD  . GLU A 1 135 ? -2.575  -2.186  16.279  1.00 8.57  ? 176 GLU A CD  1 
ATOM   1024 O OE1 . GLU A 1 135 ? -1.619  -1.847  17.012  1.00 7.84  ? 176 GLU A OE1 1 
ATOM   1025 O OE2 . GLU A 1 135 ? -3.629  -1.530  16.200  1.00 8.89  ? 176 GLU A OE2 1 
ATOM   1026 N N   . GLY A 1 136 ? -3.342  -4.963  12.655  1.00 6.92  ? 177 GLY A N   1 
ATOM   1027 C CA  . GLY A 1 136 ? -4.517  -4.732  11.821  1.00 7.04  ? 177 GLY A CA  1 
ATOM   1028 C C   . GLY A 1 136 ? -4.691  -5.696  10.662  1.00 7.09  ? 177 GLY A C   1 
ATOM   1029 O O   . GLY A 1 136 ? -5.347  -5.364  9.676   1.00 6.67  ? 177 GLY A O   1 
ATOM   1030 N N   . MET A 1 137 ? -4.135  -6.898  10.766  1.00 7.38  ? 178 MET A N   1 
ATOM   1031 C CA  . MET A 1 137 ? -4.390  -7.900  9.739   1.00 7.83  ? 178 MET A CA  1 
ATOM   1032 C C   . MET A 1 137 ? -5.883  -8.250  9.691   1.00 7.58  ? 178 MET A C   1 
ATOM   1033 O O   . MET A 1 137 ? -6.397  -8.614  8.637   1.00 7.43  ? 178 MET A O   1 
ATOM   1034 C CB  . MET A 1 137 ? -3.544  -9.158  9.952   1.00 8.28  ? 178 MET A CB  1 
ATOM   1035 C CG  . MET A 1 137 ? -3.310  -9.953  8.681   1.00 10.43 ? 178 MET A CG  1 
ATOM   1036 S SD  . MET A 1 137 ? -2.438  -9.020  7.396   1.00 12.51 ? 178 MET A SD  1 
ATOM   1037 C CE  . MET A 1 137 ? -2.810  -10.047 5.978   1.00 13.65 ? 178 MET A CE  1 
ATOM   1038 N N   . ASP A 1 138 ? -6.582  -8.123  10.820  1.00 7.54  ? 179 ASP A N   1 
ATOM   1039 C CA  . ASP A 1 138 ? -8.038  -8.284  10.825  1.00 7.46  ? 179 ASP A CA  1 
ATOM   1040 C C   . ASP A 1 138 ? -8.719  -7.297  9.871   1.00 7.30  ? 179 ASP A C   1 
ATOM   1041 O O   . ASP A 1 138 ? -9.669  -7.656  9.176   1.00 7.69  ? 179 ASP A O   1 
ATOM   1042 C CB  . ASP A 1 138 ? -8.618  -8.159  12.245  1.00 7.54  ? 179 ASP A CB  1 
ATOM   1043 C CG  . ASP A 1 138 ? -8.459  -6.766  12.837  1.00 7.96  ? 179 ASP A CG  1 
ATOM   1044 O OD1 . ASP A 1 138 ? -7.333  -6.229  12.785  1.00 8.91  ? 179 ASP A OD1 1 
ATOM   1045 O OD2 . ASP A 1 138 ? -9.457  -6.215  13.363  1.00 9.02  ? 179 ASP A OD2 1 
ATOM   1046 N N   . VAL A 1 139 ? -8.222  -6.063  9.822   1.00 7.15  ? 180 VAL A N   1 
ATOM   1047 C CA  . VAL A 1 139 ? -8.754  -5.065  8.897   1.00 7.05  ? 180 VAL A CA  1 
ATOM   1048 C C   . VAL A 1 139 ? -8.438  -5.454  7.450   1.00 6.98  ? 180 VAL A C   1 
ATOM   1049 O O   . VAL A 1 139 ? -9.285  -5.316  6.568   1.00 7.15  ? 180 VAL A O   1 
ATOM   1050 C CB  . VAL A 1 139 ? -8.199  -3.654  9.193   1.00 7.19  ? 180 VAL A CB  1 
ATOM   1051 C CG1 . VAL A 1 139 ? -8.728  -2.639  8.183   1.00 7.03  ? 180 VAL A CG1 1 
ATOM   1052 C CG2 . VAL A 1 139 ? -8.553  -3.228  10.611  1.00 7.15  ? 180 VAL A CG2 1 
ATOM   1053 N N   . VAL A 1 140 ? -7.222  -5.946  7.215   1.00 6.75  ? 181 VAL A N   1 
ATOM   1054 C CA  . VAL A 1 140 ? -6.815  -6.394  5.883   1.00 6.85  ? 181 VAL A CA  1 
ATOM   1055 C C   . VAL A 1 140 ? -7.682  -7.564  5.401   1.00 6.99  ? 181 VAL A C   1 
ATOM   1056 O O   . VAL A 1 140 ? -8.085  -7.597  4.240   1.00 7.20  ? 181 VAL A O   1 
ATOM   1057 C CB  . VAL A 1 140 ? -5.323  -6.791  5.855   1.00 6.56  ? 181 VAL A CB  1 
ATOM   1058 C CG1 . VAL A 1 140 ? -4.932  -7.361  4.484   1.00 6.91  ? 181 VAL A CG1 1 
ATOM   1059 C CG2 . VAL A 1 140 ? -4.444  -5.595  6.215   1.00 6.57  ? 181 VAL A CG2 1 
ATOM   1060 N N   . LYS A 1 141 ? -7.982  -8.506  6.294   1.00 7.20  ? 182 LYS A N   1 
ATOM   1061 C CA  . LYS A 1 141 ? -8.852  -9.634  5.945   1.00 7.55  ? 182 LYS A CA  1 
ATOM   1062 C C   . LYS A 1 141 ? -10.279 -9.167  5.630   1.00 7.41  ? 182 LYS A C   1 
ATOM   1063 O O   . LYS A 1 141 ? -10.927 -9.711  4.733   1.00 7.37  ? 182 LYS A O   1 
ATOM   1064 C CB  . LYS A 1 141 ? -8.859  -10.699 7.053   1.00 7.73  ? 182 LYS A CB  1 
ATOM   1065 C CG  . LYS A 1 141 ? -7.499  -11.361 7.324   1.00 8.65  ? 182 LYS A CG  1 
ATOM   1066 C CD  . LYS A 1 141 ? -6.938  -12.138 6.134   1.00 9.29  ? 182 LYS A CD  1 
ATOM   1067 C CE  . LYS A 1 141 ? -7.663  -13.452 5.892   1.00 9.29  ? 182 LYS A CE  1 
ATOM   1068 N NZ  . LYS A 1 141 ? -7.135  -14.154 4.687   1.00 8.83  ? 182 LYS A NZ  1 
ATOM   1069 N N   . LYS A 1 142 ? -10.761 -8.153  6.347   1.00 7.54  ? 183 LYS A N   1 
ATOM   1070 C CA  . LYS A 1 142 ? -12.054 -7.550  6.020   1.00 7.87  ? 183 LYS A CA  1 
ATOM   1071 C C   . LYS A 1 142 ? -12.025 -6.950  4.614   1.00 7.67  ? 183 LYS A C   1 
ATOM   1072 O O   . LYS A 1 142 ? -12.896 -7.242  3.790   1.00 7.77  ? 183 LYS A O   1 
ATOM   1073 C CB  . LYS A 1 142 ? -12.452 -6.483  7.048   1.00 8.02  ? 183 LYS A CB  1 
ATOM   1074 C CG  . LYS A 1 142 ? -12.887 -7.035  8.412   1.00 8.84  ? 183 LYS A CG  1 
ATOM   1075 C CD  . LYS A 1 142 ? -14.166 -7.873  8.354   0.90 10.13 ? 183 LYS A CD  1 
ATOM   1076 C CE  . LYS A 1 142 ? -15.391 -7.055  7.990   0.80 11.00 ? 183 LYS A CE  1 
ATOM   1077 N NZ  . LYS A 1 142 ? -16.620 -7.899  7.945   0.60 11.31 ? 183 LYS A NZ  1 
ATOM   1078 N N   . ILE A 1 143 ? -11.012 -6.132  4.334   1.00 7.45  ? 184 ILE A N   1 
ATOM   1079 C CA  . ILE A 1 143 ? -10.854 -5.532  3.004   1.00 7.56  ? 184 ILE A CA  1 
ATOM   1080 C C   . ILE A 1 143 ? -10.825 -6.628  1.932   1.00 7.77  ? 184 ILE A C   1 
ATOM   1081 O O   . ILE A 1 143 ? -11.534 -6.548  0.927   1.00 7.73  ? 184 ILE A O   1 
ATOM   1082 C CB  . ILE A 1 143 ? -9.565  -4.676  2.913   1.00 7.39  ? 184 ILE A CB  1 
ATOM   1083 C CG1 . ILE A 1 143 ? -9.656  -3.447  3.824   1.00 7.47  ? 184 ILE A CG1 1 
ATOM   1084 C CG2 . ILE A 1 143 ? -9.317  -4.217  1.478   1.00 7.12  ? 184 ILE A CG2 1 
ATOM   1085 C CD1 . ILE A 1 143 ? -8.326  -2.733  3.986   1.00 7.93  ? 184 ILE A CD1 1 
ATOM   1086 N N   . GLU A 1 144 ? -10.007 -7.653  2.164   1.00 8.01  ? 185 GLU A N   1 
ATOM   1087 C CA  . GLU A 1 144 ? -9.885  -8.798  1.255   1.00 8.29  ? 185 GLU A CA  1 
ATOM   1088 C C   . GLU A 1 144 ? -11.243 -9.435  0.942   1.00 8.75  ? 185 GLU A C   1 
ATOM   1089 O O   . GLU A 1 144 ? -11.523 -9.783  -0.213  1.00 8.77  ? 185 GLU A O   1 
ATOM   1090 C CB  . GLU A 1 144 ? -8.949  -9.851  1.859   1.00 8.33  ? 185 GLU A CB  1 
ATOM   1091 C CG  . GLU A 1 144 ? -8.667  -11.032 0.932   1.00 8.16  ? 185 GLU A CG  1 
ATOM   1092 C CD  . GLU A 1 144 ? -7.910  -12.161 1.606   1.00 8.64  ? 185 GLU A CD  1 
ATOM   1093 O OE1 . GLU A 1 144 ? -8.025  -12.310 2.841   1.00 9.02  ? 185 GLU A OE1 1 
ATOM   1094 O OE2 . GLU A 1 144 ? -7.205  -12.904 0.887   1.00 8.89  ? 185 GLU A OE2 1 
ATOM   1095 N N   . SER A 1 145 ? -12.078 -9.582  1.971   1.00 9.19  ? 186 SER A N   1 
ATOM   1096 C CA  . SER A 1 145 ? -13.395 -10.210 1.819   1.00 9.61  ? 186 SER A CA  1 
ATOM   1097 C C   . SER A 1 145 ? -14.362 -9.392  0.955   1.00 9.84  ? 186 SER A C   1 
ATOM   1098 O O   . SER A 1 145 ? -15.384 -9.919  0.508   1.00 10.20 ? 186 SER A O   1 
ATOM   1099 C CB  . SER A 1 145 ? -14.029 -10.491 3.189   1.00 9.63  ? 186 SER A CB  1 
ATOM   1100 O OG  . SER A 1 145 ? -14.575 -9.318  3.771   1.00 9.67  ? 186 SER A OG  1 
ATOM   1101 N N   . PHE A 1 146 ? -14.048 -8.116  0.725   1.00 9.99  ? 187 PHE A N   1 
ATOM   1102 C CA  . PHE A 1 146 ? -14.858 -7.265  -0.150  1.00 10.20 ? 187 PHE A CA  1 
ATOM   1103 C C   . PHE A 1 146 ? -14.296 -7.169  -1.573  1.00 10.20 ? 187 PHE A C   1 
ATOM   1104 O O   . PHE A 1 146 ? -14.730 -6.322  -2.358  1.00 10.12 ? 187 PHE A O   1 
ATOM   1105 C CB  . PHE A 1 146 ? -15.000 -5.858  0.446   1.00 10.40 ? 187 PHE A CB  1 
ATOM   1106 C CG  . PHE A 1 146 ? -15.440 -5.844  1.888   1.00 11.11 ? 187 PHE A CG  1 
ATOM   1107 C CD1 . PHE A 1 146 ? -16.438 -6.701  2.337   1.00 11.74 ? 187 PHE A CD1 1 
ATOM   1108 C CD2 . PHE A 1 146 ? -14.868 -4.958  2.794   1.00 11.67 ? 187 PHE A CD2 1 
ATOM   1109 C CE1 . PHE A 1 146 ? -16.843 -6.687  3.666   1.00 12.14 ? 187 PHE A CE1 1 
ATOM   1110 C CE2 . PHE A 1 146 ? -15.271 -4.941  4.122   1.00 12.40 ? 187 PHE A CE2 1 
ATOM   1111 C CZ  . PHE A 1 146 ? -16.260 -5.805  4.554   1.00 12.14 ? 187 PHE A CZ  1 
ATOM   1112 N N   . GLY A 1 147 ? -13.345 -8.040  -1.903  1.00 10.07 ? 188 GLY A N   1 
ATOM   1113 C CA  . GLY A 1 147 ? -12.782 -8.103  -3.247  1.00 10.14 ? 188 GLY A CA  1 
ATOM   1114 C C   . GLY A 1 147 ? -13.532 -9.063  -4.150  1.00 10.30 ? 188 GLY A C   1 
ATOM   1115 O O   . GLY A 1 147 ? -14.599 -9.567  -3.795  1.00 10.45 ? 188 GLY A O   1 
ATOM   1116 N N   . SER A 1 148 ? -12.961 -9.310  -5.325  1.00 10.43 ? 189 SER A N   1 
ATOM   1117 C CA  . SER A 1 148 ? -13.496 -10.282 -6.276  1.00 10.60 ? 189 SER A CA  1 
ATOM   1118 C C   . SER A 1 148 ? -12.361 -10.762 -7.174  1.00 10.75 ? 189 SER A C   1 
ATOM   1119 O O   . SER A 1 148 ? -11.266 -10.204 -7.143  1.00 10.63 ? 189 SER A O   1 
ATOM   1120 C CB  . SER A 1 148 ? -14.607 -9.655  -7.118  1.00 10.54 ? 189 SER A CB  1 
ATOM   1121 O OG  . SER A 1 148 ? -14.099 -8.633  -7.958  1.00 11.08 ? 189 SER A OG  1 
ATOM   1122 N N   . LYS A 1 149 ? -12.621 -11.788 -7.979  1.00 11.14 ? 190 LYS A N   1 
ATOM   1123 C CA  . LYS A 1 149 ? -11.597 -12.326 -8.874  1.00 11.50 ? 190 LYS A CA  1 
ATOM   1124 C C   . LYS A 1 149 ? -11.073 -11.275 -9.860  1.00 11.44 ? 190 LYS A C   1 
ATOM   1125 O O   . LYS A 1 149 ? -9.883  -11.260 -10.173 1.00 11.73 ? 190 LYS A O   1 
ATOM   1126 C CB  . LYS A 1 149 ? -12.117 -13.564 -9.618  1.00 11.76 ? 190 LYS A CB  1 
ATOM   1127 C CG  . LYS A 1 149 ? -12.122 -14.827 -8.764  0.60 12.32 ? 190 LYS A CG  1 
ATOM   1128 C CD  . LYS A 1 149 ? -12.499 -16.067 -9.565  0.60 13.15 ? 190 LYS A CD  1 
ATOM   1129 C CE  . LYS A 1 149 ? -13.993 -16.138 -9.819  0.60 13.57 ? 190 LYS A CE  1 
ATOM   1130 N NZ  . LYS A 1 149 ? -14.377 -17.389 -10.522 0.50 14.11 ? 190 LYS A NZ  1 
ATOM   1131 N N   . SER A 1 150 ? -11.955 -10.391 -10.326 1.00 11.37 ? 191 SER A N   1 
ATOM   1132 C CA  . SER A 1 150 ? -11.575 -9.321  -11.253 1.00 11.34 ? 191 SER A CA  1 
ATOM   1133 C C   . SER A 1 150 ? -10.826 -8.169  -10.577 1.00 10.94 ? 191 SER A C   1 
ATOM   1134 O O   . SER A 1 150 ? -10.211 -7.344  -11.258 1.00 11.13 ? 191 SER A O   1 
ATOM   1135 C CB  . SER A 1 150 ? -12.817 -8.749  -11.943 1.00 11.31 ? 191 SER A CB  1 
ATOM   1136 O OG  . SER A 1 150 ? -13.566 -7.936  -11.055 1.00 12.57 ? 191 SER A OG  1 
ATOM   1137 N N   . GLY A 1 151 ? -10.902 -8.100  -9.249  1.00 10.43 ? 192 GLY A N   1 
ATOM   1138 C CA  . GLY A 1 151 ? -10.329 -6.991  -8.492  1.00 10.06 ? 192 GLY A CA  1 
ATOM   1139 C C   . GLY A 1 151 ? -11.356 -5.943  -8.094  1.00 9.86  ? 192 GLY A C   1 
ATOM   1140 O O   . GLY A 1 151 ? -11.089 -5.126  -7.215  1.00 9.39  ? 192 GLY A O   1 
ATOM   1141 N N   . ARG A 1 152 ? -12.528 -5.958  -8.732  1.00 9.75  ? 193 ARG A N   1 
ATOM   1142 C CA  . ARG A 1 152 ? -13.595 -5.009  -8.416  1.00 10.01 ? 193 ARG A CA  1 
ATOM   1143 C C   . ARG A 1 152 ? -14.068 -5.215  -6.981  1.00 9.84  ? 193 ARG A C   1 
ATOM   1144 O O   . ARG A 1 152 ? -14.351 -6.339  -6.576  1.00 9.73  ? 193 ARG A O   1 
ATOM   1145 C CB  . ARG A 1 152 ? -14.776 -5.179  -9.391  1.00 10.15 ? 193 ARG A CB  1 
ATOM   1146 C CG  . ARG A 1 152 ? -16.007 -4.320  -9.084  0.80 11.01 ? 193 ARG A CG  1 
ATOM   1147 C CD  . ARG A 1 152 ? -15.735 -2.832  -9.275  0.70 11.66 ? 193 ARG A CD  1 
ATOM   1148 N NE  . ARG A 1 152 ? -16.683 -1.999  -8.537  0.50 12.18 ? 193 ARG A NE  1 
ATOM   1149 C CZ  . ARG A 1 152 ? -17.724 -1.378  -9.084  0.40 12.35 ? 193 ARG A CZ  1 
ATOM   1150 N NH1 . ARG A 1 152 ? -17.957 -1.487  -10.385 0.30 12.38 ? 193 ARG A NH1 1 
ATOM   1151 N NH2 . ARG A 1 152 ? -18.528 -0.642  -8.331  0.30 12.53 ? 193 ARG A NH2 1 
ATOM   1152 N N   . THR A 1 153 ? -14.146 -4.130  -6.216  1.00 9.65  ? 194 THR A N   1 
ATOM   1153 C CA  . THR A 1 153 ? -14.587 -4.215  -4.824  1.00 9.67  ? 194 THR A CA  1 
ATOM   1154 C C   . THR A 1 153 ? -16.110 -4.155  -4.722  1.00 9.75  ? 194 THR A C   1 
ATOM   1155 O O   . THR A 1 153 ? -16.766 -3.477  -5.517  1.00 9.82  ? 194 THR A O   1 
ATOM   1156 C CB  . THR A 1 153 ? -13.976 -3.094  -3.959  1.00 9.56  ? 194 THR A CB  1 
ATOM   1157 O OG1 . THR A 1 153 ? -14.310 -1.818  -4.513  1.00 9.57  ? 194 THR A OG1 1 
ATOM   1158 C CG2 . THR A 1 153 ? -12.462 -3.237  -3.885  1.00 9.60  ? 194 THR A CG2 1 
ATOM   1159 N N   . SER A 1 154 ? -16.660 -4.867  -3.740  1.00 10.00 ? 195 SER A N   1 
ATOM   1160 C CA  . SER A 1 154 ? -18.108 -4.914  -3.512  1.00 10.16 ? 195 SER A CA  1 
ATOM   1161 C C   . SER A 1 154 ? -18.563 -3.935  -2.431  1.00 10.28 ? 195 SER A C   1 
ATOM   1162 O O   . SER A 1 154 ? -19.758 -3.820  -2.162  1.00 10.43 ? 195 SER A O   1 
ATOM   1163 C CB  . SER A 1 154 ? -18.534 -6.328  -3.124  1.00 10.37 ? 195 SER A CB  1 
ATOM   1164 O OG  . SER A 1 154 ? -17.886 -6.735  -1.933  1.00 10.49 ? 195 SER A OG  1 
ATOM   1165 N N   . LYS A 1 155 ? -17.604 -3.263  -1.796  1.00 10.25 ? 196 LYS A N   1 
ATOM   1166 C CA  . LYS A 1 155 ? -17.877 -2.140  -0.904  1.00 10.16 ? 196 LYS A CA  1 
ATOM   1167 C C   . LYS A 1 155 ? -16.927 -1.003  -1.264  1.00 10.01 ? 196 LYS A C   1 
ATOM   1168 O O   . LYS A 1 155 ? -15.871 -1.238  -1.856  1.00 10.06 ? 196 LYS A O   1 
ATOM   1169 C CB  . LYS A 1 155 ? -17.684 -2.539  0.562   1.00 10.28 ? 196 LYS A CB  1 
ATOM   1170 C CG  . LYS A 1 155 ? -18.630 -3.628  1.052   1.00 10.77 ? 196 LYS A CG  1 
ATOM   1171 C CD  . LYS A 1 155 ? -18.643 -3.703  2.569   1.00 11.80 ? 196 LYS A CD  1 
ATOM   1172 C CE  . LYS A 1 155 ? -19.661 -4.713  3.073   1.00 12.63 ? 196 LYS A CE  1 
ATOM   1173 N NZ  . LYS A 1 155 ? -19.918 -4.556  4.533   1.00 14.04 ? 196 LYS A NZ  1 
ATOM   1174 N N   . LYS A 1 156 ? -17.303 0.225   -0.922  1.00 9.70  ? 197 LYS A N   1 
ATOM   1175 C CA  . LYS A 1 156 ? -16.426 1.376   -1.133  1.00 9.73  ? 197 LYS A CA  1 
ATOM   1176 C C   . LYS A 1 156 ? -15.429 1.450   0.021   1.00 9.16  ? 197 LYS A C   1 
ATOM   1177 O O   . LYS A 1 156 ? -15.800 1.774   1.149   1.00 9.00  ? 197 LYS A O   1 
ATOM   1178 C CB  . LYS A 1 156 ? -17.234 2.671   -1.240  1.00 9.95  ? 197 LYS A CB  1 
ATOM   1179 C CG  . LYS A 1 156 ? -16.398 3.884   -1.612  0.80 11.25 ? 197 LYS A CG  1 
ATOM   1180 C CD  . LYS A 1 156 ? -17.248 5.000   -2.193  0.70 12.51 ? 197 LYS A CD  1 
ATOM   1181 C CE  . LYS A 1 156 ? -16.425 6.254   -2.439  0.60 13.23 ? 197 LYS A CE  1 
ATOM   1182 N NZ  . LYS A 1 156 ? -17.214 7.321   -3.117  0.50 13.99 ? 197 LYS A NZ  1 
ATOM   1183 N N   . ILE A 1 157 ? -14.167 1.142   -0.276  1.00 8.52  ? 198 ILE A N   1 
ATOM   1184 C CA  . ILE A 1 157 ? -13.122 1.011   0.741   1.00 8.26  ? 198 ILE A CA  1 
ATOM   1185 C C   . ILE A 1 157 ? -12.225 2.244   0.681   1.00 8.05  ? 198 ILE A C   1 
ATOM   1186 O O   . ILE A 1 157 ? -11.505 2.435   -0.298  1.00 7.92  ? 198 ILE A O   1 
ATOM   1187 C CB  . ILE A 1 157 ? -12.284 -0.269  0.512   1.00 8.33  ? 198 ILE A CB  1 
ATOM   1188 C CG1 . ILE A 1 157 ? -13.194 -1.499  0.416   1.00 8.50  ? 198 ILE A CG1 1 
ATOM   1189 C CG2 . ILE A 1 157 ? -11.268 -0.458  1.631   1.00 8.01  ? 198 ILE A CG2 1 
ATOM   1190 C CD1 . ILE A 1 157 ? -12.554 -2.686  -0.261  1.00 9.90  ? 198 ILE A CD1 1 
ATOM   1191 N N   . VAL A 1 158 ? -12.279 3.069   1.727   1.00 7.97  ? 199 VAL A N   1 
ATOM   1192 C CA  . VAL A 1 158 ? -11.638 4.380   1.734   1.00 8.09  ? 199 VAL A CA  1 
ATOM   1193 C C   . VAL A 1 158 ? -10.658 4.513   2.891   1.00 7.82  ? 199 VAL A C   1 
ATOM   1194 O O   . VAL A 1 158 ? -10.979 4.158   4.026   1.00 7.59  ? 199 VAL A O   1 
ATOM   1195 C CB  . VAL A 1 158 ? -12.698 5.502   1.865   1.00 8.11  ? 199 VAL A CB  1 
ATOM   1196 C CG1 . VAL A 1 158 ? -12.035 6.872   1.997   1.00 8.96  ? 199 VAL A CG1 1 
ATOM   1197 C CG2 . VAL A 1 158 ? -13.645 5.482   0.673   1.00 8.90  ? 199 VAL A CG2 1 
ATOM   1198 N N   . ILE A 1 159 ? -9.464  5.021   2.595   1.00 7.87  ? 200 ILE A N   1 
ATOM   1199 C CA  . ILE A 1 159 ? -8.515  5.427   3.620   1.00 7.85  ? 200 ILE A CA  1 
ATOM   1200 C C   . ILE A 1 159 ? -8.962  6.803   4.110   1.00 8.11  ? 200 ILE A C   1 
ATOM   1201 O O   . ILE A 1 159 ? -8.684  7.815   3.466   1.00 8.26  ? 200 ILE A O   1 
ATOM   1202 C CB  . ILE A 1 159 ? -7.070  5.497   3.071   1.00 7.73  ? 200 ILE A CB  1 
ATOM   1203 C CG1 . ILE A 1 159 ? -6.608  4.112   2.608   1.00 7.95  ? 200 ILE A CG1 1 
ATOM   1204 C CG2 . ILE A 1 159 ? -6.122  6.064   4.127   1.00 8.08  ? 200 ILE A CG2 1 
ATOM   1205 C CD1 . ILE A 1 159 ? -5.402  4.147   1.699   1.00 7.84  ? 200 ILE A CD1 1 
ATOM   1206 N N   . THR A 1 160 ? -9.673  6.835   5.233   1.00 8.36  ? 201 THR A N   1 
ATOM   1207 C CA  . THR A 1 160 ? -10.258 8.083   5.734   1.00 8.73  ? 201 THR A CA  1 
ATOM   1208 C C   . THR A 1 160 ? -9.208  8.972   6.391   1.00 8.84  ? 201 THR A C   1 
ATOM   1209 O O   . THR A 1 160 ? -9.285  10.201  6.313   1.00 9.03  ? 201 THR A O   1 
ATOM   1210 C CB  . THR A 1 160 ? -11.400 7.818   6.735   1.00 8.96  ? 201 THR A CB  1 
ATOM   1211 O OG1 . THR A 1 160 ? -10.889 7.154   7.898   1.00 9.27  ? 201 THR A OG1 1 
ATOM   1212 C CG2 . THR A 1 160 ? -12.486 6.969   6.094   1.00 9.35  ? 201 THR A CG2 1 
ATOM   1213 N N   . ASP A 1 161 ? -8.242  8.339   7.054   1.00 8.84  ? 202 ASP A N   1 
ATOM   1214 C CA  . ASP A 1 161 ? -7.143  9.038   7.712   1.00 8.72  ? 202 ASP A CA  1 
ATOM   1215 C C   . ASP A 1 161 ? -5.867  8.213   7.586   1.00 7.88  ? 202 ASP A C   1 
ATOM   1216 O O   . ASP A 1 161 ? -5.912  6.990   7.431   1.00 7.81  ? 202 ASP A O   1 
ATOM   1217 C CB  . ASP A 1 161 ? -7.439  9.267   9.199   1.00 9.06  ? 202 ASP A CB  1 
ATOM   1218 C CG  . ASP A 1 161 ? -8.767  9.953   9.442   1.00 10.81 ? 202 ASP A CG  1 
ATOM   1219 O OD1 . ASP A 1 161 ? -8.787  11.196  9.581   1.00 13.42 ? 202 ASP A OD1 1 
ATOM   1220 O OD2 . ASP A 1 161 ? -9.796  9.247   9.492   1.00 12.30 ? 202 ASP A OD2 1 
ATOM   1221 N N   . CYS A 1 162 ? -4.732  8.896   7.659   1.00 7.05  ? 203 CYS A N   1 
ATOM   1222 C CA  . CYS A 1 162 ? -3.436  8.235   7.653   1.00 6.59  ? 203 CYS A CA  1 
ATOM   1223 C C   . CYS A 1 162 ? -2.385  9.183   8.204   1.00 6.35  ? 203 CYS A C   1 
ATOM   1224 O O   . CYS A 1 162 ? -2.607  10.389  8.289   1.00 6.11  ? 203 CYS A O   1 
ATOM   1225 C CB  . CYS A 1 162 ? -3.065  7.762   6.238   1.00 6.48  ? 203 CYS A CB  1 
ATOM   1226 S SG  . CYS A 1 162 ? -3.332  8.975   4.908   1.00 6.10  ? 203 CYS A SG  1 
ATOM   1227 N N   . GLY A 1 163 ? -1.245  8.632   8.597   1.00 6.13  ? 204 GLY A N   1 
ATOM   1228 C CA  . GLY A 1 163 ? -0.180  9.443   9.158   1.00 6.05  ? 204 GLY A CA  1 
ATOM   1229 C C   . GLY A 1 163 ? 0.963   8.615   9.690   1.00 6.20  ? 204 GLY A C   1 
ATOM   1230 O O   . GLY A 1 163 ? 1.064   7.416   9.413   1.00 6.21  ? 204 GLY A O   1 
ATOM   1231 N N   . GLN A 1 164 ? 1.823   9.272   10.460  1.00 5.97  ? 205 GLN A N   1 
ATOM   1232 C CA  . GLN A 1 164 ? 3.001   8.637   11.027  1.00 6.05  ? 205 GLN A CA  1 
ATOM   1233 C C   . GLN A 1 164 ? 2.881   8.552   12.541  1.00 6.11  ? 205 GLN A C   1 
ATOM   1234 O O   . GLN A 1 164 ? 2.516   9.529   13.199  1.00 6.11  ? 205 GLN A O   1 
ATOM   1235 C CB  . GLN A 1 164 ? 4.249   9.429   10.653  1.00 5.90  ? 205 GLN A CB  1 
ATOM   1236 C CG  . GLN A 1 164 ? 5.541   8.816   11.166  1.00 6.07  ? 205 GLN A CG  1 
ATOM   1237 C CD  . GLN A 1 164 ? 6.772   9.440   10.549  1.00 5.98  ? 205 GLN A CD  1 
ATOM   1238 O OE1 . GLN A 1 164 ? 6.700   10.495  9.914   1.00 6.67  ? 205 GLN A OE1 1 
ATOM   1239 N NE2 . GLN A 1 164 ? 7.918   8.792   10.737  1.00 6.50  ? 205 GLN A NE2 1 
ATOM   1240 N N   . LEU A 1 165 ? 3.190   7.374   13.076  1.00 6.24  ? 206 LEU A N   1 
ATOM   1241 C CA  . LEU A 1 165 ? 3.165   7.118   14.521  1.00 6.16  ? 206 LEU A CA  1 
ATOM   1242 C C   . LEU A 1 165 ? 4.534   7.333   15.166  1.00 6.03  ? 206 LEU A C   1 
ATOM   1243 O O   . LEU A 1 165 ? 4.624   7.807   16.298  1.00 6.05  ? 206 LEU A O   1 
ATOM   1244 C CB  . LEU A 1 165 ? 2.693   5.688   14.800  1.00 6.47  ? 206 LEU A CB  1 
ATOM   1245 C CG  . LEU A 1 165 ? 1.273   5.353   14.343  1.00 6.86  ? 206 LEU A CG  1 
ATOM   1246 C CD1 . LEU A 1 165 ? 0.965   3.888   14.595  1.00 8.17  ? 206 LEU A CD1 1 
ATOM   1247 C CD2 . LEU A 1 165 ? 0.247   6.240   15.029  1.00 7.56  ? 206 LEU A CD2 1 
ATOM   1248 N N   . SER A 1 166 ? 5.590   6.958   14.447  1.00 5.92  ? 207 SER A N   1 
ATOM   1249 C CA  . SER A 1 166 ? 6.963   7.148   14.915  1.00 5.82  ? 207 SER A CA  1 
ATOM   1250 C C   . SER A 1 166 ? 7.939   7.062   13.745  1.00 6.08  ? 207 SER A C   1 
ATOM   1251 O O   . SER A 1 166 ? 9.129   7.364   13.869  1.00 6.42  ? 207 SER A O   1 
ATOM   1252 C CB  . SER A 1 166 ? 7.320   6.112   15.981  1.00 5.95  ? 207 SER A CB  1 
ATOM   1253 O OG  . SER A 1 166 ? 7.237   4.796   15.465  1.00 5.70  ? 207 SER A OG  1 
ATOM   1254 O OXT . SER A 1 166 ? 7.531   6.694   12.645  1.00 5.59  ? 207 SER A OXT 1 
HETATM 1255 O O22 . P33 B 2 .   ? 8.881   -12.838 13.380  0.30 12.70 ? 301 P33 A O22 1 
HETATM 1256 C C21 . P33 B 2 .   ? 7.533   -12.433 13.147  0.50 12.13 ? 301 P33 A C21 1 
HETATM 1257 C C20 . P33 B 2 .   ? 7.494   -10.958 12.755  0.80 11.92 ? 301 P33 A C20 1 
HETATM 1258 O O19 . P33 B 2 .   ? 8.026   -10.815 11.439  0.80 11.46 ? 301 P33 A O19 1 
HETATM 1259 C C18 . P33 B 2 .   ? 8.086   -9.463  10.996  0.80 10.26 ? 301 P33 A C18 1 
HETATM 1260 C C17 . P33 B 2 .   ? 8.529   -9.447  9.538   0.80 9.44  ? 301 P33 A C17 1 
HETATM 1261 O O16 . P33 B 2 .   ? 7.433   -9.829  8.715   0.80 9.05  ? 301 P33 A O16 1 
HETATM 1262 C C15 . P33 B 2 .   ? 7.775   -9.768  7.331   0.80 8.59  ? 301 P33 A C15 1 
HETATM 1263 C C14 . P33 B 2 .   ? 6.583   -10.228 6.501   0.80 8.97  ? 301 P33 A C14 1 
HETATM 1264 O O13 . P33 B 2 .   ? 6.206   -11.543 6.911   0.80 9.14  ? 301 P33 A O13 1 
HETATM 1265 C C12 . P33 B 2 .   ? 4.889   -11.891 6.501   0.80 9.09  ? 301 P33 A C12 1 
HETATM 1266 C C11 . P33 B 2 .   ? 4.541   -13.279 7.025   0.80 9.36  ? 301 P33 A C11 1 
HETATM 1267 O O10 . P33 B 2 .   ? 5.413   -14.257 6.462   0.80 10.15 ? 301 P33 A O10 1 
HETATM 1268 C C9  . P33 B 2 .   ? 5.168   -15.550 7.014   0.80 11.09 ? 301 P33 A C9  1 
HETATM 1269 C C8  . P33 B 2 .   ? 6.221   -16.520 6.504   0.80 11.45 ? 301 P33 A C8  1 
HETATM 1270 O O7  . P33 B 2 .   ? 7.512   -16.046 6.877   0.80 12.08 ? 301 P33 A O7  1 
HETATM 1271 C C6  . P33 B 2 .   ? 8.543   -16.912 6.409   0.80 13.09 ? 301 P33 A C6  1 
HETATM 1272 C C5  . P33 B 2 .   ? 9.879   -16.459 6.982   0.80 13.48 ? 301 P33 A C5  1 
HETATM 1273 O O4  . P33 B 2 .   ? 9.847   -16.560 8.404   0.80 14.60 ? 301 P33 A O4  1 
HETATM 1274 C C3  . P33 B 2 .   ? 10.976  -15.932 9.011   0.80 14.98 ? 301 P33 A C3  1 
HETATM 1275 C C2  . P33 B 2 .   ? 11.027  -16.297 10.489  0.50 15.14 ? 301 P33 A C2  1 
HETATM 1276 O O1  . P33 B 2 .   ? 11.494  -17.636 10.630  0.30 15.24 ? 301 P33 A O1  1 
HETATM 1277 N NAA . 6AI C 3 .   ? 2.717   3.469   -10.351 0.80 12.97 ? 302 6AI A NAA 1 
HETATM 1278 C CAB . 6AI C 3 .   ? 1.382   1.524   -10.352 0.80 13.56 ? 302 6AI A CAB 1 
HETATM 1279 C CAC . 6AI C 3 .   ? 0.447   0.711   -10.988 0.80 13.95 ? 302 6AI A CAC 1 
HETATM 1280 C CAD . 6AI C 3 .   ? -0.911  0.551   -13.076 0.80 14.22 ? 302 6AI A CAD 1 
HETATM 1281 C CAE . 6AI C 3 .   ? 1.328   3.067   -12.210 0.80 13.71 ? 302 6AI A CAE 1 
HETATM 1282 N NAF . 6AI C 3 .   ? -0.990  1.363   -14.130 0.80 13.90 ? 302 6AI A NAF 1 
HETATM 1283 N NAG . 6AI C 3 .   ? -0.245  2.342   -14.005 0.80 14.15 ? 302 6AI A NAG 1 
HETATM 1284 C CAH . 6AI C 3 .   ? 1.821   2.700   -10.959 0.80 13.43 ? 302 6AI A CAH 1 
HETATM 1285 C CAI . 6AI C 3 .   ? -0.041  1.088   -12.236 0.80 13.99 ? 302 6AI A CAI 1 
HETATM 1286 C CAJ . 6AI C 3 .   ? 0.393   2.256   -12.842 0.80 13.86 ? 302 6AI A CAJ 1 
HETATM 1287 O O   . HOH D 4 .   ? -12.955 6.852   10.813  1.00 23.35 ? 401 HOH A O   1 
HETATM 1288 O O   . HOH D 4 .   ? -0.983  11.681  12.526  0.96 18.44 ? 402 HOH A O   1 
HETATM 1289 O O   . HOH D 4 .   ? -15.466 -4.142  12.185  0.93 21.60 ? 403 HOH A O   1 
HETATM 1290 O O   . HOH D 4 .   ? -17.265 1.274   15.050  1.00 12.16 ? 404 HOH A O   1 
HETATM 1291 O O   . HOH D 4 .   ? 11.881  -6.839  -17.162 1.00 21.34 ? 405 HOH A O   1 
HETATM 1292 O O   . HOH D 4 .   ? -7.313  9.077   12.606  0.84 22.16 ? 406 HOH A O   1 
HETATM 1293 O O   . HOH D 4 .   ? -11.194 3.622   13.231  0.94 16.65 ? 407 HOH A O   1 
HETATM 1294 O O   . HOH D 4 .   ? -8.403  1.639   15.313  0.69 27.05 ? 408 HOH A O   1 
HETATM 1295 O O   . HOH D 4 .   ? 10.314  -5.175  -18.906 0.96 23.67 ? 409 HOH A O   1 
HETATM 1296 O O   . HOH D 4 .   ? -12.031 4.958   9.078   1.00 12.47 ? 410 HOH A O   1 
HETATM 1297 O O   . HOH D 4 .   ? -15.752 6.447   3.860   1.00 17.87 ? 411 HOH A O   1 
HETATM 1298 O O   . HOH D 4 .   ? 18.684  6.000   5.102   0.94 14.80 ? 412 HOH A O   1 
HETATM 1299 O O   . HOH D 4 .   ? -20.732 0.505   -2.144  0.96 13.25 ? 413 HOH A O   1 
HETATM 1300 O O   . HOH D 4 .   ? -22.281 4.237   6.473   0.95 23.42 ? 414 HOH A O   1 
HETATM 1301 O O   . HOH D 4 .   ? -3.021  -14.744 -7.314  0.70 19.12 ? 415 HOH A O   1 
HETATM 1302 O O   . HOH D 4 .   ? 16.042  6.564   6.097   0.99 14.16 ? 416 HOH A O   1 
HETATM 1303 O O   . HOH D 4 .   ? 15.287  9.095   3.574   0.86 25.40 ? 417 HOH A O   1 
HETATM 1304 O O   . HOH D 4 .   ? 10.807  7.527   16.137  0.91 13.90 ? 418 HOH A O   1 
HETATM 1305 O O   . HOH D 4 .   ? -18.885 5.104   0.951   1.00 34.00 ? 419 HOH A O   1 
HETATM 1306 O O   . HOH D 4 .   ? -18.118 7.083   9.833   0.75 24.10 ? 420 HOH A O   1 
HETATM 1307 O O   . HOH D 4 .   ? 12.349  8.208   8.429   1.00 14.39 ? 421 HOH A O   1 
HETATM 1308 O O   . HOH D 4 .   ? 14.843  11.794  3.591   1.00 31.48 ? 422 HOH A O   1 
HETATM 1309 O O   . HOH D 4 .   ? 13.985  10.264  7.803   1.00 18.36 ? 423 HOH A O   1 
HETATM 1310 O O   . HOH D 4 .   ? 15.888  -9.703  -8.319  0.97 25.66 ? 424 HOH A O   1 
HETATM 1311 O O   . HOH D 4 .   ? -17.513 -1.233  10.213  0.99 20.20 ? 425 HOH A O   1 
HETATM 1312 O O   . HOH D 4 .   ? -15.136 -0.061  13.893  1.00 13.83 ? 426 HOH A O   1 
HETATM 1313 O O   . HOH D 4 .   ? -11.253 2.907   10.719  1.00 11.03 ? 427 HOH A O   1 
HETATM 1314 O O   . HOH D 4 .   ? -1.919  3.199   16.376  0.89 11.25 ? 428 HOH A O   1 
HETATM 1315 O O   . HOH D 4 .   ? -8.169  -1.462  14.487  1.00 11.95 ? 429 HOH A O   1 
HETATM 1316 O O   . HOH D 4 .   ? -12.534 -3.233  -11.324 1.00 18.75 ? 430 HOH A O   1 
HETATM 1317 O O   . HOH D 4 .   ? -6.997  -17.880 -5.906  0.50 21.31 ? 431 HOH A O   1 
HETATM 1318 O O   . HOH D 4 .   ? 20.893  -1.485  6.394   0.89 21.83 ? 432 HOH A O   1 
HETATM 1319 O O   . HOH D 4 .   ? 14.525  -4.498  9.620   0.98 27.76 ? 433 HOH A O   1 
HETATM 1320 O O   . HOH D 4 .   ? 19.558  -1.717  0.837   1.00 12.98 ? 434 HOH A O   1 
HETATM 1321 O O   . HOH D 4 .   ? 11.213  -10.511 5.072   0.99 7.39  ? 435 HOH A O   1 
HETATM 1322 O O   . HOH D 4 .   ? 12.072  -15.074 4.779   1.00 19.85 ? 436 HOH A O   1 
HETATM 1323 O O   . HOH D 4 .   ? 13.913  6.738   4.480   0.98 9.58  ? 437 HOH A O   1 
HETATM 1324 O O   . HOH D 4 .   ? 18.282  7.415   0.175   0.98 15.54 ? 438 HOH A O   1 
HETATM 1325 O O   . HOH D 4 .   ? 6.756   4.164   -1.723  1.00 7.03  ? 439 HOH A O   1 
HETATM 1326 O O   . HOH D 4 .   ? 11.436  1.361   -5.397  1.00 6.81  ? 440 HOH A O   1 
HETATM 1327 O O   . HOH D 4 .   ? -10.177 -3.499  13.812  0.97 13.97 ? 441 HOH A O   1 
HETATM 1328 O O   . HOH D 4 .   ? 1.050   -3.709  -9.809  1.00 10.47 ? 442 HOH A O   1 
HETATM 1329 O O   . HOH D 4 .   ? 12.991  14.513  9.994   1.00 46.45 ? 443 HOH A O   1 
HETATM 1330 O O   . HOH D 4 .   ? 0.435   -8.221  -9.826  0.90 27.47 ? 444 HOH A O   1 
HETATM 1331 O O   . HOH D 4 .   ? -20.426 3.720   12.360  1.00 28.49 ? 445 HOH A O   1 
HETATM 1332 O O   . HOH D 4 .   ? -6.015  11.204  -1.524  0.85 16.47 ? 446 HOH A O   1 
HETATM 1333 O O   . HOH D 4 .   ? -21.056 -7.163  4.850   0.50 21.69 ? 447 HOH A O   1 
HETATM 1334 O O   . HOH D 4 .   ? -18.147 -1.298  7.281   1.00 32.77 ? 448 HOH A O   1 
HETATM 1335 O O   . HOH D 4 .   ? -13.054 -4.552  11.067  0.93 14.24 ? 449 HOH A O   1 
HETATM 1336 O O   . HOH D 4 .   ? -15.687 8.520   7.198   0.96 23.61 ? 450 HOH A O   1 
HETATM 1337 O O   . HOH D 4 .   ? 1.008   -5.444  -11.910 0.50 20.64 ? 451 HOH A O   1 
HETATM 1338 O O   . HOH D 4 .   ? -19.698 -1.080  11.700  0.89 25.30 ? 452 HOH A O   1 
HETATM 1339 O O   . HOH D 4 .   ? -4.549  -17.360 -4.659  0.81 23.29 ? 453 HOH A O   1 
HETATM 1340 O O   . HOH D 4 .   ? 1.079   -18.853 -3.132  0.97 36.88 ? 454 HOH A O   1 
HETATM 1341 O O   . HOH D 4 .   ? -15.067 9.055   -1.153  1.00 33.78 ? 455 HOH A O   1 
HETATM 1342 O O   . HOH D 4 .   ? 13.742  6.145   9.953   0.95 15.26 ? 456 HOH A O   1 
HETATM 1343 O O   . HOH D 4 .   ? -10.434 9.059   -12.824 0.82 40.09 ? 457 HOH A O   1 
HETATM 1344 O O   . HOH D 4 .   ? -13.512 -13.751 -0.054  1.00 28.06 ? 458 HOH A O   1 
HETATM 1345 O O   . HOH D 4 .   ? 12.065  4.885   15.987  1.00 12.43 ? 459 HOH A O   1 
HETATM 1346 O O   . HOH D 4 .   ? -19.545 1.268   13.068  1.00 30.24 ? 460 HOH A O   1 
HETATM 1347 O O   . HOH D 4 .   ? 10.942  -16.253 -5.076  0.87 28.29 ? 461 HOH A O   1 
HETATM 1348 O O   . HOH D 4 .   ? 12.400  11.896  6.317   1.00 20.00 ? 462 HOH A O   1 
HETATM 1349 O O   . HOH D 4 .   ? 2.767   -8.774  8.678   1.00 12.60 ? 463 HOH A O   1 
HETATM 1350 O O   . HOH D 4 .   ? -3.880  -6.632  14.965  1.00 15.06 ? 464 HOH A O   1 
HETATM 1351 O O   . HOH D 4 .   ? -5.251  -8.695  13.503  1.00 17.94 ? 465 HOH A O   1 
HETATM 1352 O O   . HOH D 4 .   ? -2.118  -7.962  12.719  1.00 16.42 ? 466 HOH A O   1 
HETATM 1353 O O   . HOH D 4 .   ? 10.660  -12.812 6.616   1.00 15.72 ? 467 HOH A O   1 
HETATM 1354 O O   . HOH D 4 .   ? 16.028  8.253   1.164   1.00 22.37 ? 468 HOH A O   1 
HETATM 1355 O O   . HOH D 4 .   ? 14.859  7.116   16.279  1.00 18.42 ? 469 HOH A O   1 
HETATM 1356 O O   . HOH D 4 .   ? 4.754   -10.373 9.555   1.00 16.12 ? 470 HOH A O   1 
HETATM 1357 O O   . HOH D 4 .   ? 6.562   19.566  3.938   1.00 20.15 ? 471 HOH A O   1 
HETATM 1358 O O   . HOH D 4 .   ? 3.310   -0.146  -18.560 1.00 21.87 ? 472 HOH A O   1 
HETATM 1359 O O   . HOH D 4 .   ? 8.703   -13.128 10.166  0.70 21.29 ? 473 HOH A O   1 
HETATM 1360 O O   . HOH D 4 .   ? -17.339 -3.910  10.228  1.00 24.57 ? 474 HOH A O   1 
HETATM 1361 O O   . HOH D 4 .   ? -0.152  9.016   -13.440 1.00 23.87 ? 475 HOH A O   1 
HETATM 1362 O O   . HOH D 4 .   ? -3.847  17.010  -2.546  1.00 23.34 ? 476 HOH A O   1 
HETATM 1363 O O   . HOH D 4 .   ? 18.968  -3.371  6.096   1.00 25.36 ? 477 HOH A O   1 
HETATM 1364 O O   . HOH D 4 .   ? -17.651 -11.715 -6.862  1.00 23.19 ? 478 HOH A O   1 
HETATM 1365 O O   . HOH D 4 .   ? 7.512   -17.345 9.885   0.50 17.53 ? 479 HOH A O   1 
HETATM 1366 O O   . HOH D 4 .   ? -2.421  -2.504  -11.198 1.00 20.99 ? 480 HOH A O   1 
HETATM 1367 O O   . HOH D 4 .   ? -14.029 2.471   -4.573  1.00 24.00 ? 481 HOH A O   1 
HETATM 1368 O O   . HOH D 4 .   ? -21.219 -5.966  -5.822  1.00 24.35 ? 482 HOH A O   1 
HETATM 1369 O O   . HOH D 4 .   ? -1.550  17.054  -6.049  1.00 22.64 ? 483 HOH A O   1 
HETATM 1370 O O   . HOH D 4 .   ? -8.477  -16.533 4.869   1.00 24.95 ? 484 HOH A O   1 
HETATM 1371 O O   . HOH D 4 .   ? -19.735 -7.130  0.041   1.00 23.62 ? 485 HOH A O   1 
HETATM 1372 O O   . HOH D 4 .   ? 5.503   -4.248  -18.262 1.00 21.90 ? 486 HOH A O   1 
HETATM 1373 O O   . HOH D 4 .   ? -21.625 0.122   6.066   1.00 21.02 ? 487 HOH A O   1 
HETATM 1374 O O   . HOH D 4 .   ? 20.656  3.011   -0.656  1.00 26.80 ? 488 HOH A O   1 
HETATM 1375 O O   . HOH D 4 .   ? -14.408 -12.263 -12.847 1.00 25.49 ? 489 HOH A O   1 
HETATM 1376 O O   . HOH D 4 .   ? 20.569  -2.297  3.766   1.00 24.10 ? 490 HOH A O   1 
HETATM 1377 O O   . HOH D 4 .   ? -13.318 4.532   -10.200 1.00 22.46 ? 491 HOH A O   1 
HETATM 1378 O O   . HOH D 4 .   ? -5.117  -13.357 9.288   1.00 26.19 ? 492 HOH A O   1 
HETATM 1379 O O   . HOH D 4 .   ? 11.684  7.618   5.722   0.97 8.21  ? 493 HOH A O   1 
HETATM 1380 O O   . HOH D 4 .   ? -19.103 -5.138  -7.332  1.00 30.73 ? 494 HOH A O   1 
HETATM 1381 O O   . HOH D 4 .   ? 15.292  -5.449  7.170   1.00 28.49 ? 495 HOH A O   1 
HETATM 1382 O O   . HOH D 4 .   ? 20.996  4.020   1.782   1.00 24.56 ? 496 HOH A O   1 
HETATM 1383 O O   . HOH D 4 .   ? 10.014  17.465  -1.089  1.00 27.77 ? 497 HOH A O   1 
HETATM 1384 O O   . HOH D 4 .   ? 21.555  7.519   -2.586  1.00 22.03 ? 498 HOH A O   1 
HETATM 1385 O O   . HOH D 4 .   ? 11.735  -9.145  9.599   1.00 24.23 ? 499 HOH A O   1 
HETATM 1386 O O   . HOH D 4 .   ? -10.136 7.843   11.774  1.00 24.45 ? 500 HOH A O   1 
HETATM 1387 O O   . HOH D 4 .   ? 8.043   -13.493 7.588   1.00 13.23 ? 501 HOH A O   1 
HETATM 1388 O O   . HOH D 4 .   ? -16.553 -9.747  5.678   1.00 23.55 ? 502 HOH A O   1 
HETATM 1389 O O   . HOH D 4 .   ? -0.118  -4.611  -7.515  1.00 20.66 ? 503 HOH A O   1 
HETATM 1390 O O   . HOH D 4 .   ? -13.138 -15.778 -2.043  1.00 24.28 ? 504 HOH A O   1 
HETATM 1391 O O   . HOH D 4 .   ? -4.342  11.846  10.558  1.00 27.62 ? 505 HOH A O   1 
HETATM 1392 O O   . HOH D 4 .   ? 10.739  -17.232 3.848   1.00 27.02 ? 506 HOH A O   1 
HETATM 1393 O O   . HOH D 4 .   ? -26.051 1.053   7.840   1.00 39.43 ? 507 HOH A O   1 
HETATM 1394 O O   . HOH D 4 .   ? -15.321 -13.258 -2.499  1.00 39.72 ? 508 HOH A O   1 
HETATM 1395 O O   . HOH D 4 .   ? -2.580  17.303  5.085   1.00 30.68 ? 509 HOH A O   1 
HETATM 1396 O O   . HOH D 4 .   ? 6.722   -1.958  -19.080 0.80 27.80 ? 510 HOH A O   1 
HETATM 1397 O O   . HOH D 4 .   ? 10.448  12.402  8.778   1.00 29.99 ? 511 HOH A O   1 
HETATM 1398 O O   . HOH D 4 .   ? -18.208 -5.698  8.349   1.00 33.00 ? 512 HOH A O   1 
HETATM 1399 O O   . HOH D 4 .   ? 4.934   -8.365  -12.541 1.00 38.09 ? 513 HOH A O   1 
HETATM 1400 O O   . HOH D 4 .   ? 0.349   -7.228  -7.199  0.80 25.45 ? 514 HOH A O   1 
HETATM 1401 O O   . HOH D 4 .   ? -5.650  -14.549 -7.972  0.70 24.60 ? 515 HOH A O   1 
HETATM 1402 O O   . HOH D 4 .   ? -13.866 -14.443 -5.098  0.50 22.67 ? 516 HOH A O   1 
HETATM 1403 O O   . HOH D 4 .   ? -10.341 -17.096 -3.733  0.50 25.99 ? 517 HOH A O   1 
HETATM 1404 O O   . HOH D 4 .   ? -8.257  -19.653 -1.288  0.50 20.28 ? 518 HOH A O   1 
HETATM 1405 O O   . HOH D 4 .   ? -5.762  -17.684 1.715   0.70 25.39 ? 519 HOH A O   1 
HETATM 1406 O O   . HOH D 4 .   ? -7.202  -18.754 3.763   0.60 21.86 ? 520 HOH A O   1 
HETATM 1407 O O   . HOH D 4 .   ? -6.976  -8.858  15.888  0.80 24.75 ? 521 HOH A O   1 
HETATM 1408 O O   . HOH D 4 .   ? -4.923  -11.275 12.899  0.50 15.22 ? 522 HOH A O   1 
HETATM 1409 O O   . HOH D 4 .   ? 0.067   -9.819  9.128   0.30 6.31  ? 523 HOH A O   1 
HETATM 1410 O O   . HOH D 4 .   ? 17.925  -0.778  -12.674 0.60 22.98 ? 524 HOH A O   1 
HETATM 1411 O O   . HOH D 4 .   ? -3.557  8.833   16.070  0.40 25.11 ? 525 HOH A O   1 
HETATM 1412 O O   . HOH D 4 .   ? -10.296 13.376  2.498   0.50 21.13 ? 526 HOH A O   1 
HETATM 1413 O O   . HOH D 4 .   ? -8.262  -22.768 -1.669  0.30 18.75 ? 527 HOH A O   1 
HETATM 1414 O O   . HOH D 4 .   ? -3.131  14.705  -5.694  0.50 16.76 ? 528 HOH A O   1 
HETATM 1415 O O   . HOH D 4 .   ? 3.760   17.000  -7.449  0.30 14.97 ? 529 HOH A O   1 
HETATM 1416 O O   . HOH D 4 .   ? 7.157   16.393  -3.101  0.50 16.65 ? 530 HOH A O   1 
HETATM 1417 O O   . HOH D 4 .   ? 10.786  14.792  -2.294  0.50 19.50 ? 531 HOH A O   1 
HETATM 1418 O O   . HOH D 4 .   ? 19.327  -0.131  10.681  0.60 21.82 ? 532 HOH A O   1 
HETATM 1419 O O   . HOH D 4 .   ? 8.095   -20.680 -2.948  0.80 44.84 ? 533 HOH A O   1 
HETATM 1420 O O   . HOH D 4 .   ? 11.175  14.017  1.973   0.97 15.15 ? 534 HOH A O   1 
HETATM 1421 O O   . HOH D 4 .   ? 9.698   -16.789 -7.597  0.80 35.93 ? 535 HOH A O   1 
HETATM 1422 O O   . HOH D 4 .   ? 9.844   -18.883 -3.975  0.50 18.26 ? 536 HOH A O   1 
HETATM 1423 O O   . HOH D 4 .   ? 10.646  -18.759 -5.983  0.50 22.87 ? 537 HOH A O   1 
HETATM 1424 O O   . HOH D 4 .   ? 10.805  -14.530 -8.652  0.50 21.92 ? 538 HOH A O   1 
HETATM 1425 O O   . HOH D 4 .   ? 9.536   -13.311 -10.356 0.50 18.25 ? 539 HOH A O   1 
HETATM 1426 O O   . HOH D 4 .   ? 4.689   -12.189 11.478  0.60 24.44 ? 540 HOH A O   1 
HETATM 1427 O O   . HOH D 4 .   ? 0.065   -9.399  11.323  0.40 17.89 ? 541 HOH A O   1 
HETATM 1428 O O   . HOH D 4 .   ? 10.951  -19.545 5.239   0.40 18.73 ? 542 HOH A O   1 
HETATM 1429 O O   . HOH D 4 .   ? 6.992   -15.116 13.890  0.30 16.47 ? 543 HOH A O   1 
HETATM 1430 O O   . HOH D 4 .   ? -0.175  -5.729  -16.326 0.30 8.35  ? 544 HOH A O   1 
HETATM 1431 O O   . HOH D 4 .   ? 19.774  6.533   2.297   1.00 27.61 ? 545 HOH A O   1 
HETATM 1432 O O   . HOH D 4 .   ? -2.361  -12.371 11.522  0.30 13.14 ? 546 HOH A O   1 
HETATM 1433 O O   . HOH D 4 .   ? 1.466   -8.600  13.549  0.50 13.89 ? 547 HOH A O   1 
HETATM 1434 O O   . HOH D 4 .   ? -11.810 13.367  0.657   0.30 12.83 ? 548 HOH A O   1 
HETATM 1435 O O   . HOH D 4 .   ? -11.369 13.205  -6.188  0.30 17.08 ? 549 HOH A O   1 
HETATM 1436 O O   . HOH D 4 .   ? -1.868  15.258  8.831   0.50 18.62 ? 550 HOH A O   1 
HETATM 1437 O O   . HOH D 4 .   ? 11.702  -11.813 -11.054 0.50 14.19 ? 551 HOH A O   1 
HETATM 1438 O O   . HOH D 4 .   ? 14.587  12.342  0.934   0.30 13.11 ? 552 HOH A O   1 
HETATM 1439 O O   . HOH D 4 .   ? 11.577  14.447  6.842   0.30 13.37 ? 553 HOH A O   1 
HETATM 1440 O O   . HOH D 4 .   ? 10.586  10.068  12.782  0.70 33.64 ? 554 HOH A O   1 
HETATM 1441 O O   . HOH D 4 .   ? 18.013  -8.546  -6.797  0.50 18.51 ? 555 HOH A O   1 
HETATM 1442 O O   . HOH D 4 .   ? -23.899 -5.508  2.518   0.50 19.28 ? 556 HOH A O   1 
HETATM 1443 O O   . HOH D 4 .   ? -25.385 -1.453  7.075   0.50 20.60 ? 557 HOH A O   1 
HETATM 1444 O O   . HOH D 4 .   ? -14.074 0.361   -8.828  0.30 8.38  ? 558 HOH A O   1 
HETATM 1445 O O   . HOH D 4 .   ? 17.447  -0.323  -9.398  0.30 7.77  ? 559 HOH A O   1 
HETATM 1446 O O   . HOH D 4 .   ? 11.055  -2.637  -19.556 0.40 13.08 ? 560 HOH A O   1 
HETATM 1447 O O   . HOH D 4 .   ? 16.505  -2.759  -10.814 0.89 19.06 ? 561 HOH A O   1 
HETATM 1448 O O   . HOH D 4 .   ? -22.476 5.013   10.790  0.30 11.73 ? 562 HOH A O   1 
HETATM 1449 O O   . HOH D 4 .   ? 6.643   0.333   -17.765 0.40 21.79 ? 563 HOH A O   1 
HETATM 1450 O O   . HOH D 4 .   ? 18.882  2.968   -4.810  0.91 11.47 ? 564 HOH A O   1 
HETATM 1451 O O   . HOH D 4 .   ? 13.094  -13.825 2.416   0.98 10.81 ? 565 HOH A O   1 
HETATM 1452 O O   . HOH D 4 .   ? 14.728  -12.315 -8.485  0.91 31.12 ? 566 HOH A O   1 
HETATM 1453 O O   . HOH D 4 .   ? -2.405  11.890  3.251   1.00 8.39  ? 567 HOH A O   1 
HETATM 1454 O O   . HOH D 4 .   ? -2.928  12.531  6.027   0.96 11.40 ? 568 HOH A O   1 
HETATM 1455 O O   . HOH D 4 .   ? 1.452   -3.555  -16.465 0.96 22.77 ? 569 HOH A O   1 
HETATM 1456 O O   . HOH D 4 .   ? 1.043   17.038  6.700   0.91 18.32 ? 570 HOH A O   1 
HETATM 1457 O O   . HOH D 4 .   ? -3.204  15.172  6.552   0.85 22.68 ? 571 HOH A O   1 
HETATM 1458 O O   . HOH D 4 .   ? 14.928  -2.546  -16.824 0.93 22.26 ? 572 HOH A O   1 
HETATM 1459 O O   . HOH D 4 .   ? -2.045  16.705  2.215   1.00 21.59 ? 573 HOH A O   1 
HETATM 1460 O O   . HOH D 4 .   ? -0.379  18.871  5.249   0.88 24.32 ? 574 HOH A O   1 
HETATM 1461 O O   . HOH D 4 .   ? 9.123   15.421  7.775   0.87 20.95 ? 575 HOH A O   1 
HETATM 1462 O O   . HOH D 4 .   ? 8.490   17.298  3.969   0.95 17.93 ? 576 HOH A O   1 
HETATM 1463 O O   . HOH D 4 .   ? -3.108  -13.586 7.399   1.00 21.24 ? 577 HOH A O   1 
HETATM 1464 O O   . HOH D 4 .   ? 2.937   14.246  1.050   1.00 9.58  ? 578 HOH A O   1 
HETATM 1465 O O   . HOH D 4 .   ? -22.282 -4.902  0.326   1.00 28.00 ? 579 HOH A O   1 
HETATM 1466 O O   . HOH D 4 .   ? -3.991  14.137  -2.298  1.00 17.42 ? 580 HOH A O   1 
HETATM 1467 O O   . HOH D 4 .   ? -2.918  14.184  1.737   0.88 12.48 ? 581 HOH A O   1 
HETATM 1468 O O   . HOH D 4 .   ? 11.268  -7.805  -14.583 1.00 22.50 ? 582 HOH A O   1 
HETATM 1469 O O   . HOH D 4 .   ? -5.142  13.692  0.269   1.00 20.02 ? 583 HOH A O   1 
HETATM 1470 O O   . HOH D 4 .   ? -5.175  11.878  7.578   0.87 14.22 ? 584 HOH A O   1 
HETATM 1471 O O   . HOH D 4 .   ? -9.865  14.370  8.899   1.00 32.23 ? 585 HOH A O   1 
HETATM 1472 O O   . HOH D 4 .   ? -12.705 10.349  0.211   0.84 19.13 ? 586 HOH A O   1 
HETATM 1473 O O   . HOH D 4 .   ? 11.332  -8.453  6.963   1.00 16.09 ? 587 HOH A O   1 
HETATM 1474 O O   . HOH D 4 .   ? -5.489  4.578   -1.690  0.87 13.93 ? 588 HOH A O   1 
HETATM 1475 O O   . HOH D 4 .   ? -6.260  1.709   16.991  1.00 25.67 ? 589 HOH A O   1 
HETATM 1476 O O   . HOH D 4 .   ? -8.438  6.025   -4.788  1.00 13.69 ? 590 HOH A O   1 
HETATM 1477 O O   . HOH D 4 .   ? -11.888 3.202   -6.221  0.94 21.21 ? 591 HOH A O   1 
HETATM 1478 O O   . HOH D 4 .   ? -6.537  3.725   -5.329  1.00 9.06  ? 592 HOH A O   1 
HETATM 1479 O O   . HOH D 4 .   ? -12.524 -9.270  12.183  0.98 8.80  ? 593 HOH A O   1 
HETATM 1480 O O   . HOH D 4 .   ? -13.297 0.434   -3.003  0.98 8.72  ? 594 HOH A O   1 
HETATM 1481 O O   . HOH D 4 .   ? -13.093 -1.490  -7.077  0.98 10.16 ? 595 HOH A O   1 
HETATM 1482 O O   . HOH D 4 .   ? -4.581  -0.893  -10.876 1.00 16.91 ? 596 HOH A O   1 
HETATM 1483 O O   . HOH D 4 .   ? -10.309 -2.944  -9.851  0.97 19.39 ? 597 HOH A O   1 
HETATM 1484 O O   . HOH D 4 .   ? -11.139 -13.382 1.225   0.80 24.29 ? 598 HOH A O   1 
HETATM 1485 O O   . HOH D 4 .   ? -18.130 -9.252  -5.427  0.90 21.32 ? 599 HOH A O   1 
HETATM 1486 O O   . HOH D 4 .   ? 12.382  -15.879 0.507   1.00 17.31 ? 600 HOH A O   1 
HETATM 1487 O O   . HOH D 4 .   ? 9.823   -16.720 0.309   0.80 15.72 ? 601 HOH A O   1 
HETATM 1488 O O   . HOH D 4 .   ? -11.792 -15.716 -5.279  0.40 22.31 ? 602 HOH A O   1 
HETATM 1489 O O   . HOH D 4 .   ? -9.752  -15.655 0.770   0.87 21.59 ? 603 HOH A O   1 
HETATM 1490 O O   . HOH D 4 .   ? -12.816 10.393  3.130   1.00 22.37 ? 604 HOH A O   1 
HETATM 1491 O O   . HOH D 4 .   ? 6.760   10.560  14.021  1.00 23.78 ? 605 HOH A O   1 
HETATM 1492 O O   . HOH D 4 .   ? -6.332  12.974  -3.570  0.91 22.92 ? 606 HOH A O   1 
HETATM 1493 O O   . HOH D 4 .   ? -2.867  11.160  -12.446 0.97 34.09 ? 607 HOH A O   1 
HETATM 1494 O O   . HOH D 4 .   ? -0.065  16.198  -10.096 1.00 29.17 ? 608 HOH A O   1 
HETATM 1495 O O   . HOH D 4 .   ? 3.666   4.106   -15.524 1.00 14.82 ? 609 HOH A O   1 
HETATM 1496 O O   . HOH D 4 .   ? -5.486  10.849  -15.785 0.40 19.91 ? 610 HOH A O   1 
HETATM 1497 O O   . HOH D 4 .   ? -7.336  11.659  -15.323 0.30 13.29 ? 611 HOH A O   1 
HETATM 1498 O O   . HOH D 4 .   ? -12.088 2.225   -9.064  0.91 14.95 ? 612 HOH A O   1 
HETATM 1499 O O   . HOH D 4 .   ? -8.831  -1.199  -11.107 0.86 15.81 ? 613 HOH A O   1 
HETATM 1500 O O   . HOH D 4 .   ? -10.575 0.811   -10.964 0.85 17.05 ? 614 HOH A O   1 
HETATM 1501 O O   . HOH D 4 .   ? -8.300  1.619   -14.372 0.98 8.61  ? 615 HOH A O   1 
HETATM 1502 O O   . HOH D 4 .   ? -7.794  7.176   -16.390 1.00 31.21 ? 616 HOH A O   1 
HETATM 1503 O O   . HOH D 4 .   ? 1.193   5.093   -8.710  1.00 8.48  ? 617 HOH A O   1 
HETATM 1504 O O   . HOH D 4 .   ? 13.468  0.069   13.513  0.92 14.51 ? 618 HOH A O   1 
HETATM 1505 O O   . HOH D 4 .   ? 4.229   14.252  -10.486 0.95 11.66 ? 619 HOH A O   1 
HETATM 1506 O O   . HOH D 4 .   ? 1.945   8.797   -15.145 0.60 25.50 ? 620 HOH A O   1 
HETATM 1507 O O   . HOH D 4 .   ? 14.138  4.084   -5.694  1.00 7.26  ? 621 HOH A O   1 
HETATM 1508 O O   . HOH D 4 .   ? 14.203  -2.693  -12.169 1.00 10.91 ? 622 HOH A O   1 
HETATM 1509 O O   . HOH D 4 .   ? 16.587  -2.392  -8.182  0.93 30.67 ? 623 HOH A O   1 
HETATM 1510 O O   . HOH D 4 .   ? 18.046  1.700   -8.005  0.99 17.14 ? 624 HOH A O   1 
HETATM 1511 O O   . HOH D 4 .   ? 8.431   -0.558  -10.966 1.00 5.17  ? 625 HOH A O   1 
HETATM 1512 O O   . HOH D 4 .   ? 18.560  3.479   -2.113  1.00 10.81 ? 626 HOH A O   1 
HETATM 1513 O O   . HOH D 4 .   ? 19.680  0.551   -5.674  0.89 17.45 ? 627 HOH A O   1 
HETATM 1514 O O   . HOH D 4 .   ? 19.574  -0.535  -2.951  0.96 18.49 ? 628 HOH A O   1 
HETATM 1515 O O   . HOH D 4 .   ? 13.312  -4.604  -0.937  1.00 6.11  ? 629 HOH A O   1 
HETATM 1516 O O   . HOH D 4 .   ? 17.907  -5.959  -5.962  1.00 15.55 ? 630 HOH A O   1 
HETATM 1517 O O   . HOH D 4 .   ? 18.991  -7.689  -3.391  0.96 28.14 ? 631 HOH A O   1 
HETATM 1518 O O   . HOH D 4 .   ? 19.742  -4.126  -0.558  1.00 15.51 ? 632 HOH A O   1 
HETATM 1519 O O   . HOH D 4 .   ? 17.670  -10.855 -0.519  1.00 15.05 ? 633 HOH A O   1 
HETATM 1520 O O   . HOH D 4 .   ? 11.794  -6.059  -2.744  1.00 6.29  ? 634 HOH A O   1 
HETATM 1521 O O   . HOH D 4 .   ? 9.499   -9.192  3.271   1.00 9.43  ? 635 HOH A O   1 
HETATM 1522 O O   . HOH D 4 .   ? 14.191  -12.943 -5.690  0.93 11.70 ? 636 HOH A O   1 
HETATM 1523 O O   . HOH D 4 .   ? 17.899  -10.613 -3.146  1.00 20.04 ? 637 HOH A O   1 
HETATM 1524 O O   . HOH D 4 .   ? 12.594  -11.127 2.745   0.98 7.48  ? 638 HOH A O   1 
HETATM 1525 O O   . HOH D 4 .   ? 8.106   -17.422 2.560   1.00 22.31 ? 639 HOH A O   1 
HETATM 1526 O O   . HOH D 4 .   ? 4.178   -17.868 3.820   1.00 19.05 ? 640 HOH A O   1 
HETATM 1527 O O   . HOH D 4 .   ? 9.410   -6.360  6.432   1.00 10.30 ? 641 HOH A O   1 
HETATM 1528 O O   . HOH D 4 .   ? 3.364   2.553   -7.478  1.00 9.03  ? 642 HOH A O   1 
HETATM 1529 O O   . HOH D 4 .   ? 3.246   -4.713  -13.081 1.00 27.84 ? 643 HOH A O   1 
HETATM 1530 O O   . HOH D 4 .   ? 5.993   -5.792  -12.437 1.00 17.14 ? 644 HOH A O   1 
HETATM 1531 O O   . HOH D 4 .   ? 4.006   -4.853  -15.892 1.00 28.92 ? 645 HOH A O   1 
HETATM 1532 O O   . HOH D 4 .   ? 16.476  1.040   -11.263 1.00 13.97 ? 646 HOH A O   1 
HETATM 1533 O O   . HOH D 4 .   ? 15.840  -1.680  -14.188 0.89 16.81 ? 647 HOH A O   1 
HETATM 1534 O O   . HOH D 4 .   ? 8.154   -2.068  -7.740  0.98 7.67  ? 648 HOH A O   1 
HETATM 1535 O O   . HOH D 4 .   ? -4.240  -14.064 4.855   0.90 15.95 ? 649 HOH A O   1 
HETATM 1536 O O   . HOH D 4 .   ? 3.722   -12.088 0.015   1.00 9.00  ? 650 HOH A O   1 
HETATM 1537 O O   . HOH D 4 .   ? 3.718   -17.832 -3.714  0.90 13.57 ? 651 HOH A O   1 
HETATM 1538 O O   . HOH D 4 .   ? -21.732 -2.537  -0.763  1.00 10.98 ? 652 HOH A O   1 
HETATM 1539 O O   . HOH D 4 .   ? -21.871 -4.588  -3.660  0.78 15.77 ? 653 HOH A O   1 
HETATM 1540 O O   . HOH D 4 .   ? 0.473   -10.824 -10.599 1.00 18.65 ? 654 HOH A O   1 
HETATM 1541 O O   . HOH D 4 .   ? 8.856   -15.162 -1.645  0.99 11.20 ? 655 HOH A O   1 
HETATM 1542 O O   . HOH D 4 .   ? 12.023  -6.304  -12.431 0.94 8.55  ? 656 HOH A O   1 
HETATM 1543 O O   . HOH D 4 .   ? 14.933  -8.626  -10.823 1.00 14.10 ? 657 HOH A O   1 
HETATM 1544 O O   . HOH D 4 .   ? 10.307  -4.283  -11.721 0.99 9.10  ? 658 HOH A O   1 
HETATM 1545 O O   . HOH D 4 .   ? 2.732   -7.530  -11.562 1.00 25.42 ? 659 HOH A O   1 
HETATM 1546 O O   . HOH D 4 .   ? 10.984  -8.392  -4.709  1.00 6.80  ? 660 HOH A O   1 
HETATM 1547 O O   . HOH D 4 .   ? 12.661  14.902  -7.034  0.88 16.38 ? 661 HOH A O   1 
HETATM 1548 O O   . HOH D 4 .   ? 0.449   -5.780  16.965  0.99 10.35 ? 662 HOH A O   1 
HETATM 1549 O O   . HOH D 4 .   ? -2.163  -0.788  19.495  1.00 7.68  ? 663 HOH A O   1 
HETATM 1550 O O   . HOH D 4 .   ? 0.526   -3.240  17.998  1.00 7.97  ? 664 HOH A O   1 
HETATM 1551 O O   . HOH D 4 .   ? -5.553  -2.301  14.476  1.00 9.21  ? 665 HOH A O   1 
HETATM 1552 O O   . HOH D 4 .   ? -5.804  -2.040  17.954  0.94 21.94 ? 666 HOH A O   1 
HETATM 1553 O O   . HOH D 4 .   ? -3.652  1.140   16.922  0.98 11.03 ? 667 HOH A O   1 
HETATM 1554 O O   . HOH D 4 .   ? -11.097 -9.871  9.844   0.98 10.44 ? 668 HOH A O   1 
HETATM 1555 O O   . HOH D 4 .   ? -12.157 -6.612  12.661  0.90 8.20  ? 669 HOH A O   1 
HETATM 1556 O O   . HOH D 4 .   ? -12.530 -10.813 7.708   1.00 13.50 ? 670 HOH A O   1 
HETATM 1557 O O   . HOH D 4 .   ? -10.565 -12.293 3.896   1.00 9.80  ? 671 HOH A O   1 
HETATM 1558 O O   . HOH D 4 .   ? -14.354 8.943   9.542   0.93 17.68 ? 672 HOH A O   1 
HETATM 1559 O O   . HOH D 4 .   ? -8.014  -10.014 -11.902 0.99 26.87 ? 673 HOH A O   1 
HETATM 1560 O O   . HOH D 4 .   ? -14.899 -10.697 -10.401 1.00 21.70 ? 674 HOH A O   1 
HETATM 1561 O O   . HOH D 4 .   ? -17.097 -7.157  -6.783  1.00 18.39 ? 675 HOH A O   1 
HETATM 1562 O O   . HOH D 4 .   ? -16.680 -0.223  -4.718  0.93 16.93 ? 676 HOH A O   1 
HETATM 1563 O O   . HOH D 4 .   ? -19.102 -1.022  -3.777  0.89 20.34 ? 677 HOH A O   1 
HETATM 1564 O O   . HOH D 4 .   ? -16.883 -9.173  -2.490  0.95 17.23 ? 678 HOH A O   1 
HETATM 1565 O O   . HOH D 4 .   ? -17.921 -3.831  6.411   0.89 16.98 ? 679 HOH A O   1 
HETATM 1566 O O   . HOH D 4 .   ? -21.732 -2.156  4.193   0.94 14.12 ? 680 HOH A O   1 
HETATM 1567 O O   . HOH D 4 .   ? -10.854 11.568  4.537   0.90 16.19 ? 681 HOH A O   1 
HETATM 1568 O O   . HOH D 4 .   ? 0.356   10.523  14.478  0.86 23.20 ? 682 HOH A O   1 
HETATM 1569 O O   . HOH D 4 .   ? 4.203   11.159  14.570  0.93 14.76 ? 683 HOH A O   1 
HETATM 1570 O O   . HOH D 4 .   ? 5.886   12.959  10.690  0.94 7.71  ? 684 HOH A O   1 
HETATM 1571 O O   . HOH D 4 .   ? 1.190   12.053  10.744  0.99 7.50  ? 685 HOH A O   1 
HETATM 1572 O O   . HOH D 4 .   ? 4.673   10.580  17.213  0.97 19.14 ? 686 HOH A O   1 
HETATM 1573 O O   . HOH D 4 .   ? 11.222  6.818   12.240  0.96 11.71 ? 687 HOH A O   1 
HETATM 1574 O O   . HOH D 4 .   ? 15.964  5.245   8.433   0.88 13.95 ? 688 HOH A O   1 
HETATM 1575 O O   . HOH D 4 .   ? 18.712  2.010   9.083   0.86 18.04 ? 689 HOH A O   1 
HETATM 1576 O O   . HOH D 4 .   ? -8.643  3.857   13.799  1.00 22.99 ? 690 HOH A O   1 
HETATM 1577 O O   . HOH D 4 .   ? -16.928 6.748   12.260  0.90 17.80 ? 691 HOH A O   1 
HETATM 1578 O O   . HOH D 4 .   ? 13.192  -15.029 -4.012  0.90 20.48 ? 692 HOH A O   1 
HETATM 1579 O O   . HOH D 4 .   ? 8.830   -7.073  -15.532 1.00 28.45 ? 693 HOH A O   1 
HETATM 1580 O O   . HOH D 4 .   ? 1.401   -12.910 8.530   0.40 15.08 ? 694 HOH A O   1 
HETATM 1581 O O   . HOH D 4 .   ? -15.268 -13.170 -7.456  1.00 21.12 ? 695 HOH A O   1 
HETATM 1582 O O   . HOH D 4 .   ? -9.025  -4.914  -10.975 0.97 20.71 ? 696 HOH A O   1 
HETATM 1583 O O   . HOH D 4 .   ? 9.851   3.698   14.966  0.94 8.22  ? 697 HOH A O   1 
HETATM 1584 O O   . HOH D 4 .   ? 16.388  9.095   7.284   0.50 14.90 ? 698 HOH A O   1 
HETATM 1585 O O   . HOH D 4 .   ? -12.117 10.658  9.197   0.96 22.73 ? 699 HOH A O   1 
HETATM 1586 O O   . HOH D 4 .   ? -20.293 7.513   6.508   0.84 18.84 ? 700 HOH A O   1 
HETATM 1587 O O   . HOH D 4 .   ? -8.043  -13.264 -10.048 1.00 33.95 ? 701 HOH A O   1 
HETATM 1588 O O   . HOH D 4 .   ? -7.665  -15.258 -6.309  1.00 30.28 ? 702 HOH A O   1 
HETATM 1589 O O   . HOH D 4 .   ? -10.207 -7.841  15.400  1.00 27.68 ? 703 HOH A O   1 
HETATM 1590 O O   . HOH D 4 .   ? -0.605  -17.649 3.618   1.00 36.26 ? 704 HOH A O   1 
HETATM 1591 O O   . HOH D 4 .   ? 0.646   -18.174 1.250   1.00 29.32 ? 705 HOH A O   1 
HETATM 1592 O O   . HOH D 4 .   ? 7.864   -7.551  4.503   0.98 8.67  ? 706 HOH A O   1 
HETATM 1593 O O   . HOH D 4 .   ? 5.325   14.522  -7.779  1.00 13.21 ? 707 HOH A O   1 
HETATM 1594 O O   . HOH D 4 .   ? -6.377  -4.844  14.891  1.00 15.39 ? 708 HOH A O   1 
HETATM 1595 O O   . HOH D 4 .   ? -16.522 4.095   2.529   1.00 12.98 ? 709 HOH A O   1 
HETATM 1596 O O   . HOH D 4 .   ? 18.751  3.205   5.060   1.00 14.10 ? 710 HOH A O   1 
HETATM 1597 O O   . HOH D 4 .   ? 14.481  9.928   -0.264  0.98 15.44 ? 711 HOH A O   1 
HETATM 1598 O O   . HOH D 4 .   ? 10.948  -6.939  11.074  1.00 10.44 ? 712 HOH A O   1 
HETATM 1599 O O   . HOH D 4 .   ? 8.396   -5.339  -13.536 0.91 13.16 ? 713 HOH A O   1 
HETATM 1600 O O   . HOH D 4 .   ? -1.752  -7.370  16.793  0.99 19.85 ? 714 HOH A O   1 
HETATM 1601 O O   . HOH D 4 .   ? 16.024  2.751   9.436   1.00 14.17 ? 715 HOH A O   1 
HETATM 1602 O O   . HOH D 4 .   ? -5.843  -15.005 1.993   0.96 12.46 ? 716 HOH A O   1 
HETATM 1603 O O   . HOH D 4 .   ? 9.288   -0.140  -17.598 0.94 18.95 ? 717 HOH A O   1 
HETATM 1604 O O   . HOH D 4 .   ? -6.547  -11.707 10.751  0.99 22.02 ? 718 HOH A O   1 
HETATM 1605 O O   . HOH D 4 .   ? 10.568  9.764   10.064  0.87 20.85 ? 719 HOH A O   1 
HETATM 1606 O O   . HOH D 4 .   ? -1.020  12.786  9.306   0.98 17.24 ? 720 HOH A O   1 
HETATM 1607 O O   . HOH D 4 .   ? 5.155   16.295  8.771   1.00 19.73 ? 721 HOH A O   1 
# 
